data_4JF7
#
_entry.id   4JF7
#
_cell.length_a   194.390
_cell.length_b   194.390
_cell.length_c   185.979
_cell.angle_alpha   90.00
_cell.angle_beta   90.00
_cell.angle_gamma   90.00
#
_symmetry.space_group_name_H-M   'I 4'
#
loop_
_entity.id
_entity.type
_entity.pdbx_description
1 polymer Hemagglutinin-neuraminidase
2 branched alpha-D-mannopyranose-(1-4)-2-acetamido-2-deoxy-beta-D-glucopyranose-(1-4)-2-acetamido-2-deoxy-beta-D-glucopyranose
3 branched 2-acetamido-2-deoxy-beta-D-glucopyranose-(1-4)-2-acetamido-2-deoxy-beta-D-glucopyranose
4 non-polymer 'CALCIUM ION'
5 non-polymer 'SULFATE ION'
6 non-polymer 2-acetamido-2-deoxy-beta-D-glucopyranose
7 water water
#
_entity_poly.entity_id   1
_entity_poly.type   'polypeptide(L)'
_entity_poly.pdbx_seq_one_letter_code
;SPSSGLGSITDLLNNILSVANQIIYNSAVALPLQLDTLESTLLTAIKSLQTSDKLEQNCSWSAALINDNRYINGINQFYF
SIAEGRNLTLGPLLNMPSFIPTATTPEGCTRIPSFSLTKTHWCYTHNVILNGCQDHVSSNQFVSMGIIEPTSAGFPFFRT
LKTLYLSDGVNRKSCSISTVPGGCMMYCFVSTQPERDDYFSAAPPEQRIIIMYYNDTIVERIINPPGVLDVWATLNPGTG
SGVYYLGWVLFPIYGGVIKGTSLWNNQANKYFIPQMVAALCSQNQATQVQNAKSSYYSSWFGNRMIQSGILACPLRQDLT
NECLVLPFSNDQVLMGAEGRLYMYGDSVYYYQRSNSWWPMTMLYKVTITFTNGQPSAISAQNVPTQQVPRPGTGDCSATN
RCPGFCLTGVYADAWLLTNPSSTSTFGSEATFTGSYLNTATQRINPTMYIANNTQIISSQQFGSSGQEAAYGHTTCFRDT
GSVMVYCIYIIELSSSLLGQFQIVPFIRQVTLS
;
_entity_poly.pdbx_strand_id   D,A,B,C
#
# COMPACT_ATOMS: atom_id res chain seq x y z
N THR A 10 14.33 52.80 -49.66
CA THR A 10 14.55 52.13 -50.94
C THR A 10 15.01 50.71 -50.69
N ASP A 11 15.92 50.54 -49.74
CA ASP A 11 16.49 49.22 -49.45
C ASP A 11 16.18 48.76 -48.02
N LEU A 12 15.15 49.34 -47.43
CA LEU A 12 14.62 48.84 -46.16
C LEU A 12 13.21 48.33 -46.41
N LEU A 13 12.64 48.72 -47.54
CA LEU A 13 11.30 48.28 -47.94
C LEU A 13 11.29 46.81 -48.38
N ASN A 14 12.38 46.35 -48.98
CA ASN A 14 12.51 44.96 -49.39
C ASN A 14 12.54 44.00 -48.21
N ASN A 15 13.27 44.37 -47.16
CA ASN A 15 13.33 43.56 -45.95
C ASN A 15 12.38 44.03 -44.83
N ILE A 16 11.35 44.81 -45.20
CA ILE A 16 10.26 45.14 -44.28
C ILE A 16 9.02 44.34 -44.68
N LEU A 17 8.97 43.93 -45.94
CA LEU A 17 7.90 43.10 -46.46
C LEU A 17 8.37 41.64 -46.49
N SER A 18 9.69 41.46 -46.51
CA SER A 18 10.29 40.14 -46.40
C SER A 18 10.09 39.62 -44.98
N VAL A 19 10.12 40.55 -44.03
CA VAL A 19 9.88 40.26 -42.64
C VAL A 19 8.37 40.10 -42.36
N ALA A 20 7.56 40.94 -43.00
CA ALA A 20 6.11 40.94 -42.82
C ALA A 20 5.42 39.75 -43.48
N ASN A 21 6.19 38.97 -44.23
CA ASN A 21 5.70 37.72 -44.78
C ASN A 21 6.01 36.55 -43.86
N GLN A 22 7.00 36.74 -43.00
CA GLN A 22 7.32 35.76 -41.96
C GLN A 22 6.32 35.85 -40.83
N ILE A 23 5.82 37.05 -40.58
CA ILE A 23 4.83 37.27 -39.53
C ILE A 23 3.47 36.71 -39.95
N ILE A 24 3.18 36.80 -41.24
CA ILE A 24 2.04 36.12 -41.81
C ILE A 24 2.20 34.61 -41.61
N TYR A 25 3.38 34.09 -41.93
CA TYR A 25 3.66 32.67 -41.81
C TYR A 25 3.55 32.16 -40.37
N ASN A 26 4.15 32.88 -39.43
CA ASN A 26 4.14 32.49 -38.03
C ASN A 26 2.72 32.45 -37.45
N SER A 27 1.90 33.42 -37.82
CA SER A 27 0.55 33.52 -37.27
C SER A 27 -0.45 32.61 -37.97
N ALA A 28 -0.14 32.19 -39.19
CA ALA A 28 -1.09 31.45 -40.01
C ALA A 28 -0.69 30.01 -40.26
N VAL A 29 0.58 29.69 -40.04
CA VAL A 29 1.07 28.33 -40.25
C VAL A 29 1.76 27.76 -39.01
N ALA A 30 2.90 28.37 -38.65
CA ALA A 30 3.75 27.86 -37.57
C ALA A 30 3.05 27.73 -36.22
N LEU A 31 2.32 28.76 -35.82
CA LEU A 31 1.60 28.72 -34.55
C LEU A 31 0.34 27.83 -34.55
N PRO A 32 -0.53 27.94 -35.59
CA PRO A 32 -1.68 27.03 -35.59
C PRO A 32 -1.29 25.56 -35.71
N LEU A 33 -0.17 25.26 -36.37
CA LEU A 33 0.32 23.88 -36.44
C LEU A 33 0.85 23.46 -35.08
N GLN A 34 1.42 24.42 -34.36
CA GLN A 34 1.90 24.16 -33.02
C GLN A 34 0.73 23.86 -32.08
N LEU A 35 -0.35 24.61 -32.24
CA LEU A 35 -1.56 24.41 -31.45
C LEU A 35 -2.23 23.07 -31.76
N ASP A 36 -2.28 22.74 -33.05
CA ASP A 36 -2.80 21.44 -33.51
C ASP A 36 -2.05 20.29 -32.87
N THR A 37 -0.75 20.49 -32.69
CA THR A 37 0.11 19.45 -32.15
C THR A 37 0.03 19.41 -30.63
N LEU A 38 0.00 20.58 -29.99
CA LEU A 38 -0.21 20.64 -28.55
C LEU A 38 -1.53 19.97 -28.15
N GLU A 39 -2.58 20.23 -28.91
CA GLU A 39 -3.86 19.56 -28.71
C GLU A 39 -3.70 18.04 -28.91
N SER A 40 -2.92 17.67 -29.92
CA SER A 40 -2.72 16.27 -30.29
C SER A 40 -2.01 15.43 -29.20
N THR A 41 -0.84 15.87 -28.73
CA THR A 41 -0.10 15.10 -27.73
C THR A 41 -0.79 15.11 -26.36
N LEU A 42 -1.51 16.19 -26.06
CA LEU A 42 -2.23 16.27 -24.79
C LEU A 42 -3.36 15.25 -24.73
N LEU A 43 -4.18 15.18 -25.77
CA LEU A 43 -5.26 14.21 -25.86
C LEU A 43 -4.74 12.77 -25.74
N THR A 44 -3.56 12.53 -26.32
CA THR A 44 -2.93 11.20 -26.23
C THR A 44 -2.58 10.82 -24.79
N ALA A 45 -2.00 11.76 -24.04
CA ALA A 45 -1.60 11.52 -22.65
C ALA A 45 -2.78 11.17 -21.74
N ILE A 46 -3.93 11.78 -21.99
CA ILE A 46 -5.12 11.52 -21.19
C ILE A 46 -5.90 10.33 -21.74
N LYS A 47 -5.54 9.91 -22.94
CA LYS A 47 -6.11 8.70 -23.53
C LYS A 47 -5.50 7.50 -22.81
N SER A 48 -4.31 7.71 -22.24
CA SER A 48 -3.66 6.70 -21.42
C SER A 48 -4.32 6.60 -20.06
N LEU A 49 -5.47 7.26 -19.93
CA LEU A 49 -6.28 7.19 -18.72
C LEU A 49 -7.68 6.67 -19.07
N SER A 62 -1.48 -8.10 -17.99
CA SER A 62 -0.69 -9.26 -17.57
C SER A 62 -0.92 -10.49 -18.46
N ALA A 63 -1.65 -10.30 -19.56
CA ALA A 63 -1.76 -11.33 -20.57
C ALA A 63 -0.51 -11.25 -21.46
N ALA A 64 0.22 -10.14 -21.33
CA ALA A 64 1.46 -9.95 -22.05
C ALA A 64 2.57 -10.62 -21.29
N LEU A 65 2.72 -10.24 -20.02
CA LEU A 65 3.75 -10.81 -19.15
C LEU A 65 3.62 -12.35 -19.11
N ILE A 66 3.62 -12.99 -20.27
CA ILE A 66 3.73 -14.44 -20.27
C ILE A 66 4.81 -14.97 -21.22
N ASN A 67 5.60 -15.92 -20.73
CA ASN A 67 6.57 -16.62 -21.56
C ASN A 67 5.96 -17.18 -22.84
N ASP A 68 6.78 -17.33 -23.86
CA ASP A 68 6.34 -17.89 -25.12
C ASP A 68 5.89 -19.35 -24.95
N ASN A 69 4.92 -19.76 -25.76
CA ASN A 69 4.46 -21.15 -25.84
C ASN A 69 5.60 -22.18 -25.89
N ARG A 70 6.76 -21.75 -26.40
CA ARG A 70 7.91 -22.65 -26.53
C ARG A 70 8.56 -22.98 -25.20
N TYR A 71 8.20 -22.26 -24.13
CA TYR A 71 8.89 -22.45 -22.86
C TYR A 71 7.98 -22.72 -21.68
N ILE A 72 6.71 -22.34 -21.80
CA ILE A 72 5.76 -22.49 -20.69
C ILE A 72 5.65 -23.93 -20.15
N ASN A 73 5.89 -24.93 -21.00
CA ASN A 73 5.83 -26.30 -20.52
C ASN A 73 7.21 -26.95 -20.42
N GLY A 74 8.25 -26.12 -20.44
CA GLY A 74 9.61 -26.61 -20.36
C GLY A 74 10.38 -26.16 -19.13
N ILE A 75 9.66 -25.70 -18.11
CA ILE A 75 10.28 -25.05 -16.98
C ILE A 75 10.17 -25.86 -15.66
N ASN A 76 11.23 -25.83 -14.85
CA ASN A 76 11.25 -26.55 -13.56
C ASN A 76 11.01 -28.05 -13.64
N GLN A 77 11.78 -28.72 -14.48
CA GLN A 77 11.66 -30.17 -14.66
C GLN A 77 13.05 -30.78 -14.70
N PHE A 78 13.14 -32.11 -14.50
CA PHE A 78 14.32 -32.88 -14.89
C PHE A 78 14.23 -33.17 -16.39
N TYR A 79 15.24 -32.76 -17.15
CA TYR A 79 15.12 -32.79 -18.61
C TYR A 79 15.62 -34.09 -19.26
N PHE A 80 16.40 -34.88 -18.54
CA PHE A 80 17.00 -36.03 -19.18
C PHE A 80 16.87 -37.28 -18.36
N SER A 81 16.81 -38.43 -19.04
CA SER A 81 16.81 -39.71 -18.35
C SER A 81 18.22 -39.97 -17.82
N ILE A 82 18.35 -40.93 -16.92
CA ILE A 82 19.64 -41.32 -16.36
C ILE A 82 20.61 -41.67 -17.49
N ALA A 83 20.13 -42.48 -18.43
CA ALA A 83 20.93 -42.96 -19.54
C ALA A 83 21.36 -41.82 -20.43
N GLU A 84 20.47 -40.86 -20.65
CA GLU A 84 20.76 -39.71 -21.49
C GLU A 84 21.81 -38.85 -20.83
N GLY A 85 21.74 -38.76 -19.50
CA GLY A 85 22.64 -37.95 -18.70
C GLY A 85 24.12 -38.18 -18.95
N ARG A 86 24.47 -39.39 -19.36
CA ARG A 86 25.85 -39.77 -19.58
C ARG A 86 26.42 -39.17 -20.84
N ASN A 87 25.53 -38.69 -21.71
CA ASN A 87 25.94 -38.18 -23.02
C ASN A 87 25.68 -36.71 -23.20
N LEU A 88 25.64 -35.98 -22.09
CA LEU A 88 25.41 -34.54 -22.14
C LEU A 88 26.72 -33.81 -22.30
N THR A 89 26.70 -32.73 -23.06
CA THR A 89 27.91 -31.97 -23.30
C THR A 89 27.53 -30.51 -23.45
N LEU A 90 28.46 -29.61 -23.12
CA LEU A 90 28.18 -28.19 -23.23
C LEU A 90 28.31 -27.70 -24.68
N GLY A 91 27.31 -26.97 -25.16
CA GLY A 91 27.42 -26.31 -26.45
C GLY A 91 28.11 -24.98 -26.30
N PRO A 92 28.38 -24.30 -27.43
CA PRO A 92 29.02 -22.99 -27.43
C PRO A 92 28.14 -21.90 -26.83
N LEU A 93 28.77 -20.88 -26.26
CA LEU A 93 28.08 -19.72 -25.73
C LEU A 93 27.30 -19.00 -26.82
N LEU A 94 26.07 -18.60 -26.50
CA LEU A 94 25.18 -17.96 -27.44
C LEU A 94 25.05 -16.49 -27.10
N ASN A 95 24.94 -15.65 -28.11
CA ASN A 95 24.89 -14.23 -27.86
C ASN A 95 23.47 -13.68 -27.76
N MET A 96 23.06 -13.31 -26.55
CA MET A 96 21.81 -12.58 -26.40
C MET A 96 22.06 -11.25 -25.72
N PRO A 97 21.15 -10.27 -25.90
CA PRO A 97 21.18 -9.03 -25.10
C PRO A 97 21.05 -9.31 -23.60
N SER A 98 22.14 -9.10 -22.87
CA SER A 98 22.14 -9.24 -21.43
C SER A 98 21.07 -8.36 -20.79
N PHE A 99 20.28 -8.97 -19.92
CA PHE A 99 19.25 -8.26 -19.17
C PHE A 99 19.82 -7.75 -17.85
N ILE A 100 21.07 -8.10 -17.55
CA ILE A 100 21.68 -7.65 -16.30
C ILE A 100 22.42 -6.31 -16.49
N PRO A 101 21.94 -5.26 -15.81
CA PRO A 101 22.58 -3.95 -15.95
C PRO A 101 24.01 -3.93 -15.41
N THR A 102 24.88 -3.21 -16.10
CA THR A 102 26.26 -3.06 -15.67
C THR A 102 26.44 -1.70 -14.98
N ALA A 103 27.63 -1.47 -14.41
CA ALA A 103 27.97 -0.17 -13.83
C ALA A 103 28.31 0.85 -14.93
N THR A 104 28.30 2.14 -14.58
CA THR A 104 28.69 3.17 -15.53
C THR A 104 29.87 4.02 -15.03
N THR A 105 30.56 3.51 -14.01
CA THR A 105 31.83 4.08 -13.57
C THR A 105 32.81 2.95 -13.34
N PRO A 106 34.12 3.26 -13.30
CA PRO A 106 35.11 2.23 -13.01
C PRO A 106 34.97 1.57 -11.63
N GLU A 107 34.53 2.33 -10.62
CA GLU A 107 34.48 1.81 -9.25
C GLU A 107 33.12 1.27 -8.87
N GLY A 108 32.14 1.45 -9.76
CA GLY A 108 30.80 1.00 -9.49
C GLY A 108 30.79 -0.49 -9.26
N CYS A 109 29.97 -0.93 -8.32
CA CYS A 109 29.95 -2.34 -7.95
C CYS A 109 28.55 -2.94 -8.05
N THR A 110 28.40 -4.02 -8.81
CA THR A 110 27.18 -4.81 -8.79
C THR A 110 27.49 -6.19 -8.23
N ARG A 111 26.76 -6.61 -7.20
CA ARG A 111 27.00 -7.91 -6.58
C ARG A 111 25.73 -8.62 -6.08
N ILE A 112 25.88 -9.91 -5.81
CA ILE A 112 24.85 -10.72 -5.19
C ILE A 112 23.56 -10.80 -6.05
N PRO A 113 23.66 -11.49 -7.20
CA PRO A 113 22.46 -11.70 -8.03
C PRO A 113 21.48 -12.65 -7.36
N SER A 114 20.23 -12.60 -7.79
CA SER A 114 19.27 -13.63 -7.44
C SER A 114 18.34 -13.75 -8.66
N PHE A 115 18.10 -14.96 -9.11
CA PHE A 115 17.33 -15.18 -10.32
C PHE A 115 16.28 -16.27 -10.16
N SER A 116 15.06 -15.98 -10.60
CA SER A 116 13.98 -16.94 -10.44
C SER A 116 13.11 -16.97 -11.70
N LEU A 117 12.90 -18.17 -12.23
CA LEU A 117 12.13 -18.40 -13.44
C LEU A 117 11.01 -19.43 -13.19
N THR A 118 9.77 -19.06 -13.50
CA THR A 118 8.71 -20.07 -13.57
C THR A 118 8.05 -20.06 -14.91
N LYS A 119 6.99 -20.83 -15.03
CA LYS A 119 6.21 -21.01 -16.24
C LYS A 119 5.91 -19.70 -16.96
N THR A 120 5.40 -18.71 -16.24
CA THR A 120 4.93 -17.49 -16.88
C THR A 120 5.99 -16.40 -17.08
N HIS A 121 6.98 -16.32 -16.21
CA HIS A 121 7.93 -15.20 -16.26
C HIS A 121 9.17 -15.37 -15.37
N TRP A 122 10.05 -14.39 -15.40
CA TRP A 122 11.24 -14.43 -14.55
C TRP A 122 11.43 -13.15 -13.72
N CYS A 123 12.13 -13.28 -12.61
CA CYS A 123 12.44 -12.16 -11.75
C CYS A 123 13.94 -12.14 -11.54
N TYR A 124 14.51 -10.95 -11.47
CA TYR A 124 15.94 -10.80 -11.26
C TYR A 124 16.25 -9.64 -10.33
N THR A 125 17.33 -9.79 -9.55
CA THR A 125 17.76 -8.72 -8.68
C THR A 125 19.25 -8.78 -8.37
N HIS A 126 19.86 -7.63 -8.16
CA HIS A 126 21.18 -7.58 -7.58
C HIS A 126 21.42 -6.30 -6.82
N ASN A 127 22.51 -6.31 -6.06
CA ASN A 127 22.89 -5.23 -5.17
C ASN A 127 23.89 -4.30 -5.85
N VAL A 128 23.72 -3.01 -5.63
CA VAL A 128 24.53 -2.01 -6.29
C VAL A 128 25.23 -1.15 -5.26
N ILE A 129 26.55 -1.08 -5.35
CA ILE A 129 27.33 -0.23 -4.45
C ILE A 129 28.07 0.80 -5.30
N LEU A 130 27.90 2.08 -4.97
CA LEU A 130 28.48 3.16 -5.78
C LEU A 130 30.00 3.27 -5.71
N ASN A 131 30.54 3.12 -4.52
CA ASN A 131 31.94 3.41 -4.28
C ASN A 131 32.71 2.15 -3.96
N GLY A 132 32.77 1.23 -4.91
CA GLY A 132 33.61 0.06 -4.76
C GLY A 132 32.96 -1.06 -3.97
N CYS A 133 33.49 -2.26 -4.10
CA CYS A 133 32.85 -3.44 -3.51
C CYS A 133 33.12 -3.59 -2.00
N GLN A 134 34.00 -2.76 -1.46
CA GLN A 134 34.37 -2.86 -0.06
C GLN A 134 33.54 -1.94 0.85
N ASP A 135 32.67 -1.14 0.24
CA ASP A 135 31.72 -0.37 1.03
C ASP A 135 30.54 -1.27 1.38
N HIS A 136 30.33 -1.54 2.67
CA HIS A 136 29.24 -2.43 3.10
C HIS A 136 28.06 -1.68 3.75
N VAL A 137 28.22 -0.39 3.99
CA VAL A 137 27.11 0.46 4.46
C VAL A 137 26.62 1.21 3.23
N SER A 138 25.34 1.56 3.19
CA SER A 138 24.78 2.18 1.98
C SER A 138 24.93 1.43 0.60
N SER A 139 23.80 1.04 0.05
CA SER A 139 23.75 0.40 -1.26
C SER A 139 22.35 0.55 -1.82
N ASN A 140 22.16 0.14 -3.07
CA ASN A 140 20.86 0.15 -3.71
C ASN A 140 20.61 -1.22 -4.28
N GLN A 141 19.35 -1.53 -4.55
CA GLN A 141 19.00 -2.85 -5.04
C GLN A 141 18.23 -2.73 -6.36
N PHE A 142 18.78 -3.32 -7.43
CA PHE A 142 18.14 -3.31 -8.72
C PHE A 142 17.22 -4.54 -8.87
N VAL A 143 16.03 -4.33 -9.42
CA VAL A 143 15.10 -5.44 -9.66
C VAL A 143 14.55 -5.39 -11.09
N SER A 144 14.43 -6.52 -11.75
CA SER A 144 13.70 -6.54 -13.00
C SER A 144 12.90 -7.81 -13.13
N MET A 145 11.98 -7.80 -14.09
CA MET A 145 11.15 -8.94 -14.37
C MET A 145 10.82 -8.91 -15.86
N GLY A 146 10.45 -10.06 -16.40
CA GLY A 146 10.11 -10.13 -17.81
C GLY A 146 9.84 -11.56 -18.23
N ILE A 147 10.01 -11.83 -19.51
CA ILE A 147 9.61 -13.10 -20.09
C ILE A 147 10.67 -13.59 -21.07
N ILE A 148 10.48 -14.80 -21.60
CA ILE A 148 11.41 -15.37 -22.54
C ILE A 148 10.72 -15.59 -23.87
N GLU A 149 11.35 -15.14 -24.94
CA GLU A 149 10.84 -15.37 -26.27
C GLU A 149 11.96 -15.83 -27.22
N PRO A 150 11.61 -16.65 -28.21
CA PRO A 150 12.60 -17.21 -29.14
C PRO A 150 13.08 -16.18 -30.14
N THR A 151 14.35 -16.24 -30.53
CA THR A 151 14.87 -15.35 -31.56
C THR A 151 14.97 -16.13 -32.85
N SER A 152 15.32 -15.45 -33.93
CA SER A 152 15.34 -16.09 -35.25
C SER A 152 16.44 -17.14 -35.37
N ALA A 153 17.43 -17.10 -34.49
CA ALA A 153 18.48 -18.08 -34.52
C ALA A 153 18.00 -19.29 -33.73
N GLY A 154 16.91 -19.10 -32.99
CA GLY A 154 16.26 -20.17 -32.28
C GLY A 154 16.50 -20.19 -30.77
N PHE A 155 17.45 -19.40 -30.29
CA PHE A 155 17.73 -19.43 -28.86
C PHE A 155 16.99 -18.33 -28.09
N PRO A 156 16.93 -18.46 -26.75
CA PRO A 156 16.04 -17.56 -26.01
C PRO A 156 16.54 -16.12 -25.91
N PHE A 157 15.59 -15.18 -25.85
CA PHE A 157 15.88 -13.81 -25.46
C PHE A 157 15.11 -13.51 -24.18
N PHE A 158 15.82 -13.02 -23.19
CA PHE A 158 15.21 -12.60 -21.93
C PHE A 158 14.71 -11.18 -22.01
N ARG A 159 13.43 -11.06 -22.31
CA ARG A 159 12.81 -9.78 -22.57
C ARG A 159 12.35 -9.12 -21.28
N THR A 160 13.00 -8.01 -20.93
CA THR A 160 12.68 -7.25 -19.73
C THR A 160 11.41 -6.46 -19.94
N LEU A 161 10.48 -6.58 -19.01
CA LEU A 161 9.20 -5.90 -19.12
C LEU A 161 9.01 -4.82 -18.05
N LYS A 162 9.89 -4.82 -17.05
CA LYS A 162 9.89 -3.81 -16.01
C LYS A 162 11.20 -3.83 -15.24
N THR A 163 11.71 -2.63 -14.92
CA THR A 163 12.81 -2.49 -13.96
C THR A 163 12.39 -1.64 -12.78
N LEU A 164 13.10 -1.84 -11.67
CA LEU A 164 12.90 -1.08 -10.45
C LEU A 164 14.25 -0.86 -9.82
N TYR A 165 14.41 0.28 -9.17
CA TYR A 165 15.63 0.59 -8.47
C TYR A 165 15.27 1.09 -7.09
N LEU A 166 15.45 0.23 -6.09
CA LEU A 166 15.21 0.60 -4.69
C LEU A 166 16.39 1.41 -4.16
N SER A 167 16.14 2.69 -3.97
CA SER A 167 17.20 3.63 -3.70
C SER A 167 16.69 4.67 -2.75
N ASP A 168 16.41 4.28 -1.53
CA ASP A 168 15.79 5.21 -0.59
C ASP A 168 16.66 5.39 0.64
N GLY A 169 17.88 4.86 0.58
CA GLY A 169 18.81 4.98 1.70
C GLY A 169 18.81 3.80 2.65
N VAL A 170 17.88 2.87 2.46
CA VAL A 170 17.87 1.65 3.26
C VAL A 170 18.87 0.62 2.71
N ASN A 171 19.76 0.15 3.58
CA ASN A 171 20.79 -0.79 3.18
C ASN A 171 20.27 -2.21 3.09
N ARG A 172 19.40 -2.47 2.11
CA ARG A 172 18.87 -3.80 1.85
C ARG A 172 19.98 -4.72 1.36
N LYS A 173 20.21 -5.81 2.08
CA LYS A 173 21.34 -6.72 1.80
C LYS A 173 20.93 -8.19 1.71
N SER A 174 21.80 -8.97 1.07
CA SER A 174 21.65 -10.43 0.94
C SER A 174 20.31 -10.91 0.36
N CYS A 175 19.74 -10.16 -0.58
CA CYS A 175 18.38 -10.40 -1.06
C CYS A 175 18.17 -11.67 -1.88
N SER A 176 17.09 -12.40 -1.61
CA SER A 176 16.62 -13.51 -2.43
C SER A 176 15.35 -13.08 -3.14
N ILE A 177 15.18 -13.53 -4.38
CA ILE A 177 13.95 -13.20 -5.11
C ILE A 177 13.21 -14.45 -5.58
N SER A 178 11.90 -14.34 -5.74
CA SER A 178 11.10 -15.44 -6.24
C SER A 178 9.94 -14.91 -7.08
N THR A 179 9.62 -15.58 -8.17
CA THR A 179 8.40 -15.21 -8.91
C THR A 179 7.19 -15.51 -8.04
N VAL A 180 6.12 -14.77 -8.25
CA VAL A 180 4.83 -15.11 -7.66
C VAL A 180 3.85 -14.82 -8.79
N PRO A 181 2.60 -15.27 -8.67
CA PRO A 181 1.67 -14.88 -9.74
C PRO A 181 1.50 -13.36 -9.80
N GLY A 182 1.75 -12.78 -10.97
CA GLY A 182 1.63 -11.34 -11.16
C GLY A 182 2.90 -10.51 -10.94
N GLY A 183 3.99 -11.14 -10.50
CA GLY A 183 5.17 -10.37 -10.13
C GLY A 183 6.24 -11.10 -9.35
N CYS A 184 6.85 -10.42 -8.37
CA CYS A 184 8.01 -10.94 -7.65
C CYS A 184 7.92 -10.59 -6.18
N MET A 185 8.46 -11.47 -5.36
CA MET A 185 8.57 -11.24 -3.94
C MET A 185 10.04 -11.34 -3.61
N MET A 186 10.56 -10.30 -3.00
CA MET A 186 11.96 -10.31 -2.62
C MET A 186 12.07 -10.33 -1.09
N TYR A 187 13.00 -11.12 -0.59
CA TYR A 187 13.30 -11.19 0.85
C TYR A 187 14.68 -10.61 1.08
N CYS A 188 14.74 -9.58 1.92
CA CYS A 188 16.00 -8.90 2.25
C CYS A 188 16.15 -8.78 3.78
N PHE A 189 17.37 -8.52 4.24
CA PHE A 189 17.57 -7.97 5.58
C PHE A 189 18.23 -6.59 5.49
N VAL A 190 18.10 -5.79 6.54
CA VAL A 190 18.73 -4.46 6.55
C VAL A 190 19.99 -4.50 7.38
N SER A 191 21.13 -4.27 6.72
CA SER A 191 22.43 -4.36 7.38
C SER A 191 22.85 -3.00 7.92
N THR A 192 23.12 -2.94 9.22
CA THR A 192 23.42 -1.67 9.89
C THR A 192 24.80 -1.67 10.56
N GLN A 193 25.46 -2.81 10.51
CA GLN A 193 26.75 -3.01 11.18
C GLN A 193 27.49 -4.13 10.46
N PRO A 194 28.82 -4.25 10.68
CA PRO A 194 29.54 -5.38 10.05
C PRO A 194 28.92 -6.74 10.37
N GLU A 195 29.08 -7.71 9.46
CA GLU A 195 28.57 -9.06 9.65
C GLU A 195 28.84 -9.65 11.04
N ARG A 196 30.08 -9.64 11.47
CA ARG A 196 30.46 -10.19 12.77
C ARG A 196 29.63 -9.64 13.95
N ASP A 197 29.37 -8.32 13.94
CA ASP A 197 28.52 -7.70 14.96
C ASP A 197 27.09 -8.25 14.97
N ASP A 198 26.55 -8.55 13.80
CA ASP A 198 25.29 -9.28 13.70
C ASP A 198 25.33 -10.58 14.50
N TYR A 199 26.44 -11.27 14.53
CA TYR A 199 26.42 -12.52 15.28
C TYR A 199 26.57 -12.26 16.78
N PHE A 200 27.36 -11.25 17.13
CA PHE A 200 27.52 -10.92 18.53
C PHE A 200 26.26 -10.36 19.21
N SER A 201 25.56 -9.43 18.57
CA SER A 201 24.38 -8.89 19.26
C SER A 201 23.26 -9.91 19.40
N ALA A 202 22.50 -9.82 20.48
CA ALA A 202 21.47 -10.82 20.74
C ALA A 202 20.12 -10.43 20.12
N ALA A 203 20.05 -9.25 19.52
CA ALA A 203 18.86 -8.85 18.80
C ALA A 203 19.12 -8.98 17.31
N PRO A 204 18.24 -9.67 16.57
CA PRO A 204 18.45 -9.91 15.13
C PRO A 204 18.14 -8.66 14.29
N PRO A 205 18.63 -8.62 13.05
CA PRO A 205 18.42 -7.46 12.18
C PRO A 205 16.99 -7.37 11.63
N GLU A 206 16.69 -6.23 11.02
CA GLU A 206 15.39 -6.01 10.40
C GLU A 206 15.22 -6.91 9.16
N GLN A 207 14.13 -7.66 9.13
CA GLN A 207 13.81 -8.51 7.98
C GLN A 207 12.73 -7.86 7.11
N ARG A 208 12.94 -7.82 5.79
CA ARG A 208 11.92 -7.27 4.91
C ARG A 208 11.44 -8.17 3.77
N ILE A 209 10.15 -8.10 3.50
CA ILE A 209 9.55 -8.75 2.35
C ILE A 209 8.94 -7.67 1.46
N ILE A 210 9.41 -7.58 0.21
CA ILE A 210 8.90 -6.61 -0.77
C ILE A 210 8.21 -7.37 -1.88
N ILE A 211 6.97 -6.99 -2.18
CA ILE A 211 6.23 -7.58 -3.29
C ILE A 211 6.04 -6.55 -4.38
N MET A 212 6.41 -6.94 -5.59
CA MET A 212 6.40 -6.04 -6.73
C MET A 212 5.63 -6.69 -7.88
N TYR A 213 4.48 -6.13 -8.19
CA TYR A 213 3.60 -6.72 -9.21
C TYR A 213 3.82 -6.06 -10.56
N TYR A 214 3.46 -6.77 -11.63
CA TYR A 214 3.53 -6.18 -12.96
C TYR A 214 2.70 -4.91 -13.12
N ASN A 215 1.64 -4.77 -12.33
CA ASN A 215 0.78 -3.58 -12.44
C ASN A 215 1.37 -2.38 -11.71
N ASP A 216 2.62 -2.54 -11.26
CA ASP A 216 3.40 -1.47 -10.63
C ASP A 216 3.05 -1.17 -9.16
N THR A 217 2.16 -1.98 -8.59
CA THR A 217 1.96 -2.01 -7.14
C THR A 217 3.20 -2.58 -6.43
N ILE A 218 3.69 -1.87 -5.42
CA ILE A 218 4.77 -2.33 -4.56
C ILE A 218 4.32 -2.28 -3.10
N VAL A 219 4.59 -3.34 -2.36
CA VAL A 219 4.29 -3.36 -0.94
C VAL A 219 5.49 -3.90 -0.24
N GLU A 220 6.01 -3.15 0.71
CA GLU A 220 7.19 -3.58 1.46
C GLU A 220 6.91 -3.55 2.95
N ARG A 221 7.32 -4.60 3.64
CA ARG A 221 6.96 -4.73 5.04
C ARG A 221 8.04 -5.39 5.85
N ILE A 222 8.19 -4.90 7.08
CA ILE A 222 9.01 -5.55 8.06
C ILE A 222 8.27 -6.78 8.57
N ILE A 223 8.96 -7.92 8.60
CA ILE A 223 8.34 -9.13 9.08
C ILE A 223 9.07 -9.60 10.32
N ASN A 224 8.34 -10.33 11.15
CA ASN A 224 8.95 -10.97 12.30
C ASN A 224 8.41 -12.35 12.43
N PRO A 225 9.11 -13.33 11.86
CA PRO A 225 8.68 -14.73 12.01
C PRO A 225 8.69 -15.14 13.48
N PRO A 226 7.74 -15.99 13.88
CA PRO A 226 7.72 -16.48 15.26
C PRO A 226 8.97 -17.28 15.55
N GLY A 227 9.50 -17.18 16.76
CA GLY A 227 10.62 -18.00 17.18
C GLY A 227 11.94 -17.51 16.65
N VAL A 228 11.99 -16.23 16.30
CA VAL A 228 13.24 -15.58 15.89
C VAL A 228 13.85 -14.74 17.02
N LEU A 229 13.05 -13.85 17.59
CA LEU A 229 13.50 -13.02 18.71
C LEU A 229 13.92 -13.89 19.88
N ASP A 230 15.12 -13.60 20.40
CA ASP A 230 15.72 -14.33 21.52
C ASP A 230 16.08 -15.78 21.18
N VAL A 231 16.02 -16.13 19.90
CA VAL A 231 16.46 -17.43 19.44
C VAL A 231 17.57 -17.30 18.40
N TRP A 232 17.34 -16.45 17.41
CA TRP A 232 18.31 -16.20 16.35
C TRP A 232 19.01 -14.88 16.63
N ALA A 233 20.32 -14.92 16.77
CA ALA A 233 21.10 -13.70 16.89
C ALA A 233 21.09 -12.94 15.56
N THR A 234 21.18 -13.66 14.45
CA THR A 234 21.07 -13.01 13.15
C THR A 234 20.41 -13.94 12.14
N LEU A 235 19.93 -13.36 11.04
CA LEU A 235 19.14 -14.11 10.06
C LEU A 235 19.23 -13.44 8.68
N ASN A 236 19.56 -14.22 7.65
CA ASN A 236 19.78 -13.67 6.32
C ASN A 236 19.05 -14.53 5.32
N PRO A 237 18.57 -13.92 4.23
CA PRO A 237 18.14 -14.75 3.10
C PRO A 237 19.40 -15.36 2.54
N GLY A 238 19.29 -16.47 1.82
CA GLY A 238 20.46 -17.17 1.32
C GLY A 238 20.94 -16.70 -0.03
N THR A 239 20.24 -15.70 -0.59
CA THR A 239 20.56 -15.07 -1.90
C THR A 239 20.13 -15.85 -3.14
N GLY A 240 20.13 -17.18 -3.07
CA GLY A 240 19.55 -17.95 -4.16
C GLY A 240 18.05 -17.68 -4.24
N SER A 241 17.43 -18.02 -5.37
CA SER A 241 16.01 -17.82 -5.53
C SER A 241 15.19 -18.51 -4.45
N GLY A 242 14.05 -17.91 -4.14
CA GLY A 242 12.99 -18.63 -3.47
C GLY A 242 12.14 -19.34 -4.50
N VAL A 243 11.16 -20.10 -4.03
CA VAL A 243 10.16 -20.68 -4.95
C VAL A 243 8.75 -20.50 -4.44
N TYR A 244 7.82 -20.51 -5.38
CA TYR A 244 6.42 -20.45 -5.10
C TYR A 244 5.87 -21.88 -5.04
N TYR A 245 5.41 -22.31 -3.88
CA TYR A 245 5.00 -23.71 -3.67
C TYR A 245 3.69 -23.83 -2.86
N LEU A 246 2.64 -24.32 -3.52
CA LEU A 246 1.33 -24.51 -2.89
C LEU A 246 0.81 -23.28 -2.13
N GLY A 247 0.93 -22.11 -2.75
CA GLY A 247 0.45 -20.88 -2.14
C GLY A 247 1.43 -20.14 -1.24
N TRP A 248 2.56 -20.78 -0.93
CA TRP A 248 3.55 -20.19 -0.05
C TRP A 248 4.79 -19.81 -0.87
N VAL A 249 5.54 -18.82 -0.40
CA VAL A 249 6.83 -18.53 -1.01
C VAL A 249 7.93 -18.99 -0.06
N LEU A 250 8.78 -19.89 -0.54
CA LEU A 250 9.86 -20.45 0.25
C LEU A 250 11.20 -19.81 -0.10
N PHE A 251 11.88 -19.22 0.88
CA PHE A 251 13.21 -18.66 0.64
C PHE A 251 14.24 -19.44 1.45
N PRO A 252 15.46 -19.56 0.93
CA PRO A 252 16.54 -20.12 1.76
C PRO A 252 16.97 -19.09 2.79
N ILE A 253 17.36 -19.54 3.97
CA ILE A 253 17.86 -18.65 5.02
C ILE A 253 19.00 -19.30 5.73
N TYR A 254 19.75 -18.48 6.45
CA TYR A 254 20.76 -18.98 7.37
C TYR A 254 21.08 -17.89 8.35
N GLY A 255 21.81 -18.25 9.40
CA GLY A 255 22.17 -17.27 10.39
C GLY A 255 22.72 -17.94 11.62
N GLY A 256 22.56 -17.28 12.77
CA GLY A 256 23.19 -17.73 14.00
C GLY A 256 22.24 -17.83 15.16
N VAL A 257 22.19 -19.02 15.74
CA VAL A 257 21.30 -19.34 16.84
C VAL A 257 22.03 -19.24 18.18
N ILE A 258 21.32 -18.72 19.18
CA ILE A 258 21.87 -18.40 20.49
C ILE A 258 21.96 -19.62 21.42
N LYS A 259 23.03 -19.68 22.22
CA LYS A 259 23.22 -20.77 23.16
C LYS A 259 22.10 -20.84 24.20
N GLY A 260 21.56 -22.04 24.41
CA GLY A 260 20.58 -22.24 25.46
C GLY A 260 19.13 -22.24 25.03
N THR A 261 18.88 -21.92 23.75
CA THR A 261 17.52 -21.92 23.23
C THR A 261 17.05 -23.36 22.98
N SER A 262 15.75 -23.55 22.77
CA SER A 262 15.22 -24.87 22.39
C SER A 262 15.85 -25.41 21.10
N LEU A 263 15.96 -24.53 20.10
CA LEU A 263 16.53 -24.88 18.81
C LEU A 263 17.98 -25.35 18.95
N TRP A 264 18.80 -24.60 19.67
CA TRP A 264 20.15 -25.01 20.01
C TRP A 264 20.17 -26.39 20.72
N ASN A 265 19.37 -26.52 21.77
CA ASN A 265 19.28 -27.78 22.49
C ASN A 265 18.83 -28.95 21.63
N ASN A 266 17.79 -28.76 20.81
CA ASN A 266 17.29 -29.80 19.92
C ASN A 266 18.31 -30.22 18.88
N GLN A 267 19.26 -29.34 18.62
CA GLN A 267 20.20 -29.51 17.53
C GLN A 267 21.49 -30.11 18.11
N ALA A 268 21.56 -30.13 19.44
CA ALA A 268 22.74 -30.59 20.17
C ALA A 268 23.13 -32.03 19.85
N ASN A 269 24.42 -32.20 19.57
CA ASN A 269 25.04 -33.50 19.26
C ASN A 269 24.80 -34.04 17.86
N LYS A 270 24.01 -33.31 17.07
CA LYS A 270 23.77 -33.69 15.68
C LYS A 270 24.89 -33.20 14.77
N TYR A 271 25.06 -33.89 13.66
CA TYR A 271 26.09 -33.56 12.67
C TYR A 271 25.79 -34.35 11.41
N PHE A 272 26.29 -33.87 10.28
CA PHE A 272 26.12 -34.59 9.02
C PHE A 272 27.46 -34.78 8.30
N ILE A 273 27.75 -36.03 7.93
CA ILE A 273 28.91 -36.36 7.10
C ILE A 273 28.44 -37.08 5.85
N PRO A 274 28.62 -36.46 4.67
CA PRO A 274 28.16 -37.05 3.40
C PRO A 274 28.75 -38.43 3.12
N GLN A 275 27.99 -39.26 2.39
CA GLN A 275 28.36 -40.63 2.06
C GLN A 275 29.79 -40.80 1.57
N MET A 276 30.25 -39.88 0.71
CA MET A 276 31.52 -40.10 0.03
C MET A 276 32.74 -39.63 0.82
N VAL A 277 32.51 -39.00 1.96
CA VAL A 277 33.59 -38.55 2.82
C VAL A 277 34.45 -39.71 3.35
N ALA A 278 33.82 -40.79 3.78
CA ALA A 278 34.53 -41.89 4.45
C ALA A 278 35.68 -42.49 3.63
N ALA A 279 35.48 -42.64 2.33
CA ALA A 279 36.52 -43.23 1.47
C ALA A 279 37.64 -42.25 1.18
N LEU A 280 37.42 -40.98 1.45
CA LEU A 280 38.37 -39.94 1.08
C LEU A 280 39.10 -39.37 2.28
N CYS A 281 38.58 -39.68 3.47
CA CYS A 281 39.19 -39.20 4.70
C CYS A 281 39.65 -40.38 5.55
N SER A 282 40.90 -40.33 5.99
CA SER A 282 41.54 -41.46 6.68
C SER A 282 41.60 -41.30 8.19
N GLN A 283 41.00 -40.23 8.72
CA GLN A 283 41.02 -40.07 10.16
C GLN A 283 40.12 -41.13 10.76
N ASN A 284 40.33 -41.43 12.05
CA ASN A 284 39.46 -42.36 12.75
C ASN A 284 38.03 -41.82 12.78
N GLN A 285 37.07 -42.73 12.81
CA GLN A 285 35.67 -42.38 12.84
C GLN A 285 35.33 -41.40 13.98
N ALA A 286 35.88 -41.67 15.16
CA ALA A 286 35.67 -40.81 16.34
C ALA A 286 36.08 -39.36 16.12
N THR A 287 37.23 -39.15 15.49
CA THR A 287 37.75 -37.81 15.20
C THR A 287 36.87 -37.07 14.18
N GLN A 288 36.45 -37.80 13.15
CA GLN A 288 35.59 -37.23 12.12
C GLN A 288 34.27 -36.77 12.75
N VAL A 289 33.67 -37.64 13.55
CA VAL A 289 32.41 -37.33 14.21
C VAL A 289 32.52 -36.15 15.16
N GLN A 290 33.52 -36.19 16.01
CA GLN A 290 33.79 -35.09 16.92
C GLN A 290 33.97 -33.76 16.17
N ASN A 291 34.78 -33.78 15.12
CA ASN A 291 35.02 -32.58 14.33
C ASN A 291 33.80 -32.09 13.56
N ALA A 292 32.93 -33.03 13.20
CA ALA A 292 31.73 -32.71 12.43
C ALA A 292 30.69 -32.08 13.35
N LYS A 293 30.63 -32.58 14.59
CA LYS A 293 29.75 -31.98 15.59
C LYS A 293 30.13 -30.52 15.83
N SER A 294 31.42 -30.24 15.77
CA SER A 294 31.92 -28.94 16.17
C SER A 294 31.90 -27.91 15.05
N SER A 295 31.72 -28.36 13.80
CA SER A 295 31.75 -27.46 12.66
C SER A 295 30.50 -26.57 12.57
N TYR A 296 29.52 -26.85 13.42
CA TYR A 296 28.27 -26.09 13.43
C TYR A 296 28.33 -24.91 14.37
N TYR A 297 29.43 -24.75 15.09
CA TYR A 297 29.56 -23.71 16.11
C TYR A 297 30.73 -22.81 15.80
N SER A 298 30.55 -21.50 15.94
CA SER A 298 31.58 -20.55 15.55
C SER A 298 31.97 -19.55 16.64
N SER A 299 33.16 -19.69 17.21
CA SER A 299 33.63 -18.74 18.22
C SER A 299 33.84 -17.34 17.62
N TRP A 300 34.24 -17.30 16.35
CA TRP A 300 34.45 -16.05 15.64
C TRP A 300 33.12 -15.28 15.46
N PHE A 301 32.06 -16.00 15.11
CA PHE A 301 30.75 -15.40 15.03
C PHE A 301 29.94 -15.57 16.33
N GLY A 302 30.46 -15.02 17.43
CA GLY A 302 29.70 -14.89 18.68
C GLY A 302 29.29 -16.17 19.41
N ASN A 303 30.02 -17.25 19.16
CA ASN A 303 29.69 -18.55 19.69
C ASN A 303 28.28 -19.01 19.30
N ARG A 304 27.83 -18.61 18.12
CA ARG A 304 26.53 -19.01 17.64
C ARG A 304 26.63 -20.34 16.90
N MET A 305 25.55 -21.10 16.97
CA MET A 305 25.40 -22.20 16.05
C MET A 305 24.99 -21.58 14.71
N ILE A 306 25.76 -21.85 13.66
CA ILE A 306 25.46 -21.36 12.32
C ILE A 306 24.49 -22.31 11.61
N GLN A 307 23.33 -21.78 11.22
CA GLN A 307 22.16 -22.61 10.96
C GLN A 307 21.48 -22.34 9.60
N SER A 308 21.17 -23.40 8.88
CA SER A 308 20.48 -23.28 7.59
C SER A 308 19.00 -23.55 7.80
N GLY A 309 18.15 -22.93 7.01
CA GLY A 309 16.75 -23.27 7.08
C GLY A 309 15.95 -22.74 5.91
N ILE A 310 14.63 -22.72 6.07
CA ILE A 310 13.76 -22.17 5.05
C ILE A 310 12.77 -21.18 5.69
N LEU A 311 12.52 -20.09 4.98
CA LEU A 311 11.49 -19.14 5.37
C LEU A 311 10.28 -19.31 4.47
N ALA A 312 9.12 -19.52 5.09
CA ALA A 312 7.91 -19.77 4.35
C ALA A 312 6.96 -18.62 4.57
N CYS A 313 6.64 -17.90 3.50
CA CYS A 313 5.71 -16.78 3.54
C CYS A 313 4.46 -17.08 2.75
N PRO A 314 3.29 -16.88 3.38
CA PRO A 314 2.08 -16.98 2.56
C PRO A 314 2.04 -15.78 1.65
N LEU A 315 1.49 -15.96 0.46
CA LEU A 315 1.46 -14.86 -0.49
C LEU A 315 0.34 -13.90 -0.13
N ARG A 316 0.66 -12.84 0.59
CA ARG A 316 -0.32 -11.85 1.03
C ARG A 316 0.36 -10.49 1.01
N GLN A 317 -0.46 -9.44 1.03
CA GLN A 317 0.03 -8.07 0.92
C GLN A 317 0.03 -7.35 2.27
N ASP A 318 -0.23 -8.08 3.34
CA ASP A 318 -0.36 -7.45 4.66
C ASP A 318 0.46 -8.22 5.69
N LEU A 319 1.58 -8.75 5.23
CA LEU A 319 2.47 -9.54 6.06
C LEU A 319 2.96 -8.82 7.30
N THR A 320 2.89 -9.51 8.43
CA THR A 320 3.55 -9.11 9.65
C THR A 320 4.31 -10.34 10.20
N ASN A 321 3.57 -11.30 10.75
CA ASN A 321 4.18 -12.46 11.41
C ASN A 321 3.70 -13.82 10.92
N GLU A 322 3.18 -13.87 9.71
CA GLU A 322 2.68 -15.10 9.12
C GLU A 322 3.81 -15.91 8.48
N CYS A 323 4.95 -15.27 8.25
CA CYS A 323 6.10 -15.99 7.69
C CYS A 323 6.71 -16.90 8.75
N LEU A 324 7.05 -18.12 8.36
CA LEU A 324 7.57 -19.12 9.29
C LEU A 324 9.03 -19.45 8.98
N VAL A 325 9.83 -19.60 10.04
CA VAL A 325 11.22 -20.05 9.92
C VAL A 325 11.34 -21.52 10.31
N LEU A 326 11.82 -22.34 9.38
CA LEU A 326 11.92 -23.78 9.57
C LEU A 326 13.38 -24.22 9.46
N PRO A 327 14.02 -24.53 10.59
CA PRO A 327 15.40 -24.98 10.51
C PRO A 327 15.49 -26.39 9.98
N PHE A 328 16.52 -26.69 9.17
CA PHE A 328 16.89 -28.07 8.86
C PHE A 328 17.49 -28.75 10.09
N SER A 329 17.33 -30.07 10.17
CA SER A 329 18.05 -30.82 11.19
C SER A 329 19.51 -30.86 10.81
N ASN A 330 20.39 -30.68 11.79
CA ASN A 330 21.83 -30.73 11.54
C ASN A 330 22.38 -32.14 11.37
N ASP A 331 21.49 -33.14 11.50
CA ASP A 331 21.78 -34.51 11.10
C ASP A 331 21.70 -34.66 9.59
N GLN A 332 21.16 -33.65 8.91
CA GLN A 332 20.83 -33.83 7.50
C GLN A 332 21.56 -32.88 6.57
N VAL A 333 22.22 -31.89 7.16
CA VAL A 333 22.66 -30.72 6.42
C VAL A 333 23.93 -30.19 7.09
N LEU A 334 24.80 -29.54 6.32
CA LEU A 334 26.04 -28.98 6.88
C LEU A 334 25.80 -27.67 7.60
N MET A 335 26.88 -27.07 8.12
CA MET A 335 26.81 -25.78 8.80
C MET A 335 26.04 -24.80 7.94
N GLY A 336 25.19 -24.00 8.58
CA GLY A 336 24.41 -22.99 7.89
C GLY A 336 25.20 -22.13 6.90
N ALA A 337 24.61 -21.90 5.73
CA ALA A 337 25.25 -21.09 4.72
C ALA A 337 24.22 -20.51 3.76
N GLU A 338 24.68 -19.68 2.83
CA GLU A 338 23.85 -19.21 1.75
C GLU A 338 23.31 -20.43 0.97
N GLY A 339 22.24 -20.22 0.19
CA GLY A 339 21.65 -21.32 -0.55
C GLY A 339 20.57 -20.91 -1.55
N ARG A 340 19.86 -21.90 -2.08
CA ARG A 340 18.89 -21.67 -3.15
C ARG A 340 17.83 -22.76 -3.09
N LEU A 341 16.59 -22.40 -3.43
CA LEU A 341 15.52 -23.36 -3.54
C LEU A 341 15.10 -23.56 -4.99
N TYR A 342 14.64 -24.76 -5.30
CA TYR A 342 14.28 -25.10 -6.66
C TYR A 342 13.00 -25.90 -6.64
N MET A 343 12.35 -25.94 -7.78
CA MET A 343 11.20 -26.79 -7.97
C MET A 343 11.48 -27.69 -9.17
N TYR A 344 11.47 -29.00 -8.97
CA TYR A 344 11.57 -29.92 -10.09
C TYR A 344 10.28 -30.74 -10.08
N GLY A 345 9.41 -30.53 -11.05
CA GLY A 345 8.05 -31.01 -10.97
C GLY A 345 7.43 -30.52 -9.67
N ASP A 346 7.09 -31.46 -8.79
CA ASP A 346 6.40 -31.13 -7.55
C ASP A 346 7.33 -31.26 -6.35
N SER A 347 8.59 -31.59 -6.61
CA SER A 347 9.58 -31.74 -5.57
C SER A 347 10.37 -30.48 -5.39
N VAL A 348 10.57 -30.09 -4.13
CA VAL A 348 11.39 -28.95 -3.75
C VAL A 348 12.80 -29.42 -3.48
N TYR A 349 13.79 -28.75 -4.07
CA TYR A 349 15.18 -29.02 -3.73
C TYR A 349 15.87 -27.80 -3.15
N TYR A 350 16.98 -28.05 -2.45
CA TYR A 350 17.76 -27.02 -1.78
C TYR A 350 19.22 -27.16 -2.16
N TYR A 351 19.82 -26.06 -2.59
CA TYR A 351 21.27 -26.02 -2.73
C TYR A 351 21.82 -25.33 -1.49
N GLN A 352 22.87 -25.90 -0.91
CA GLN A 352 23.51 -25.30 0.26
C GLN A 352 24.97 -24.99 -0.07
N ARG A 353 25.32 -23.72 -0.01
CA ARG A 353 26.71 -23.31 -0.19
C ARG A 353 27.62 -24.10 0.77
N SER A 354 28.77 -24.51 0.27
CA SER A 354 29.73 -25.24 1.09
C SER A 354 30.68 -24.23 1.74
N ASN A 355 30.27 -23.74 2.90
CA ASN A 355 31.03 -22.73 3.62
C ASN A 355 31.77 -23.41 4.79
N SER A 356 31.69 -24.74 4.84
CA SER A 356 32.30 -25.52 5.92
C SER A 356 33.44 -26.41 5.38
N TRP A 357 33.64 -27.56 6.01
CA TRP A 357 34.80 -28.41 5.77
C TRP A 357 34.72 -29.23 4.47
N TRP A 358 33.51 -29.48 4.00
CA TRP A 358 33.31 -30.30 2.80
C TRP A 358 33.09 -29.38 1.62
N PRO A 359 34.05 -29.36 0.69
CA PRO A 359 34.07 -28.38 -0.41
C PRO A 359 33.27 -28.76 -1.65
N MET A 360 32.46 -29.82 -1.61
CA MET A 360 31.73 -30.25 -2.80
C MET A 360 30.28 -29.80 -2.80
N THR A 361 29.71 -29.71 -4.00
CA THR A 361 28.36 -29.27 -4.23
C THR A 361 27.30 -29.99 -3.40
N MET A 362 26.52 -29.24 -2.63
CA MET A 362 25.49 -29.83 -1.79
C MET A 362 24.05 -29.58 -2.28
N LEU A 363 23.40 -30.65 -2.73
CA LEU A 363 22.03 -30.61 -3.19
C LEU A 363 21.16 -31.60 -2.37
N TYR A 364 19.95 -31.19 -2.00
CA TYR A 364 19.07 -32.05 -1.22
C TYR A 364 17.64 -32.04 -1.74
N LYS A 365 16.99 -33.20 -1.74
CA LYS A 365 15.55 -33.18 -1.90
C LYS A 365 14.88 -32.80 -0.57
N VAL A 366 14.07 -31.74 -0.58
CA VAL A 366 13.40 -31.30 0.62
C VAL A 366 11.96 -31.77 0.69
N THR A 367 11.65 -32.51 1.74
CA THR A 367 10.28 -32.93 2.04
C THR A 367 9.71 -32.00 3.11
N ILE A 368 8.63 -31.33 2.74
CA ILE A 368 7.96 -30.39 3.64
C ILE A 368 6.65 -30.97 4.16
N THR A 369 6.50 -31.01 5.48
CA THR A 369 5.24 -31.43 6.04
C THR A 369 4.40 -30.22 6.47
N PHE A 370 3.11 -30.30 6.18
CA PHE A 370 2.15 -29.28 6.59
C PHE A 370 1.32 -29.79 7.74
N THR A 371 1.18 -28.97 8.76
CA THR A 371 0.22 -29.25 9.84
C THR A 371 -0.84 -28.16 9.85
N ASN A 372 -2.09 -28.58 9.63
CA ASN A 372 -3.22 -27.67 9.56
C ASN A 372 -3.04 -26.52 8.58
N GLY A 373 -2.47 -26.80 7.41
CA GLY A 373 -2.31 -25.79 6.38
C GLY A 373 -1.03 -24.98 6.44
N GLN A 374 -0.15 -25.29 7.39
CA GLN A 374 1.08 -24.55 7.53
C GLN A 374 2.26 -25.50 7.56
N PRO A 375 3.31 -25.17 6.80
CA PRO A 375 4.54 -25.94 6.85
C PRO A 375 4.96 -26.04 8.29
N SER A 376 5.22 -27.25 8.79
CA SER A 376 5.56 -27.41 10.19
C SER A 376 6.94 -28.02 10.36
N ALA A 377 7.43 -28.70 9.32
CA ALA A 377 8.71 -29.38 9.41
C ALA A 377 9.35 -29.54 8.05
N ILE A 378 10.67 -29.56 8.01
CA ILE A 378 11.35 -29.87 6.76
C ILE A 378 12.36 -30.97 6.94
N SER A 379 12.54 -31.74 5.87
CA SER A 379 13.46 -32.83 5.92
C SER A 379 14.30 -32.83 4.65
N ALA A 380 15.59 -33.13 4.77
CA ALA A 380 16.52 -33.03 3.65
C ALA A 380 17.28 -34.33 3.35
N GLN A 381 17.21 -34.78 2.10
CA GLN A 381 17.93 -35.98 1.66
C GLN A 381 19.00 -35.61 0.64
N ASN A 382 20.25 -35.87 0.99
CA ASN A 382 21.37 -35.43 0.17
C ASN A 382 21.55 -36.29 -1.07
N VAL A 383 21.79 -35.63 -2.20
CA VAL A 383 22.31 -36.30 -3.38
C VAL A 383 23.83 -36.49 -3.18
N PRO A 384 24.26 -37.72 -2.85
CA PRO A 384 25.66 -37.88 -2.40
C PRO A 384 26.67 -37.69 -3.53
N THR A 385 27.61 -36.78 -3.31
CA THR A 385 28.49 -36.34 -4.38
C THR A 385 29.97 -36.13 -3.94
N GLN A 386 30.91 -36.30 -4.86
CA GLN A 386 32.27 -35.87 -4.57
C GLN A 386 32.75 -34.92 -5.65
N GLN A 387 31.80 -34.26 -6.29
CA GLN A 387 32.12 -33.47 -7.45
C GLN A 387 31.65 -32.03 -7.45
N VAL A 388 32.47 -31.28 -8.19
CA VAL A 388 32.56 -29.85 -8.19
C VAL A 388 32.96 -29.26 -6.86
N PRO A 389 34.28 -29.04 -6.72
CA PRO A 389 34.88 -28.39 -5.55
C PRO A 389 34.69 -26.89 -5.61
N ARG A 390 35.00 -26.21 -4.52
CA ARG A 390 34.92 -24.77 -4.44
C ARG A 390 36.16 -24.27 -3.69
N PRO A 391 36.74 -23.15 -4.13
CA PRO A 391 37.94 -22.64 -3.46
C PRO A 391 37.62 -22.12 -2.04
N GLY A 392 38.55 -22.36 -1.12
CA GLY A 392 38.44 -21.85 0.24
C GLY A 392 39.82 -21.69 0.84
N THR A 393 39.91 -21.01 1.97
CA THR A 393 41.20 -20.70 2.60
C THR A 393 41.68 -21.79 3.56
N GLY A 394 42.99 -21.83 3.80
CA GLY A 394 43.58 -22.65 4.84
C GLY A 394 43.39 -24.15 4.71
N ASP A 395 42.82 -24.75 5.76
CA ASP A 395 42.62 -26.19 5.79
C ASP A 395 41.27 -26.58 5.21
N CYS A 396 40.65 -25.62 4.53
CA CYS A 396 39.29 -25.81 4.03
C CYS A 396 39.24 -25.41 2.58
N SER A 397 40.31 -25.70 1.86
CA SER A 397 40.39 -25.39 0.45
C SER A 397 39.67 -26.47 -0.33
N ALA A 398 39.72 -26.40 -1.67
CA ALA A 398 39.05 -27.38 -2.50
C ALA A 398 39.54 -28.81 -2.30
N THR A 399 40.73 -28.97 -1.71
CA THR A 399 41.32 -30.30 -1.57
C THR A 399 41.03 -31.01 -0.25
N ASN A 400 40.40 -30.30 0.70
CA ASN A 400 40.08 -30.86 2.00
C ASN A 400 38.98 -31.91 1.95
N ARG A 401 39.13 -32.95 2.78
CA ARG A 401 38.19 -34.05 2.77
C ARG A 401 37.80 -34.41 4.19
N CYS A 402 38.33 -33.66 5.16
CA CYS A 402 38.13 -34.05 6.55
C CYS A 402 37.39 -33.02 7.41
N PRO A 403 36.45 -33.49 8.23
CA PRO A 403 35.65 -32.64 9.13
C PRO A 403 36.49 -31.76 10.06
N GLY A 404 36.02 -30.54 10.24
CA GLY A 404 36.63 -29.58 11.15
C GLY A 404 35.77 -28.34 11.10
N PHE A 405 36.05 -27.36 11.96
CA PHE A 405 35.36 -26.10 11.81
C PHE A 405 35.99 -25.25 10.71
N CYS A 406 35.15 -24.78 9.79
CA CYS A 406 35.56 -23.91 8.68
C CYS A 406 34.53 -22.82 8.47
N LEU A 407 34.99 -21.67 8.03
CA LEU A 407 34.09 -20.57 7.72
C LEU A 407 34.58 -19.88 6.45
N THR A 408 34.50 -20.59 5.33
CA THR A 408 35.12 -20.15 4.09
C THR A 408 34.54 -20.91 2.90
N GLY A 409 34.53 -20.27 1.74
CA GLY A 409 33.95 -20.85 0.55
C GLY A 409 33.44 -19.78 -0.38
N VAL A 410 32.48 -20.16 -1.23
CA VAL A 410 31.86 -19.24 -2.19
C VAL A 410 30.57 -19.88 -2.73
N TYR A 411 29.63 -19.05 -3.14
CA TYR A 411 28.35 -19.54 -3.69
C TYR A 411 28.50 -20.08 -5.11
N ALA A 412 28.00 -21.28 -5.33
CA ALA A 412 28.07 -21.94 -6.63
C ALA A 412 26.98 -22.99 -6.73
N ASP A 413 25.78 -22.58 -7.10
CA ASP A 413 24.65 -23.52 -7.10
C ASP A 413 24.77 -24.48 -8.29
N ALA A 414 23.87 -25.45 -8.38
CA ALA A 414 23.94 -26.38 -9.50
C ALA A 414 22.57 -26.89 -9.88
N TRP A 415 22.37 -27.19 -11.16
CA TRP A 415 21.07 -27.60 -11.64
C TRP A 415 21.05 -29.08 -12.00
N LEU A 416 20.12 -29.82 -11.42
CA LEU A 416 20.00 -31.24 -11.67
C LEU A 416 19.35 -31.49 -13.01
N LEU A 417 20.09 -32.14 -13.91
CA LEU A 417 19.64 -32.43 -15.28
C LEU A 417 18.88 -33.75 -15.40
N THR A 418 19.13 -34.67 -14.46
CA THR A 418 18.41 -35.92 -14.33
C THR A 418 17.80 -36.04 -12.93
N ASN A 419 16.87 -36.98 -12.77
CA ASN A 419 16.16 -37.17 -11.50
C ASN A 419 16.91 -38.12 -10.57
N PRO A 420 17.35 -37.61 -9.39
CA PRO A 420 18.06 -38.48 -8.45
C PRO A 420 17.17 -39.61 -7.92
N SER A 421 15.86 -39.43 -8.08
CA SER A 421 14.88 -40.44 -7.67
C SER A 421 14.67 -41.54 -8.70
N SER A 422 15.29 -41.42 -9.86
CA SER A 422 15.07 -42.41 -10.92
C SER A 422 15.89 -43.67 -10.72
N THR A 423 17.00 -43.54 -10.01
CA THR A 423 17.76 -44.73 -9.63
C THR A 423 17.16 -45.42 -8.40
N SER A 424 17.41 -46.72 -8.28
CA SER A 424 16.90 -47.50 -7.15
C SER A 424 17.38 -46.96 -5.81
N THR A 425 18.67 -46.61 -5.71
CA THR A 425 19.14 -45.86 -4.55
C THR A 425 19.17 -44.38 -4.94
N PHE A 426 18.50 -43.54 -4.13
CA PHE A 426 18.41 -42.10 -4.38
C PHE A 426 19.79 -41.51 -4.67
N GLY A 427 19.89 -40.81 -5.80
CA GLY A 427 21.11 -40.10 -6.17
C GLY A 427 22.34 -40.94 -6.49
N SER A 428 22.18 -42.21 -6.83
CA SER A 428 23.35 -43.07 -7.08
C SER A 428 24.04 -42.73 -8.40
N GLU A 429 23.27 -42.11 -9.30
CA GLU A 429 23.82 -41.59 -10.55
C GLU A 429 23.09 -40.31 -10.93
N ALA A 430 23.60 -39.17 -10.48
CA ALA A 430 22.95 -37.89 -10.74
C ALA A 430 23.84 -37.01 -11.62
N THR A 431 23.20 -36.14 -12.40
CA THR A 431 23.90 -35.30 -13.36
C THR A 431 23.49 -33.86 -13.16
N PHE A 432 24.46 -32.97 -13.08
CA PHE A 432 24.17 -31.57 -12.82
C PHE A 432 25.12 -30.62 -13.54
N THR A 433 24.74 -29.35 -13.58
CA THR A 433 25.48 -28.36 -14.33
C THR A 433 25.49 -27.06 -13.56
N GLY A 434 26.55 -26.28 -13.75
CA GLY A 434 26.72 -25.02 -13.06
C GLY A 434 28.04 -24.40 -13.45
N SER A 435 28.45 -23.42 -12.64
CA SER A 435 29.80 -22.91 -12.75
C SER A 435 30.54 -23.18 -11.46
N TYR A 436 31.86 -23.19 -11.55
CA TYR A 436 32.67 -23.19 -10.37
C TYR A 436 34.01 -22.52 -10.67
N LEU A 437 34.71 -22.14 -9.61
CA LEU A 437 36.00 -21.50 -9.73
C LEU A 437 37.04 -22.58 -9.54
N ASN A 438 37.77 -22.86 -10.61
CA ASN A 438 38.67 -23.99 -10.62
C ASN A 438 40.07 -23.72 -10.08
N THR A 439 40.16 -23.52 -8.76
CA THR A 439 41.41 -23.50 -8.01
C THR A 439 41.11 -23.92 -6.59
N ALA A 440 42.16 -24.18 -5.84
CA ALA A 440 42.05 -24.64 -4.46
C ALA A 440 41.61 -23.54 -3.48
N THR A 441 42.20 -22.35 -3.61
CA THR A 441 42.07 -21.32 -2.59
C THR A 441 41.65 -19.96 -3.13
N GLN A 442 41.80 -19.75 -4.43
CA GLN A 442 41.52 -18.46 -5.00
C GLN A 442 40.22 -18.46 -5.78
N ARG A 443 39.61 -17.29 -5.88
CA ARG A 443 38.41 -17.11 -6.68
C ARG A 443 38.76 -16.65 -8.08
N ILE A 444 39.29 -17.57 -8.86
CA ILE A 444 39.67 -17.31 -10.24
C ILE A 444 39.27 -18.50 -11.09
N ASN A 445 39.40 -18.36 -12.40
CA ASN A 445 39.10 -19.41 -13.37
C ASN A 445 37.66 -19.94 -13.36
N PRO A 446 36.68 -19.07 -13.65
CA PRO A 446 35.28 -19.51 -13.75
C PRO A 446 35.10 -20.54 -14.85
N THR A 447 34.45 -21.66 -14.52
CA THR A 447 34.30 -22.75 -15.47
C THR A 447 32.90 -23.29 -15.46
N MET A 448 32.28 -23.35 -16.64
CA MET A 448 30.96 -23.97 -16.74
C MET A 448 31.18 -25.44 -17.00
N TYR A 449 30.41 -26.29 -16.31
CA TYR A 449 30.66 -27.73 -16.34
C TYR A 449 29.38 -28.53 -16.37
N ILE A 450 29.49 -29.76 -16.85
CA ILE A 450 28.51 -30.78 -16.53
C ILE A 450 29.22 -31.88 -15.76
N ALA A 451 28.58 -32.40 -14.73
CA ALA A 451 29.20 -33.40 -13.86
C ALA A 451 28.21 -34.48 -13.45
N ASN A 452 28.76 -35.65 -13.06
CA ASN A 452 28.03 -36.64 -12.27
C ASN A 452 28.64 -36.72 -10.88
N ASN A 453 28.27 -37.73 -10.10
CA ASN A 453 28.70 -37.82 -8.69
C ASN A 453 30.21 -37.81 -8.51
N THR A 454 30.92 -38.45 -9.44
CA THR A 454 32.35 -38.69 -9.27
C THR A 454 33.26 -37.96 -10.26
N GLN A 455 32.70 -37.46 -11.36
CA GLN A 455 33.55 -36.87 -12.38
C GLN A 455 32.86 -35.71 -13.10
N ILE A 456 33.67 -34.79 -13.61
CA ILE A 456 33.20 -33.76 -14.53
C ILE A 456 33.33 -34.28 -15.95
N ILE A 457 32.21 -34.29 -16.68
CA ILE A 457 32.19 -34.86 -18.03
C ILE A 457 32.21 -33.83 -19.19
N SER A 458 32.03 -32.57 -18.87
CA SER A 458 32.06 -31.52 -19.88
C SER A 458 32.39 -30.24 -19.15
N SER A 459 33.30 -29.45 -19.69
CA SER A 459 33.76 -28.24 -18.98
C SER A 459 34.33 -27.23 -19.96
N GLN A 460 34.03 -25.96 -19.73
CA GLN A 460 34.60 -24.91 -20.55
C GLN A 460 34.89 -23.71 -19.65
N GLN A 461 36.18 -23.41 -19.52
CA GLN A 461 36.62 -22.28 -18.73
C GLN A 461 36.27 -21.00 -19.45
N PHE A 462 35.76 -20.00 -18.71
CA PHE A 462 35.60 -18.69 -19.31
C PHE A 462 36.78 -17.76 -19.04
N GLY A 463 37.23 -17.07 -20.09
CA GLY A 463 38.34 -16.13 -19.99
C GLY A 463 39.69 -16.82 -19.90
N SER A 464 40.72 -16.04 -19.60
CA SER A 464 42.06 -16.60 -19.46
C SER A 464 42.39 -16.90 -18.01
N SER A 465 43.41 -17.72 -17.83
CA SER A 465 43.94 -18.03 -16.50
C SER A 465 44.07 -16.77 -15.65
N GLY A 466 43.65 -16.86 -14.40
CA GLY A 466 43.72 -15.73 -13.52
C GLY A 466 42.49 -14.84 -13.52
N GLN A 467 41.55 -15.09 -14.43
CA GLN A 467 40.33 -14.30 -14.49
C GLN A 467 39.58 -14.41 -13.17
N GLU A 468 39.43 -13.28 -12.48
CA GLU A 468 38.79 -13.31 -11.19
C GLU A 468 37.27 -13.36 -11.30
N ALA A 469 36.64 -14.10 -10.38
CA ALA A 469 35.19 -14.24 -10.38
C ALA A 469 34.68 -14.52 -8.96
N ALA A 470 33.37 -14.60 -8.79
CA ALA A 470 32.80 -14.95 -7.49
C ALA A 470 31.59 -15.90 -7.59
N TYR A 471 30.38 -15.45 -7.22
CA TYR A 471 29.18 -16.31 -7.24
C TYR A 471 28.71 -16.74 -8.64
N GLY A 472 28.02 -17.87 -8.72
CA GLY A 472 27.43 -18.33 -9.96
C GLY A 472 26.08 -19.02 -9.73
N HIS A 473 25.05 -18.51 -10.38
CA HIS A 473 23.70 -19.06 -10.35
C HIS A 473 23.39 -19.67 -11.70
N THR A 474 22.92 -20.91 -11.69
CA THR A 474 22.65 -21.61 -12.93
C THR A 474 21.21 -22.04 -12.96
N THR A 475 20.59 -21.90 -14.13
CA THR A 475 19.17 -22.19 -14.30
C THR A 475 18.98 -22.76 -15.71
N CYS A 476 18.30 -23.89 -15.78
CA CYS A 476 18.07 -24.57 -17.04
C CYS A 476 16.58 -24.62 -17.37
N PHE A 477 16.27 -24.68 -18.66
CA PHE A 477 14.90 -24.83 -19.11
C PHE A 477 14.88 -25.39 -20.53
N ARG A 478 13.76 -25.94 -20.93
CA ARG A 478 13.64 -26.58 -22.23
C ARG A 478 12.78 -25.80 -23.23
N ASP A 479 13.26 -25.77 -24.47
CA ASP A 479 12.48 -25.24 -25.58
C ASP A 479 11.68 -26.44 -26.10
N THR A 480 10.37 -26.42 -25.88
CA THR A 480 9.56 -27.56 -26.27
C THR A 480 9.21 -27.52 -27.76
N GLY A 481 9.68 -26.50 -28.46
CA GLY A 481 9.59 -26.45 -29.90
C GLY A 481 10.70 -27.25 -30.57
N SER A 482 11.92 -27.08 -30.08
CA SER A 482 13.09 -27.70 -30.69
C SER A 482 13.62 -28.84 -29.84
N VAL A 483 13.05 -28.98 -28.64
CA VAL A 483 13.48 -29.99 -27.65
C VAL A 483 14.92 -29.75 -27.13
N MET A 484 15.42 -28.54 -27.33
CA MET A 484 16.73 -28.19 -26.79
C MET A 484 16.62 -27.65 -25.38
N VAL A 485 17.58 -28.05 -24.55
CA VAL A 485 17.74 -27.49 -23.23
C VAL A 485 18.77 -26.36 -23.22
N TYR A 486 18.41 -25.22 -22.64
CA TYR A 486 19.35 -24.12 -22.50
C TYR A 486 19.59 -23.89 -21.04
N CYS A 487 20.83 -23.60 -20.70
CA CYS A 487 21.13 -23.18 -19.34
C CYS A 487 21.69 -21.78 -19.36
N ILE A 488 21.30 -20.99 -18.36
CA ILE A 488 21.90 -19.70 -18.17
C ILE A 488 22.78 -19.78 -16.92
N TYR A 489 24.01 -19.30 -17.07
CA TYR A 489 25.00 -19.28 -16.00
C TYR A 489 25.29 -17.82 -15.69
N ILE A 490 24.66 -17.33 -14.64
CA ILE A 490 24.84 -15.99 -14.15
C ILE A 490 26.10 -15.95 -13.28
N ILE A 491 27.18 -15.42 -13.84
CA ILE A 491 28.48 -15.42 -13.15
C ILE A 491 28.91 -13.98 -12.78
N GLU A 492 29.42 -13.82 -11.56
CA GLU A 492 29.97 -12.54 -11.15
C GLU A 492 31.41 -12.41 -11.64
N LEU A 493 31.64 -11.56 -12.64
CA LEU A 493 32.98 -11.44 -13.21
C LEU A 493 33.71 -10.16 -12.80
N SER A 494 34.98 -10.31 -12.44
CA SER A 494 35.82 -9.16 -12.18
C SER A 494 36.05 -8.44 -13.52
N SER A 495 35.81 -7.13 -13.52
CA SER A 495 35.86 -6.34 -14.76
C SER A 495 37.01 -5.31 -14.78
N SER A 496 37.59 -5.07 -15.95
CA SER A 496 38.68 -4.08 -16.07
C SER A 496 38.19 -2.75 -16.65
N LEU A 497 37.20 -2.84 -17.54
CA LEU A 497 36.64 -1.67 -18.21
C LEU A 497 35.73 -0.87 -17.26
N LEU A 498 34.47 -1.30 -17.13
CA LEU A 498 33.55 -0.62 -16.22
C LEU A 498 33.16 -1.46 -15.03
N GLY A 499 33.07 -0.82 -13.87
CA GLY A 499 32.72 -1.50 -12.64
C GLY A 499 33.87 -2.36 -12.13
N GLN A 500 33.80 -2.71 -10.85
CA GLN A 500 34.73 -3.68 -10.30
C GLN A 500 34.22 -5.06 -10.61
N PHE A 501 32.90 -5.21 -10.63
CA PHE A 501 32.26 -6.44 -11.08
C PHE A 501 31.20 -6.23 -12.15
N GLN A 502 31.10 -7.21 -13.02
CA GLN A 502 30.06 -7.26 -14.02
C GLN A 502 29.41 -8.63 -13.89
N ILE A 503 28.11 -8.65 -13.60
CA ILE A 503 27.37 -9.89 -13.52
C ILE A 503 26.85 -10.27 -14.90
N VAL A 504 27.26 -11.44 -15.39
CA VAL A 504 26.96 -11.82 -16.76
C VAL A 504 26.11 -13.07 -16.83
N PRO A 505 25.04 -13.02 -17.64
CA PRO A 505 24.20 -14.20 -17.84
C PRO A 505 24.60 -14.91 -19.12
N PHE A 506 25.57 -15.81 -19.03
CA PHE A 506 25.99 -16.56 -20.19
C PHE A 506 24.88 -17.52 -20.50
N ILE A 507 24.78 -17.92 -21.76
CA ILE A 507 23.75 -18.88 -22.11
C ILE A 507 24.28 -19.84 -23.14
N ARG A 508 23.92 -21.12 -22.99
CA ARG A 508 24.33 -22.13 -23.95
C ARG A 508 23.43 -23.36 -23.89
N GLN A 509 23.49 -24.19 -24.93
CA GLN A 509 22.73 -25.41 -24.96
C GLN A 509 23.42 -26.51 -24.16
N VAL A 510 22.64 -27.34 -23.50
CA VAL A 510 23.13 -28.62 -23.00
C VAL A 510 22.71 -29.66 -24.01
N THR A 511 23.66 -30.16 -24.78
CA THR A 511 23.33 -30.95 -25.95
C THR A 511 23.47 -32.45 -25.69
N LEU A 512 22.48 -33.20 -26.15
CA LEU A 512 22.53 -34.66 -26.15
C LEU A 512 23.26 -35.15 -27.38
N SER A 513 24.42 -35.77 -27.15
CA SER A 513 25.23 -36.32 -28.23
C SER A 513 25.69 -37.72 -27.83
N ILE B 9 6.77 53.10 -55.50
CA ILE B 9 6.66 52.89 -54.06
C ILE B 9 5.25 52.42 -53.68
N THR B 10 4.27 52.80 -54.49
CA THR B 10 2.87 52.49 -54.24
C THR B 10 2.58 50.99 -54.06
N ASP B 11 3.29 50.16 -54.83
CA ASP B 11 3.16 48.72 -54.73
C ASP B 11 3.51 48.24 -53.32
N LEU B 12 4.70 48.63 -52.87
CA LEU B 12 5.24 48.15 -51.60
C LEU B 12 4.84 49.03 -50.43
N LEU B 13 3.65 49.63 -50.53
CA LEU B 13 3.01 50.31 -49.43
C LEU B 13 1.62 49.70 -49.23
N ASN B 14 0.83 49.73 -50.29
CA ASN B 14 -0.50 49.13 -50.28
C ASN B 14 -0.47 47.63 -49.98
N ASN B 15 0.67 47.00 -50.30
CA ASN B 15 0.89 45.59 -50.00
C ASN B 15 0.93 45.31 -48.50
N ILE B 16 1.81 46.03 -47.79
CA ILE B 16 1.93 45.92 -46.34
C ILE B 16 0.59 46.10 -45.63
N LEU B 17 -0.12 47.18 -45.98
CA LEU B 17 -1.40 47.52 -45.37
C LEU B 17 -2.35 46.33 -45.30
N SER B 18 -2.65 45.75 -46.45
CA SER B 18 -3.56 44.62 -46.52
C SER B 18 -2.93 43.33 -46.00
N VAL B 19 -1.61 43.31 -45.89
CA VAL B 19 -0.87 42.17 -45.32
C VAL B 19 -0.76 42.29 -43.80
N ALA B 20 -0.39 43.48 -43.34
CA ALA B 20 -0.33 43.76 -41.91
C ALA B 20 -1.73 43.77 -41.31
N ASN B 21 -2.74 43.95 -42.17
CA ASN B 21 -4.14 43.82 -41.77
C ASN B 21 -4.52 42.36 -41.52
N GLN B 22 -4.05 41.47 -42.39
CA GLN B 22 -4.29 40.04 -42.22
C GLN B 22 -3.60 39.53 -40.96
N ILE B 23 -2.53 40.22 -40.56
CA ILE B 23 -1.81 39.89 -39.32
C ILE B 23 -2.63 40.31 -38.10
N ILE B 24 -3.17 41.54 -38.14
CA ILE B 24 -4.15 41.98 -37.15
C ILE B 24 -5.29 40.95 -37.07
N TYR B 25 -5.76 40.53 -38.25
CA TYR B 25 -6.81 39.54 -38.35
C TYR B 25 -6.40 38.21 -37.70
N ASN B 26 -5.23 37.72 -38.08
CA ASN B 26 -4.70 36.47 -37.53
C ASN B 26 -4.57 36.47 -36.02
N SER B 27 -4.23 37.63 -35.47
CA SER B 27 -3.86 37.75 -34.06
C SER B 27 -5.05 38.13 -33.15
N ALA B 28 -6.10 38.69 -33.75
CA ALA B 28 -7.23 39.19 -32.98
C ALA B 28 -8.45 38.26 -33.02
N VAL B 29 -8.70 37.64 -34.16
CA VAL B 29 -9.88 36.78 -34.29
C VAL B 29 -9.53 35.35 -34.76
N ALA B 30 -8.56 35.21 -35.66
CA ALA B 30 -8.21 33.90 -36.21
C ALA B 30 -7.52 32.95 -35.22
N LEU B 31 -6.51 33.45 -34.51
CA LEU B 31 -5.81 32.64 -33.52
C LEU B 31 -6.55 32.44 -32.19
N PRO B 32 -7.23 33.50 -31.67
CA PRO B 32 -8.06 33.26 -30.47
C PRO B 32 -9.19 32.26 -30.72
N LEU B 33 -9.67 32.16 -31.96
CA LEU B 33 -10.75 31.25 -32.30
C LEU B 33 -10.31 29.79 -32.26
N GLN B 34 -9.12 29.53 -32.79
CA GLN B 34 -8.54 28.20 -32.75
C GLN B 34 -8.22 27.83 -31.31
N LEU B 35 -8.00 28.84 -30.47
CA LEU B 35 -7.78 28.64 -29.05
C LEU B 35 -9.07 28.25 -28.30
N ASP B 36 -10.19 28.82 -28.72
CA ASP B 36 -11.46 28.48 -28.11
C ASP B 36 -11.90 27.08 -28.52
N THR B 37 -11.75 26.78 -29.81
CA THR B 37 -12.04 25.44 -30.33
C THR B 37 -11.19 24.38 -29.62
N LEU B 38 -9.90 24.67 -29.44
CA LEU B 38 -8.97 23.78 -28.73
C LEU B 38 -9.43 23.49 -27.30
N GLU B 39 -9.68 24.56 -26.54
CA GLU B 39 -10.11 24.46 -25.13
C GLU B 39 -11.35 23.59 -24.96
N SER B 40 -12.32 23.77 -25.85
CA SER B 40 -13.56 23.03 -25.80
C SER B 40 -13.36 21.53 -26.05
N THR B 41 -12.53 21.18 -27.04
CA THR B 41 -12.35 19.78 -27.41
C THR B 41 -11.64 18.96 -26.33
N LEU B 42 -10.88 19.62 -25.46
CA LEU B 42 -10.19 18.87 -24.41
C LEU B 42 -10.80 19.05 -23.01
N LEU B 43 -11.61 20.10 -22.83
CA LEU B 43 -12.46 20.16 -21.65
C LEU B 43 -13.51 19.07 -21.78
N THR B 44 -13.85 18.75 -23.03
CA THR B 44 -14.78 17.67 -23.35
C THR B 44 -13.99 16.38 -23.62
N ALA B 45 -13.06 16.10 -22.74
CA ALA B 45 -12.21 14.92 -22.83
C ALA B 45 -11.59 14.72 -21.47
N ILE B 46 -11.54 15.82 -20.72
CA ILE B 46 -11.15 15.81 -19.32
C ILE B 46 -12.36 15.44 -18.46
N LYS B 47 -13.47 16.15 -18.66
CA LYS B 47 -14.72 15.80 -17.99
C LYS B 47 -15.08 14.35 -18.28
N SER B 48 -14.84 13.91 -19.52
CA SER B 48 -15.18 12.55 -19.94
C SER B 48 -14.33 11.46 -19.27
N LEU B 49 -14.10 11.60 -17.98
CA LEU B 49 -13.40 10.55 -17.23
C LEU B 49 -14.29 10.00 -16.12
N GLN B 50 -15.03 10.90 -15.46
CA GLN B 50 -15.99 10.51 -14.45
C GLN B 50 -17.23 11.39 -14.55
N LEU B 55 -23.77 6.61 -6.49
CA LEU B 55 -22.48 6.47 -5.81
C LEU B 55 -22.41 7.36 -4.59
N GLU B 56 -23.52 8.04 -4.32
CA GLU B 56 -23.64 8.86 -3.14
C GLU B 56 -24.86 8.38 -2.36
N GLN B 57 -25.62 7.48 -2.99
CA GLN B 57 -26.67 6.71 -2.31
C GLN B 57 -26.01 5.66 -1.41
N ASN B 58 -24.82 5.20 -1.82
CA ASN B 58 -24.09 4.15 -1.10
C ASN B 58 -23.03 4.69 -0.15
N CYS B 59 -23.01 6.00 0.07
CA CYS B 59 -21.93 6.62 0.83
C CYS B 59 -22.32 7.13 2.21
N SER B 60 -21.64 6.65 3.24
CA SER B 60 -21.71 7.28 4.55
C SER B 60 -20.54 8.25 4.68
N TRP B 61 -20.85 9.53 4.49
CA TRP B 61 -19.85 10.60 4.37
C TRP B 61 -19.15 10.89 5.70
N SER B 62 -17.83 10.99 5.66
CA SER B 62 -17.03 11.16 6.88
C SER B 62 -17.28 12.47 7.64
N ALA B 63 -18.09 13.38 7.10
CA ALA B 63 -18.58 14.48 7.93
C ALA B 63 -19.82 14.05 8.77
N ALA B 64 -19.97 12.73 8.96
CA ALA B 64 -20.82 12.18 10.01
C ALA B 64 -19.88 12.23 11.17
N LEU B 65 -18.68 11.70 10.93
CA LEU B 65 -17.61 11.67 11.92
C LEU B 65 -17.21 13.09 12.31
N ILE B 66 -18.21 13.92 12.61
CA ILE B 66 -17.95 15.25 13.15
C ILE B 66 -18.71 15.49 14.47
N ASN B 67 -17.96 15.80 15.52
CA ASN B 67 -18.57 16.18 16.78
C ASN B 67 -19.59 17.31 16.52
N ASP B 68 -20.57 17.42 17.39
CA ASP B 68 -21.59 18.45 17.27
C ASP B 68 -20.99 19.85 17.46
N ASN B 69 -21.62 20.84 16.84
CA ASN B 69 -21.18 22.24 16.98
C ASN B 69 -21.04 22.72 18.43
N ARG B 70 -21.70 22.00 19.34
CA ARG B 70 -21.59 22.30 20.77
C ARG B 70 -20.24 21.91 21.37
N TYR B 71 -19.46 21.08 20.67
CA TYR B 71 -18.22 20.56 21.27
C TYR B 71 -16.97 20.84 20.46
N ILE B 72 -17.11 21.10 19.16
CA ILE B 72 -15.94 21.27 18.28
C ILE B 72 -14.94 22.33 18.76
N ASN B 73 -15.44 23.37 19.42
CA ASN B 73 -14.57 24.42 19.96
C ASN B 73 -14.36 24.33 21.45
N GLY B 74 -14.68 23.19 22.04
CA GLY B 74 -14.55 23.02 23.49
C GLY B 74 -13.60 21.93 23.93
N ILE B 75 -12.77 21.45 23.00
CA ILE B 75 -11.93 20.28 23.25
C ILE B 75 -10.43 20.62 23.37
N ASN B 76 -9.73 19.89 24.25
CA ASN B 76 -8.30 20.09 24.48
C ASN B 76 -7.91 21.54 24.85
N GLN B 77 -8.50 22.07 25.92
CA GLN B 77 -8.20 23.40 26.42
C GLN B 77 -8.17 23.38 27.94
N PHE B 78 -7.62 24.44 28.52
CA PHE B 78 -7.79 24.70 29.95
C PHE B 78 -9.11 25.45 30.11
N TYR B 79 -10.04 24.91 30.90
CA TYR B 79 -11.39 25.48 30.92
C TYR B 79 -11.62 26.56 31.96
N PHE B 80 -10.77 26.67 32.97
CA PHE B 80 -11.00 27.64 34.03
C PHE B 80 -9.81 28.51 34.40
N SER B 81 -10.11 29.76 34.74
CA SER B 81 -9.12 30.64 35.34
C SER B 81 -8.66 30.06 36.67
N ILE B 82 -7.47 30.45 37.11
CA ILE B 82 -6.95 30.06 38.41
C ILE B 82 -7.97 30.35 39.52
N ALA B 83 -8.61 31.51 39.45
CA ALA B 83 -9.62 31.93 40.42
C ALA B 83 -10.87 31.05 40.37
N GLU B 84 -11.36 30.76 39.17
CA GLU B 84 -12.49 29.85 39.03
C GLU B 84 -12.17 28.47 39.59
N GLY B 85 -10.90 28.10 39.54
CA GLY B 85 -10.45 26.77 39.94
C GLY B 85 -10.70 26.42 41.40
N ARG B 86 -10.86 27.43 42.24
CA ARG B 86 -11.05 27.21 43.67
C ARG B 86 -12.47 26.79 43.98
N ASN B 87 -13.38 27.07 43.06
CA ASN B 87 -14.80 26.93 43.30
C ASN B 87 -15.47 25.79 42.54
N LEU B 88 -14.67 24.87 42.03
CA LEU B 88 -15.18 23.75 41.24
C LEU B 88 -15.62 22.57 42.13
N THR B 89 -16.73 21.94 41.76
CA THR B 89 -17.16 20.70 42.40
C THR B 89 -17.69 19.71 41.36
N LEU B 90 -17.81 18.44 41.76
CA LEU B 90 -18.38 17.42 40.89
C LEU B 90 -19.91 17.47 40.94
N GLY B 91 -20.55 17.36 39.78
CA GLY B 91 -21.98 17.18 39.72
C GLY B 91 -22.35 15.71 39.85
N PRO B 92 -23.66 15.42 39.87
CA PRO B 92 -24.11 14.03 39.96
C PRO B 92 -23.77 13.25 38.69
N LEU B 93 -23.62 11.94 38.78
CA LEU B 93 -23.43 11.10 37.60
C LEU B 93 -24.61 11.21 36.65
N LEU B 94 -24.33 11.19 35.36
CA LEU B 94 -25.35 11.37 34.34
C LEU B 94 -25.48 10.08 33.57
N ASN B 95 -26.70 9.74 33.17
CA ASN B 95 -26.87 8.47 32.52
C ASN B 95 -26.79 8.53 31.00
N MET B 96 -25.73 7.99 30.43
CA MET B 96 -25.74 7.77 29.00
C MET B 96 -25.63 6.30 28.65
N PRO B 97 -25.95 5.94 27.39
CA PRO B 97 -25.67 4.57 26.94
C PRO B 97 -24.16 4.38 26.75
N SER B 98 -23.54 3.58 27.62
CA SER B 98 -22.11 3.37 27.55
C SER B 98 -21.68 2.91 26.15
N PHE B 99 -20.58 3.47 25.65
CA PHE B 99 -20.01 3.04 24.38
C PHE B 99 -19.00 1.92 24.56
N ILE B 100 -18.70 1.61 25.81
CA ILE B 100 -17.72 0.56 26.13
C ILE B 100 -18.42 -0.80 26.31
N PRO B 101 -18.12 -1.76 25.42
CA PRO B 101 -18.76 -3.09 25.45
C PRO B 101 -18.37 -3.94 26.67
N THR B 102 -19.36 -4.62 27.22
CA THR B 102 -19.12 -5.48 28.36
C THR B 102 -18.99 -6.93 27.90
N ALA B 103 -18.73 -7.84 28.84
CA ALA B 103 -18.57 -9.27 28.55
C ALA B 103 -19.91 -9.97 28.43
N THR B 104 -19.90 -11.14 27.80
CA THR B 104 -21.12 -11.95 27.65
C THR B 104 -21.05 -13.32 28.36
N THR B 105 -20.02 -13.51 29.17
CA THR B 105 -19.92 -14.71 30.00
C THR B 105 -19.44 -14.23 31.34
N PRO B 106 -19.64 -15.05 32.40
CA PRO B 106 -19.12 -14.70 33.72
C PRO B 106 -17.61 -14.51 33.74
N GLU B 107 -16.86 -15.23 32.91
CA GLU B 107 -15.41 -15.23 33.05
C GLU B 107 -14.68 -14.24 32.11
N GLY B 108 -15.41 -13.58 31.22
CA GLY B 108 -14.82 -12.62 30.30
C GLY B 108 -14.16 -11.45 31.04
N CYS B 109 -13.15 -10.86 30.42
CA CYS B 109 -12.38 -9.81 31.06
C CYS B 109 -12.11 -8.71 30.05
N THR B 110 -12.43 -7.47 30.39
CA THR B 110 -11.96 -6.36 29.58
C THR B 110 -10.97 -5.54 30.42
N ARG B 111 -9.79 -5.25 29.89
CA ARG B 111 -8.77 -4.48 30.61
C ARG B 111 -8.06 -3.46 29.73
N ILE B 112 -7.42 -2.49 30.38
CA ILE B 112 -6.50 -1.57 29.70
C ILE B 112 -7.19 -0.72 28.61
N PRO B 113 -8.05 0.20 29.03
CA PRO B 113 -8.65 1.09 28.05
C PRO B 113 -7.63 2.12 27.56
N SER B 114 -7.85 2.62 26.35
CA SER B 114 -7.16 3.80 25.89
C SER B 114 -8.21 4.64 25.18
N PHE B 115 -8.17 5.95 25.40
CA PHE B 115 -9.21 6.84 24.90
C PHE B 115 -8.67 8.19 24.44
N SER B 116 -9.06 8.60 23.23
CA SER B 116 -8.55 9.83 22.64
C SER B 116 -9.67 10.64 22.00
N LEU B 117 -9.75 11.91 22.37
CA LEU B 117 -10.77 12.84 21.86
C LEU B 117 -10.16 14.11 21.31
N THR B 118 -10.39 14.38 20.02
CA THR B 118 -10.01 15.68 19.45
C THR B 118 -11.22 16.42 18.92
N LYS B 119 -10.95 17.56 18.31
CA LYS B 119 -11.98 18.44 17.74
C LYS B 119 -13.11 17.71 16.99
N THR B 120 -12.75 16.77 16.13
CA THR B 120 -13.69 16.11 15.22
C THR B 120 -14.36 14.84 15.76
N HIS B 121 -13.62 14.01 16.48
CA HIS B 121 -14.14 12.71 16.91
C HIS B 121 -13.33 12.12 18.06
N TRP B 122 -13.77 10.97 18.56
CA TRP B 122 -13.00 10.22 19.54
C TRP B 122 -12.63 8.81 19.05
N CYS B 123 -11.58 8.25 19.66
CA CYS B 123 -11.19 6.86 19.48
C CYS B 123 -11.11 6.15 20.84
N TYR B 124 -11.43 4.86 20.85
CA TYR B 124 -11.41 4.07 22.08
C TYR B 124 -10.94 2.63 21.81
N THR B 125 -10.20 2.06 22.75
CA THR B 125 -9.80 0.67 22.61
C THR B 125 -9.60 0.00 23.95
N HIS B 126 -9.79 -1.32 23.96
CA HIS B 126 -9.44 -2.11 25.14
C HIS B 126 -9.18 -3.59 24.82
N ASN B 127 -8.56 -4.26 25.79
CA ASN B 127 -8.14 -5.63 25.64
C ASN B 127 -9.21 -6.58 26.18
N VAL B 128 -9.49 -7.63 25.41
CA VAL B 128 -10.51 -8.62 25.76
C VAL B 128 -9.86 -9.97 25.96
N ILE B 129 -10.04 -10.52 27.17
CA ILE B 129 -9.52 -11.83 27.50
C ILE B 129 -10.72 -12.74 27.73
N LEU B 130 -10.77 -13.85 26.99
CA LEU B 130 -11.94 -14.74 27.02
C LEU B 130 -12.11 -15.46 28.36
N ASN B 131 -11.01 -15.97 28.91
CA ASN B 131 -11.08 -16.83 30.09
C ASN B 131 -10.37 -16.25 31.30
N GLY B 132 -10.91 -15.17 31.84
CA GLY B 132 -10.40 -14.63 33.09
C GLY B 132 -9.23 -13.67 32.94
N CYS B 133 -9.02 -12.86 33.96
CA CYS B 133 -8.00 -11.81 33.92
C CYS B 133 -6.60 -12.36 34.07
N GLN B 134 -6.48 -13.57 34.59
CA GLN B 134 -5.18 -14.10 34.94
C GLN B 134 -4.49 -14.64 33.70
N ASP B 135 -5.27 -14.84 32.64
CA ASP B 135 -4.69 -15.31 31.39
C ASP B 135 -4.06 -14.14 30.65
N HIS B 136 -2.73 -14.15 30.53
CA HIS B 136 -1.99 -13.08 29.84
C HIS B 136 -1.43 -13.57 28.51
N VAL B 137 -1.75 -14.82 28.17
CA VAL B 137 -1.43 -15.42 26.90
C VAL B 137 -2.68 -15.24 26.08
N SER B 138 -2.58 -14.98 24.80
CA SER B 138 -3.80 -14.80 23.98
C SER B 138 -4.96 -13.83 24.43
N SER B 139 -5.26 -12.87 23.57
CA SER B 139 -6.33 -11.92 23.84
C SER B 139 -6.75 -11.27 22.53
N ASN B 140 -7.82 -10.48 22.58
CA ASN B 140 -8.25 -9.77 21.39
C ASN B 140 -8.37 -8.30 21.74
N GLN B 141 -8.44 -7.44 20.74
CA GLN B 141 -8.43 -6.00 21.02
C GLN B 141 -9.59 -5.29 20.35
N PHE B 142 -10.46 -4.71 21.16
CA PHE B 142 -11.64 -4.00 20.67
C PHE B 142 -11.28 -2.54 20.34
N VAL B 143 -11.76 -2.04 19.20
CA VAL B 143 -11.50 -0.65 18.79
C VAL B 143 -12.80 0.02 18.35
N SER B 144 -13.02 1.26 18.76
CA SER B 144 -14.16 2.00 18.23
C SER B 144 -13.87 3.47 18.02
N MET B 145 -14.68 4.10 17.18
CA MET B 145 -14.56 5.53 16.94
C MET B 145 -15.95 6.12 16.80
N GLY B 146 -16.09 7.39 17.15
CA GLY B 146 -17.35 8.05 16.95
C GLY B 146 -17.30 9.51 17.31
N ILE B 147 -18.47 10.10 17.53
CA ILE B 147 -18.52 11.51 17.83
C ILE B 147 -19.36 11.74 19.06
N ILE B 148 -19.43 13.00 19.47
CA ILE B 148 -20.27 13.39 20.58
C ILE B 148 -21.39 14.26 20.06
N GLU B 149 -22.59 13.98 20.52
CA GLU B 149 -23.71 14.83 20.17
C GLU B 149 -24.57 15.09 21.42
N PRO B 150 -25.26 16.22 21.48
CA PRO B 150 -26.03 16.51 22.71
C PRO B 150 -27.33 15.74 22.79
N THR B 151 -27.76 15.41 24.00
CA THR B 151 -29.07 14.79 24.16
C THR B 151 -30.11 15.83 24.57
N SER B 152 -31.37 15.42 24.65
CA SER B 152 -32.47 16.33 24.96
C SER B 152 -32.40 16.83 26.39
N ALA B 153 -31.62 16.14 27.23
CA ALA B 153 -31.41 16.58 28.60
C ALA B 153 -30.26 17.59 28.69
N GLY B 154 -29.50 17.70 27.60
CA GLY B 154 -28.46 18.70 27.54
C GLY B 154 -27.06 18.14 27.69
N PHE B 155 -26.95 16.85 28.03
CA PHE B 155 -25.63 16.29 28.25
C PHE B 155 -25.14 15.39 27.10
N PRO B 156 -23.82 15.13 27.03
CA PRO B 156 -23.25 14.47 25.85
C PRO B 156 -23.69 13.04 25.69
N PHE B 157 -23.81 12.61 24.44
CA PHE B 157 -23.89 11.22 24.09
C PHE B 157 -22.68 10.93 23.22
N PHE B 158 -21.88 9.93 23.60
CA PHE B 158 -20.80 9.44 22.78
C PHE B 158 -21.33 8.42 21.76
N ARG B 159 -21.44 8.84 20.51
CA ARG B 159 -22.09 8.05 19.50
C ARG B 159 -21.06 7.27 18.68
N THR B 160 -21.16 5.93 18.73
CA THR B 160 -20.24 5.06 18.02
C THR B 160 -20.58 5.03 16.54
N LEU B 161 -19.58 5.28 15.71
CA LEU B 161 -19.77 5.25 14.26
C LEU B 161 -19.08 4.06 13.57
N LYS B 162 -18.14 3.43 14.28
CA LYS B 162 -17.54 2.19 13.81
C LYS B 162 -16.95 1.42 14.98
N THR B 163 -17.08 0.09 14.95
CA THR B 163 -16.30 -0.79 15.82
C THR B 163 -15.39 -1.70 14.99
N LEU B 164 -14.29 -2.15 15.61
CA LEU B 164 -13.44 -3.18 15.04
C LEU B 164 -13.07 -4.14 16.17
N TYR B 165 -12.77 -5.38 15.84
CA TYR B 165 -12.35 -6.34 16.84
C TYR B 165 -11.17 -7.09 16.26
N LEU B 166 -9.98 -6.78 16.76
CA LEU B 166 -8.78 -7.41 16.25
C LEU B 166 -8.64 -8.77 16.92
N SER B 167 -8.89 -9.81 16.14
CA SER B 167 -9.11 -11.12 16.71
C SER B 167 -8.49 -12.19 15.84
N ASP B 168 -7.18 -12.14 15.66
CA ASP B 168 -6.53 -13.05 14.73
C ASP B 168 -5.55 -14.01 15.40
N GLY B 169 -5.58 -14.09 16.73
CA GLY B 169 -4.65 -14.95 17.44
C GLY B 169 -3.36 -14.24 17.79
N VAL B 170 -3.22 -12.98 17.40
CA VAL B 170 -2.05 -12.19 17.80
C VAL B 170 -2.33 -11.54 19.15
N ASN B 171 -1.36 -11.66 20.05
CA ASN B 171 -1.48 -11.19 21.42
C ASN B 171 -1.07 -9.72 21.55
N ARG B 172 -1.83 -8.83 20.92
CA ARG B 172 -1.64 -7.39 21.05
C ARG B 172 -1.92 -6.93 22.49
N LYS B 173 -0.95 -6.24 23.10
CA LYS B 173 -1.03 -5.83 24.51
C LYS B 173 -0.56 -4.40 24.77
N SER B 174 -0.96 -3.85 25.90
CA SER B 174 -0.58 -2.51 26.33
C SER B 174 -0.87 -1.39 25.33
N CYS B 175 -1.87 -1.59 24.47
CA CYS B 175 -2.18 -0.64 23.38
C CYS B 175 -2.58 0.77 23.83
N SER B 176 -1.99 1.78 23.18
CA SER B 176 -2.39 3.19 23.27
C SER B 176 -3.05 3.61 21.97
N ILE B 177 -4.01 4.51 22.05
CA ILE B 177 -4.68 4.98 20.84
C ILE B 177 -4.68 6.51 20.73
N SER B 178 -4.78 7.02 19.51
CA SER B 178 -4.85 8.46 19.23
C SER B 178 -5.78 8.70 18.04
N THR B 179 -6.52 9.80 18.05
CA THR B 179 -7.24 10.16 16.85
C THR B 179 -6.21 10.58 15.81
N VAL B 180 -6.59 10.49 14.53
CA VAL B 180 -5.86 11.13 13.44
C VAL B 180 -6.97 11.65 12.55
N PRO B 181 -6.66 12.55 11.61
CA PRO B 181 -7.75 12.93 10.71
C PRO B 181 -8.32 11.71 9.96
N GLY B 182 -9.62 11.52 10.08
CA GLY B 182 -10.31 10.42 9.40
C GLY B 182 -10.36 9.11 10.14
N GLY B 183 -9.69 9.01 11.28
CA GLY B 183 -9.72 7.77 12.03
C GLY B 183 -8.84 7.73 13.26
N CYS B 184 -8.19 6.58 13.46
CA CYS B 184 -7.43 6.31 14.68
C CYS B 184 -6.11 5.66 14.32
N MET B 185 -5.09 5.90 15.15
CA MET B 185 -3.85 5.16 15.05
C MET B 185 -3.61 4.50 16.38
N MET B 186 -3.37 3.20 16.33
CA MET B 186 -3.16 2.47 17.57
C MET B 186 -1.76 1.90 17.60
N TYR B 187 -1.19 1.89 18.79
CA TYR B 187 0.15 1.41 18.99
C TYR B 187 0.12 0.33 20.06
N CYS B 188 0.60 -0.86 19.68
CA CYS B 188 0.57 -2.03 20.55
C CYS B 188 1.92 -2.72 20.46
N PHE B 189 2.26 -3.52 21.46
CA PHE B 189 3.37 -4.46 21.29
C PHE B 189 2.81 -5.87 21.36
N VAL B 190 3.57 -6.84 20.87
CA VAL B 190 3.11 -8.23 20.91
C VAL B 190 3.80 -9.03 22.02
N SER B 191 3.00 -9.52 22.98
CA SER B 191 3.49 -10.26 24.14
C SER B 191 3.53 -11.79 23.92
N THR B 192 4.71 -12.40 24.08
CA THR B 192 4.89 -13.83 23.82
C THR B 192 5.45 -14.60 25.02
N GLN B 193 5.63 -13.89 26.14
CA GLN B 193 6.21 -14.45 27.35
C GLN B 193 5.81 -13.48 28.47
N PRO B 194 5.97 -13.89 29.74
CA PRO B 194 5.60 -12.95 30.83
C PRO B 194 6.41 -11.65 30.84
N GLU B 195 5.84 -10.60 31.44
CA GLU B 195 6.46 -9.28 31.53
C GLU B 195 7.91 -9.34 32.01
N ARG B 196 8.16 -10.07 33.10
CA ARG B 196 9.50 -10.13 33.64
C ARG B 196 10.53 -10.72 32.66
N ASP B 197 10.09 -11.67 31.84
CA ASP B 197 10.96 -12.27 30.82
C ASP B 197 11.30 -11.30 29.71
N ASP B 198 10.39 -10.36 29.42
CA ASP B 198 10.70 -9.25 28.51
C ASP B 198 11.84 -8.38 29.06
N TYR B 199 11.92 -8.18 30.36
CA TYR B 199 13.04 -7.37 30.82
C TYR B 199 14.35 -8.16 30.76
N PHE B 200 14.28 -9.46 30.98
CA PHE B 200 15.51 -10.25 31.00
C PHE B 200 16.08 -10.49 29.61
N SER B 201 15.22 -10.79 28.65
CA SER B 201 15.78 -11.15 27.34
C SER B 201 16.25 -9.93 26.58
N ALA B 202 17.24 -10.13 25.75
CA ALA B 202 18.04 -9.02 25.28
C ALA B 202 17.46 -8.42 24.01
N ALA B 203 16.51 -9.12 23.40
CA ALA B 203 15.86 -8.64 22.19
C ALA B 203 14.46 -8.12 22.53
N PRO B 204 14.13 -6.90 22.10
CA PRO B 204 12.83 -6.30 22.44
C PRO B 204 11.66 -7.03 21.77
N PRO B 205 10.44 -6.88 22.31
CA PRO B 205 9.26 -7.46 21.69
C PRO B 205 8.85 -6.71 20.41
N GLU B 206 8.04 -7.37 19.61
CA GLU B 206 7.59 -6.83 18.34
C GLU B 206 6.63 -5.65 18.57
N GLN B 207 6.87 -4.55 17.86
CA GLN B 207 6.05 -3.34 17.97
C GLN B 207 5.16 -3.19 16.76
N ARG B 208 3.94 -2.73 16.98
CA ARG B 208 3.00 -2.57 15.88
C ARG B 208 2.22 -1.27 15.89
N ILE B 209 2.04 -0.73 14.69
CA ILE B 209 1.21 0.45 14.48
C ILE B 209 0.05 0.06 13.57
N ILE B 210 -1.16 0.32 14.05
CA ILE B 210 -2.40 0.02 13.34
C ILE B 210 -3.18 1.31 13.06
N ILE B 211 -3.41 1.59 11.78
CA ILE B 211 -4.16 2.77 11.37
C ILE B 211 -5.51 2.32 10.82
N MET B 212 -6.56 2.88 11.40
CA MET B 212 -7.93 2.50 11.06
C MET B 212 -8.74 3.72 10.68
N TYR B 213 -9.25 3.72 9.45
CA TYR B 213 -9.98 4.89 8.98
C TYR B 213 -11.46 4.65 8.95
N TYR B 214 -12.24 5.73 8.98
CA TYR B 214 -13.68 5.64 8.84
C TYR B 214 -14.09 5.02 7.49
N ASN B 215 -13.24 5.20 6.48
CA ASN B 215 -13.51 4.63 5.15
C ASN B 215 -13.18 3.14 5.05
N ASP B 216 -12.86 2.52 6.19
CA ASP B 216 -12.72 1.06 6.33
C ASP B 216 -11.35 0.52 5.90
N THR B 217 -10.49 1.40 5.46
CA THR B 217 -9.10 1.06 5.27
C THR B 217 -8.44 0.80 6.63
N ILE B 218 -7.67 -0.28 6.69
CA ILE B 218 -6.90 -0.65 7.85
C ILE B 218 -5.52 -1.07 7.39
N VAL B 219 -4.50 -0.36 7.84
CA VAL B 219 -3.15 -0.87 7.63
C VAL B 219 -2.41 -1.07 8.95
N GLU B 220 -1.96 -2.31 9.13
CA GLU B 220 -1.23 -2.66 10.34
C GLU B 220 0.19 -3.02 9.96
N ARG B 221 1.15 -2.41 10.62
CA ARG B 221 2.54 -2.70 10.28
C ARG B 221 3.43 -2.92 11.49
N ILE B 222 4.42 -3.79 11.33
CA ILE B 222 5.46 -3.90 12.32
C ILE B 222 6.42 -2.72 12.11
N ILE B 223 6.82 -2.06 13.18
CA ILE B 223 7.75 -0.95 13.05
C ILE B 223 9.04 -1.28 13.80
N ASN B 224 10.11 -0.58 13.42
CA ASN B 224 11.40 -0.81 14.04
C ASN B 224 12.07 0.53 14.20
N PRO B 225 11.71 1.26 15.27
CA PRO B 225 12.35 2.57 15.45
C PRO B 225 13.86 2.45 15.60
N PRO B 226 14.60 3.38 14.99
CA PRO B 226 16.07 3.37 15.16
C PRO B 226 16.49 3.50 16.63
N GLY B 227 17.57 2.83 16.98
CA GLY B 227 18.09 2.90 18.35
C GLY B 227 17.28 2.11 19.37
N VAL B 228 16.52 1.12 18.91
CA VAL B 228 15.81 0.25 19.85
C VAL B 228 16.53 -1.08 20.02
N LEU B 229 16.71 -1.81 18.91
CA LEU B 229 17.44 -3.08 18.89
C LEU B 229 18.80 -2.94 19.55
N ASP B 230 19.10 -3.85 20.47
CA ASP B 230 20.38 -3.86 21.19
C ASP B 230 20.55 -2.67 22.14
N VAL B 231 19.45 -1.97 22.42
CA VAL B 231 19.48 -0.89 23.40
C VAL B 231 18.33 -1.03 24.39
N TRP B 232 17.13 -1.31 23.88
CA TRP B 232 15.99 -1.57 24.76
C TRP B 232 15.70 -3.07 24.89
N ALA B 233 15.88 -3.62 26.08
CA ALA B 233 15.50 -5.01 26.32
C ALA B 233 14.01 -5.18 26.10
N THR B 234 13.20 -4.21 26.52
CA THR B 234 11.79 -4.24 26.15
C THR B 234 11.24 -2.82 26.01
N LEU B 235 10.06 -2.72 25.40
CA LEU B 235 9.45 -1.44 25.05
C LEU B 235 7.93 -1.62 24.92
N ASN B 236 7.15 -0.81 25.65
CA ASN B 236 5.68 -0.88 25.62
C ASN B 236 5.11 0.51 25.35
N PRO B 237 3.92 0.58 24.75
CA PRO B 237 3.16 1.82 24.82
C PRO B 237 2.68 2.02 26.27
N GLY B 238 2.39 3.25 26.67
CA GLY B 238 2.06 3.52 28.05
C GLY B 238 0.59 3.36 28.38
N THR B 239 -0.19 2.95 27.38
CA THR B 239 -1.64 2.72 27.45
C THR B 239 -2.50 3.98 27.45
N GLY B 240 -1.96 5.11 27.89
CA GLY B 240 -2.70 6.36 27.79
C GLY B 240 -2.77 6.80 26.34
N SER B 241 -3.71 7.69 26.04
CA SER B 241 -3.86 8.19 24.68
C SER B 241 -2.55 8.74 24.15
N GLY B 242 -2.33 8.57 22.85
CA GLY B 242 -1.32 9.37 22.17
C GLY B 242 -1.99 10.66 21.71
N VAL B 243 -1.23 11.53 21.04
CA VAL B 243 -1.79 12.76 20.48
C VAL B 243 -1.32 13.01 19.05
N TYR B 244 -2.16 13.72 18.28
CA TYR B 244 -1.80 14.14 16.94
C TYR B 244 -1.25 15.57 16.99
N TYR B 245 0.01 15.73 16.60
CA TYR B 245 0.72 16.97 16.84
C TYR B 245 1.63 17.29 15.68
N LEU B 246 1.35 18.42 15.03
CA LEU B 246 2.14 18.92 13.92
C LEU B 246 2.41 17.84 12.88
N GLY B 247 1.38 17.07 12.55
CA GLY B 247 1.48 16.04 11.54
C GLY B 247 2.08 14.72 12.02
N TRP B 248 2.48 14.67 13.29
CA TRP B 248 3.01 13.45 13.88
C TRP B 248 2.06 12.90 14.94
N VAL B 249 2.13 11.59 15.16
CA VAL B 249 1.39 10.99 16.26
C VAL B 249 2.39 10.60 17.35
N LEU B 250 2.18 11.14 18.55
CA LEU B 250 3.06 10.87 19.68
C LEU B 250 2.36 9.91 20.64
N PHE B 251 3.07 8.88 21.10
CA PHE B 251 2.53 7.94 22.07
C PHE B 251 3.42 7.91 23.30
N PRO B 252 2.83 7.71 24.47
CA PRO B 252 3.69 7.49 25.63
C PRO B 252 4.32 6.10 25.54
N ILE B 253 5.60 5.96 25.91
CA ILE B 253 6.21 4.63 26.00
C ILE B 253 6.94 4.45 27.31
N TYR B 254 7.27 3.19 27.61
CA TYR B 254 8.22 2.89 28.68
C TYR B 254 8.87 1.54 28.43
N GLY B 255 9.92 1.25 29.16
CA GLY B 255 10.56 -0.05 29.07
C GLY B 255 11.83 -0.16 29.88
N GLY B 256 12.67 -1.13 29.51
CA GLY B 256 13.93 -1.33 30.21
C GLY B 256 15.13 -1.23 29.29
N VAL B 257 16.10 -0.43 29.69
CA VAL B 257 17.29 -0.17 28.88
C VAL B 257 18.50 -0.99 29.37
N ILE B 258 19.25 -1.51 28.41
CA ILE B 258 20.36 -2.40 28.67
C ILE B 258 21.61 -1.66 29.12
N LYS B 259 22.34 -2.24 30.07
CA LYS B 259 23.55 -1.62 30.63
C LYS B 259 24.67 -1.37 29.59
N GLY B 260 25.33 -0.23 29.72
CA GLY B 260 26.50 0.08 28.89
C GLY B 260 26.18 0.61 27.51
N THR B 261 24.91 0.83 27.21
CA THR B 261 24.49 1.48 25.97
C THR B 261 24.68 3.00 26.10
N SER B 262 24.66 3.71 24.98
CA SER B 262 24.78 5.17 25.02
C SER B 262 23.73 5.78 25.94
N LEU B 263 22.50 5.29 25.79
CA LEU B 263 21.39 5.83 26.56
C LEU B 263 21.55 5.60 28.05
N TRP B 264 21.92 4.37 28.43
CA TRP B 264 22.19 4.04 29.83
C TRP B 264 23.27 4.99 30.37
N ASN B 265 24.35 5.12 29.61
CA ASN B 265 25.46 5.99 29.98
C ASN B 265 25.02 7.45 30.09
N ASN B 266 24.22 7.91 29.14
CA ASN B 266 23.74 9.30 29.13
C ASN B 266 22.83 9.62 30.31
N GLN B 267 22.21 8.59 30.89
CA GLN B 267 21.32 8.78 32.03
C GLN B 267 22.07 8.62 33.33
N ALA B 268 23.26 8.05 33.28
CA ALA B 268 24.08 7.81 34.46
C ALA B 268 24.16 9.04 35.35
N ASN B 269 23.80 8.84 36.62
CA ASN B 269 23.88 9.85 37.68
C ASN B 269 22.65 10.77 37.75
N LYS B 270 21.75 10.64 36.79
CA LYS B 270 20.58 11.49 36.78
C LYS B 270 19.52 10.93 37.70
N TYR B 271 18.78 11.83 38.34
CA TYR B 271 17.64 11.45 39.17
C TYR B 271 16.70 12.64 39.22
N PHE B 272 15.49 12.43 39.70
CA PHE B 272 14.53 13.52 39.82
C PHE B 272 13.76 13.44 41.13
N ILE B 273 13.81 14.51 41.91
CA ILE B 273 13.05 14.58 43.16
C ILE B 273 12.07 15.74 43.09
N PRO B 274 10.76 15.43 43.09
CA PRO B 274 9.72 16.44 42.96
C PRO B 274 9.76 17.47 44.10
N GLN B 275 9.40 18.70 43.74
CA GLN B 275 9.58 19.90 44.54
C GLN B 275 8.97 19.88 45.95
N MET B 276 8.15 18.89 46.27
CA MET B 276 7.43 18.93 47.53
C MET B 276 7.77 17.78 48.46
N VAL B 277 8.72 16.96 48.04
CA VAL B 277 9.17 15.83 48.84
C VAL B 277 9.96 16.32 50.04
N ALA B 278 10.80 17.33 49.81
CA ALA B 278 11.70 17.84 50.85
C ALA B 278 10.98 18.19 52.16
N ALA B 279 9.85 18.87 52.05
CA ALA B 279 9.09 19.22 53.24
C ALA B 279 8.43 18.02 53.92
N LEU B 280 8.41 16.88 53.22
CA LEU B 280 7.62 15.72 53.68
C LEU B 280 8.42 14.52 54.18
N CYS B 281 9.67 14.41 53.75
CA CYS B 281 10.53 13.30 54.18
C CYS B 281 11.73 13.76 55.05
N SER B 282 11.92 13.13 56.21
CA SER B 282 12.92 13.59 57.17
C SER B 282 14.23 12.80 57.13
N GLN B 283 14.88 12.82 55.96
CA GLN B 283 16.18 12.18 55.81
C GLN B 283 17.15 13.16 55.14
N ASN B 284 18.42 13.09 55.52
CA ASN B 284 19.42 13.98 54.95
C ASN B 284 19.52 13.81 53.44
N GLN B 285 19.83 14.91 52.76
CA GLN B 285 19.88 14.97 51.29
C GLN B 285 20.76 13.93 50.65
N ALA B 286 21.78 13.49 51.36
CA ALA B 286 22.71 12.48 50.85
C ALA B 286 22.02 11.16 50.52
N THR B 287 21.22 10.66 51.47
CA THR B 287 20.56 9.38 51.28
C THR B 287 19.39 9.49 50.31
N GLN B 288 18.59 10.54 50.47
CA GLN B 288 17.48 10.79 49.55
C GLN B 288 17.99 10.84 48.11
N VAL B 289 19.12 11.51 47.90
CA VAL B 289 19.68 11.60 46.56
C VAL B 289 20.13 10.23 46.05
N GLN B 290 20.87 9.51 46.88
CA GLN B 290 21.39 8.20 46.49
C GLN B 290 20.26 7.21 46.17
N ASN B 291 19.22 7.20 47.01
CA ASN B 291 18.06 6.35 46.79
C ASN B 291 17.26 6.73 45.54
N ALA B 292 17.15 8.03 45.29
CA ALA B 292 16.49 8.52 44.09
C ALA B 292 17.25 8.03 42.87
N LYS B 293 18.57 8.19 42.88
CA LYS B 293 19.40 7.72 41.78
C LYS B 293 19.17 6.25 41.49
N SER B 294 19.05 5.46 42.57
CA SER B 294 18.91 4.01 42.44
C SER B 294 17.53 3.55 41.94
N SER B 295 16.52 4.38 42.11
CA SER B 295 15.14 3.97 41.85
C SER B 295 14.84 3.74 40.37
N TYR B 296 15.82 4.01 39.52
CA TYR B 296 15.66 3.87 38.08
C TYR B 296 16.16 2.51 37.58
N TYR B 297 16.64 1.67 38.50
CA TYR B 297 17.29 0.42 38.13
C TYR B 297 16.66 -0.76 38.83
N SER B 298 16.16 -1.72 38.07
CA SER B 298 15.43 -2.84 38.67
C SER B 298 16.18 -4.16 38.54
N SER B 299 16.63 -4.70 39.66
CA SER B 299 17.23 -6.01 39.68
C SER B 299 16.18 -7.08 39.39
N TRP B 300 14.96 -6.85 39.87
CA TRP B 300 13.86 -7.77 39.64
C TRP B 300 13.53 -7.86 38.14
N PHE B 301 13.60 -6.71 37.46
CA PHE B 301 13.40 -6.69 36.03
C PHE B 301 14.72 -6.71 35.23
N GLY B 302 15.54 -7.73 35.49
CA GLY B 302 16.71 -8.02 34.69
C GLY B 302 17.84 -7.02 34.71
N ASN B 303 17.96 -6.27 35.81
CA ASN B 303 18.98 -5.23 35.94
C ASN B 303 18.93 -4.20 34.83
N ARG B 304 17.71 -3.85 34.43
CA ARG B 304 17.53 -2.81 33.43
C ARG B 304 17.27 -1.46 34.08
N MET B 305 17.55 -0.41 33.31
CA MET B 305 17.09 0.90 33.70
C MET B 305 15.64 1.02 33.18
N ILE B 306 14.69 1.24 34.08
CA ILE B 306 13.29 1.41 33.69
C ILE B 306 13.04 2.86 33.26
N GLN B 307 12.55 3.04 32.04
CA GLN B 307 12.70 4.30 31.32
C GLN B 307 11.39 4.80 30.68
N SER B 308 11.06 6.07 30.87
CA SER B 308 9.91 6.68 30.18
C SER B 308 10.33 7.45 28.93
N GLY B 309 9.39 7.60 28.00
CA GLY B 309 9.67 8.36 26.80
C GLY B 309 8.46 8.57 25.93
N ILE B 310 8.72 9.02 24.70
CA ILE B 310 7.69 9.28 23.72
C ILE B 310 8.08 8.60 22.39
N LEU B 311 7.13 7.91 21.78
CA LEU B 311 7.28 7.40 20.43
C LEU B 311 6.64 8.37 19.45
N ALA B 312 7.39 8.80 18.44
CA ALA B 312 6.85 9.74 17.45
C ALA B 312 6.74 9.09 16.08
N CYS B 313 5.52 9.06 15.54
CA CYS B 313 5.24 8.40 14.27
C CYS B 313 4.67 9.34 13.22
N PRO B 314 5.28 9.36 12.04
CA PRO B 314 4.65 10.13 10.97
C PRO B 314 3.35 9.46 10.57
N LEU B 315 2.37 10.23 10.17
CA LEU B 315 1.12 9.67 9.73
C LEU B 315 1.24 9.23 8.27
N ARG B 316 1.61 7.96 8.07
CA ARG B 316 1.68 7.37 6.73
C ARG B 316 1.34 5.91 6.80
N GLN B 317 0.97 5.36 5.65
CA GLN B 317 0.41 4.02 5.57
C GLN B 317 1.41 3.00 5.07
N ASP B 318 2.68 3.36 5.13
CA ASP B 318 3.74 2.48 4.67
C ASP B 318 4.89 2.49 5.68
N LEU B 319 4.56 2.59 6.96
CA LEU B 319 5.57 2.72 8.01
C LEU B 319 6.49 1.51 8.09
N THR B 320 7.80 1.76 8.14
CA THR B 320 8.78 0.75 8.52
C THR B 320 9.63 1.23 9.70
N ASN B 321 10.58 2.12 9.44
CA ASN B 321 11.44 2.62 10.49
C ASN B 321 11.48 4.14 10.68
N GLU B 322 10.37 4.81 10.38
CA GLU B 322 10.32 6.28 10.47
C GLU B 322 9.94 6.73 11.87
N CYS B 323 9.26 5.86 12.60
CA CYS B 323 8.91 6.16 13.99
C CYS B 323 10.16 6.31 14.85
N LEU B 324 10.17 7.33 15.70
CA LEU B 324 11.35 7.64 16.50
C LEU B 324 11.07 7.47 17.99
N VAL B 325 12.06 6.97 18.70
CA VAL B 325 11.97 6.82 20.15
C VAL B 325 12.78 7.91 20.84
N LEU B 326 12.13 8.71 21.67
CA LEU B 326 12.78 9.80 22.40
C LEU B 326 12.61 9.60 23.89
N PRO B 327 13.68 9.22 24.58
CA PRO B 327 13.52 9.04 26.03
C PRO B 327 13.52 10.37 26.76
N PHE B 328 12.79 10.43 27.86
CA PHE B 328 12.86 11.57 28.76
C PHE B 328 14.14 11.52 29.54
N SER B 329 14.67 12.70 29.87
CA SER B 329 15.81 12.78 30.76
C SER B 329 15.36 12.42 32.16
N ASN B 330 16.16 11.60 32.86
CA ASN B 330 15.84 11.18 34.21
C ASN B 330 16.15 12.25 35.28
N ASP B 331 16.68 13.38 34.85
CA ASP B 331 16.80 14.57 35.68
C ASP B 331 15.45 15.24 35.79
N GLN B 332 14.50 14.81 34.96
CA GLN B 332 13.22 15.50 34.85
C GLN B 332 12.05 14.61 35.23
N VAL B 333 12.24 13.30 35.15
CA VAL B 333 11.13 12.37 35.33
C VAL B 333 11.46 11.23 36.32
N LEU B 334 10.43 10.64 36.92
CA LEU B 334 10.62 9.45 37.74
C LEU B 334 10.89 8.20 36.90
N MET B 335 11.03 7.04 37.56
CA MET B 335 11.24 5.75 36.90
C MET B 335 10.22 5.54 35.79
N GLY B 336 10.63 4.88 34.72
CA GLY B 336 9.73 4.61 33.60
C GLY B 336 8.45 3.92 34.05
N ALA B 337 7.35 4.31 33.44
CA ALA B 337 6.04 3.76 33.78
C ALA B 337 5.04 3.99 32.65
N GLU B 338 3.87 3.38 32.75
CA GLU B 338 2.77 3.72 31.86
C GLU B 338 2.52 5.21 31.92
N GLY B 339 1.80 5.72 30.94
CA GLY B 339 1.56 7.15 30.88
C GLY B 339 0.59 7.54 29.79
N ARG B 340 0.44 8.84 29.59
CA ARG B 340 -0.53 9.37 28.67
C ARG B 340 -0.05 10.71 28.12
N LEU B 341 -0.37 11.00 26.87
CA LEU B 341 -0.07 12.33 26.32
C LEU B 341 -1.36 13.13 26.18
N TYR B 342 -1.23 14.45 26.30
CA TYR B 342 -2.37 15.36 26.20
C TYR B 342 -2.02 16.53 25.33
N MET B 343 -3.05 17.20 24.83
CA MET B 343 -2.90 18.51 24.22
C MET B 343 -3.77 19.54 24.95
N TYR B 344 -3.18 20.57 25.51
CA TYR B 344 -3.96 21.71 25.97
C TYR B 344 -3.60 22.92 25.11
N GLY B 345 -4.48 23.26 24.18
CA GLY B 345 -4.09 24.18 23.11
C GLY B 345 -2.93 23.61 22.32
N ASP B 346 -1.83 24.35 22.25
CA ASP B 346 -0.66 23.95 21.46
C ASP B 346 0.41 23.30 22.33
N SER B 347 0.09 23.05 23.59
CA SER B 347 1.06 22.46 24.52
C SER B 347 0.84 20.95 24.76
N VAL B 348 1.90 20.17 24.62
CA VAL B 348 1.85 18.75 24.94
C VAL B 348 2.08 18.54 26.44
N TYR B 349 1.30 17.68 27.07
CA TYR B 349 1.51 17.35 28.47
C TYR B 349 1.62 15.83 28.62
N TYR B 350 2.36 15.40 29.63
CA TYR B 350 2.58 14.01 29.88
C TYR B 350 2.17 13.66 31.30
N TYR B 351 1.28 12.67 31.43
CA TYR B 351 1.00 12.07 32.71
C TYR B 351 1.84 10.83 32.81
N GLN B 352 2.48 10.65 33.95
CA GLN B 352 3.31 9.49 34.20
C GLN B 352 2.79 8.74 35.41
N ARG B 353 2.42 7.48 35.20
CA ARG B 353 2.00 6.63 36.29
C ARG B 353 3.09 6.61 37.37
N SER B 354 2.67 6.68 38.63
CA SER B 354 3.61 6.65 39.73
C SER B 354 3.85 5.22 40.14
N ASN B 355 4.84 4.60 39.48
CA ASN B 355 5.12 3.21 39.75
C ASN B 355 6.34 3.08 40.66
N SER B 356 6.88 4.22 41.06
CA SER B 356 8.09 4.25 41.86
C SER B 356 7.75 4.69 43.28
N TRP B 357 8.67 5.43 43.91
CA TRP B 357 8.59 5.72 45.34
C TRP B 357 7.67 6.90 45.66
N TRP B 358 7.48 7.80 44.70
CA TRP B 358 6.56 8.93 44.91
C TRP B 358 5.14 8.61 44.42
N PRO B 359 4.20 8.55 45.36
CA PRO B 359 2.83 8.05 45.10
C PRO B 359 1.83 9.10 44.61
N MET B 360 2.28 10.32 44.32
CA MET B 360 1.32 11.36 43.97
C MET B 360 1.28 11.60 42.47
N THR B 361 0.18 12.20 42.02
CA THR B 361 -0.06 12.40 40.60
C THR B 361 1.05 13.17 39.89
N MET B 362 1.65 12.56 38.85
CA MET B 362 2.74 13.19 38.11
C MET B 362 2.36 13.70 36.70
N LEU B 363 2.32 15.02 36.56
CA LEU B 363 1.99 15.69 35.31
C LEU B 363 3.11 16.67 34.93
N TYR B 364 3.41 16.73 33.63
CA TYR B 364 4.50 17.58 33.13
C TYR B 364 4.10 18.27 31.84
N LYS B 365 4.59 19.48 31.65
CA LYS B 365 4.52 20.10 30.34
C LYS B 365 5.74 19.64 29.54
N VAL B 366 5.50 19.21 28.30
CA VAL B 366 6.56 18.68 27.47
C VAL B 366 6.94 19.62 26.34
N THR B 367 8.21 19.98 26.31
CA THR B 367 8.72 20.78 25.23
C THR B 367 9.39 19.84 24.25
N ILE B 368 8.91 19.85 23.02
CA ILE B 368 9.47 19.02 21.96
C ILE B 368 10.23 19.90 20.98
N THR B 369 11.52 19.61 20.81
CA THR B 369 12.31 20.39 19.88
C THR B 369 12.50 19.58 18.59
N PHE B 370 12.38 20.25 17.46
CA PHE B 370 12.48 19.59 16.16
C PHE B 370 13.82 19.88 15.48
N THR B 371 14.16 19.04 14.51
CA THR B 371 15.41 19.16 13.78
C THR B 371 15.24 18.53 12.40
N ASN B 372 15.24 19.36 11.36
CA ASN B 372 15.03 18.94 9.98
C ASN B 372 13.67 18.31 9.75
N GLY B 373 12.68 18.77 10.52
CA GLY B 373 11.32 18.28 10.37
C GLY B 373 11.01 17.11 11.27
N GLN B 374 12.04 16.56 11.92
CA GLN B 374 11.87 15.42 12.82
C GLN B 374 12.09 15.85 14.26
N PRO B 375 11.26 15.32 15.18
CA PRO B 375 11.46 15.55 16.62
C PRO B 375 12.78 14.96 17.04
N SER B 376 13.56 15.67 17.82
CA SER B 376 14.89 15.19 18.21
C SER B 376 15.14 15.19 19.71
N ALA B 377 14.29 15.89 20.46
CA ALA B 377 14.50 16.03 21.90
C ALA B 377 13.22 16.39 22.62
N ILE B 378 13.10 15.94 23.87
CA ILE B 378 11.96 16.29 24.70
C ILE B 378 12.37 16.71 26.11
N SER B 379 11.78 17.80 26.56
CA SER B 379 12.04 18.29 27.91
C SER B 379 10.76 18.26 28.71
N ALA B 380 10.84 17.90 29.99
CA ALA B 380 9.65 17.79 30.82
C ALA B 380 9.70 18.68 32.07
N GLN B 381 8.72 19.57 32.19
CA GLN B 381 8.62 20.41 33.39
C GLN B 381 7.44 19.94 34.24
N ASN B 382 7.75 19.54 35.47
CA ASN B 382 6.73 18.98 36.38
C ASN B 382 5.80 20.06 36.92
N VAL B 383 4.53 19.69 37.09
CA VAL B 383 3.57 20.47 37.86
C VAL B 383 3.64 19.97 39.30
N PRO B 384 4.42 20.64 40.15
CA PRO B 384 4.74 20.15 41.49
C PRO B 384 3.53 20.06 42.41
N THR B 385 3.24 18.85 42.87
CA THR B 385 2.02 18.56 43.64
C THR B 385 2.38 17.63 44.81
N GLN B 386 1.43 17.45 45.73
CA GLN B 386 1.55 16.44 46.77
C GLN B 386 0.18 15.82 46.97
N GLN B 387 -0.61 15.78 45.91
CA GLN B 387 -2.01 15.37 46.07
C GLN B 387 -2.53 14.30 45.11
N VAL B 388 -3.46 13.53 45.65
CA VAL B 388 -4.01 12.34 45.03
C VAL B 388 -2.96 11.25 44.99
N PRO B 389 -2.92 10.47 46.07
CA PRO B 389 -2.03 9.34 46.24
C PRO B 389 -2.59 8.17 45.50
N ARG B 390 -1.81 7.11 45.41
CA ARG B 390 -2.19 5.91 44.71
C ARG B 390 -1.75 4.75 45.59
N PRO B 391 -2.55 3.68 45.62
CA PRO B 391 -2.24 2.50 46.44
C PRO B 391 -1.05 1.71 45.92
N GLY B 392 -0.19 1.26 46.84
CA GLY B 392 0.99 0.47 46.52
C GLY B 392 1.28 -0.51 47.64
N THR B 393 2.17 -1.46 47.38
CA THR B 393 2.50 -2.48 48.36
C THR B 393 3.76 -2.14 49.14
N GLY B 394 3.94 -2.83 50.28
CA GLY B 394 5.14 -2.69 51.09
C GLY B 394 5.45 -1.28 51.53
N ASP B 395 6.68 -0.84 51.23
CA ASP B 395 7.16 0.47 51.68
C ASP B 395 6.83 1.56 50.68
N CYS B 396 6.08 1.20 49.65
CA CYS B 396 5.78 2.17 48.63
C CYS B 396 4.27 2.37 48.53
N SER B 397 3.61 2.48 49.67
CA SER B 397 2.17 2.68 49.72
C SER B 397 1.81 4.14 49.48
N ALA B 398 0.52 4.45 49.60
CA ALA B 398 0.07 5.83 49.47
C ALA B 398 0.77 6.77 50.47
N THR B 399 1.12 6.23 51.65
CA THR B 399 1.72 7.02 52.73
C THR B 399 3.23 7.25 52.61
N ASN B 400 3.89 6.62 51.65
CA ASN B 400 5.32 6.81 51.48
C ASN B 400 5.70 8.20 51.01
N ARG B 401 6.81 8.71 51.52
CA ARG B 401 7.31 10.03 51.15
C ARG B 401 8.79 10.05 50.78
N CYS B 402 9.47 8.91 50.93
CA CYS B 402 10.94 8.87 50.76
C CYS B 402 11.43 8.11 49.52
N PRO B 403 12.48 8.65 48.86
CA PRO B 403 13.08 8.00 47.69
C PRO B 403 13.61 6.61 47.97
N GLY B 404 13.71 5.80 46.92
CA GLY B 404 14.10 4.41 47.03
C GLY B 404 13.52 3.63 45.88
N PHE B 405 13.91 2.37 45.74
CA PHE B 405 13.38 1.58 44.64
C PHE B 405 12.04 0.92 44.97
N CYS B 406 11.09 1.11 44.07
CA CYS B 406 9.79 0.48 44.15
C CYS B 406 9.36 0.11 42.75
N LEU B 407 8.55 -0.93 42.66
CA LEU B 407 7.97 -1.38 41.39
C LEU B 407 6.54 -1.77 41.69
N THR B 408 5.76 -0.78 42.13
CA THR B 408 4.37 -1.00 42.46
C THR B 408 3.56 0.30 42.25
N GLY B 409 2.25 0.16 42.03
CA GLY B 409 1.40 1.31 41.79
C GLY B 409 0.22 0.94 40.92
N VAL B 410 -0.39 1.95 40.29
CA VAL B 410 -1.51 1.74 39.38
C VAL B 410 -1.70 2.99 38.55
N TYR B 411 -2.25 2.81 37.35
CA TYR B 411 -2.52 3.91 36.43
C TYR B 411 -3.67 4.78 36.93
N ALA B 412 -3.43 6.08 37.07
CA ALA B 412 -4.49 7.01 37.48
C ALA B 412 -4.22 8.41 36.93
N ASP B 413 -4.62 8.65 35.69
CA ASP B 413 -4.24 9.91 35.06
C ASP B 413 -5.10 11.05 35.61
N ALA B 414 -4.78 12.27 35.20
CA ALA B 414 -5.49 13.44 35.71
C ALA B 414 -5.53 14.55 34.66
N TRP B 415 -6.67 15.21 34.59
CA TRP B 415 -6.91 16.25 33.60
C TRP B 415 -6.76 17.62 34.25
N LEU B 416 -6.02 18.53 33.63
CA LEU B 416 -5.79 19.88 34.19
C LEU B 416 -6.92 20.86 33.83
N LEU B 417 -7.63 21.35 34.85
CA LEU B 417 -8.79 22.22 34.67
C LEU B 417 -8.41 23.70 34.54
N THR B 418 -7.24 24.05 35.06
CA THR B 418 -6.69 25.39 34.93
C THR B 418 -5.29 25.27 34.34
N ASN B 419 -4.76 26.38 33.83
CA ASN B 419 -3.43 26.39 33.22
C ASN B 419 -2.31 26.56 34.24
N PRO B 420 -1.43 25.55 34.35
CA PRO B 420 -0.22 25.61 35.19
C PRO B 420 0.69 26.80 34.82
N SER B 421 0.56 27.27 33.59
CA SER B 421 1.40 28.36 33.10
C SER B 421 0.82 29.76 33.38
N SER B 422 -0.36 29.84 33.95
CA SER B 422 -0.98 31.14 34.18
C SER B 422 -0.44 31.83 35.43
N THR B 423 0.26 31.08 36.27
CA THR B 423 0.83 31.67 37.47
C THR B 423 2.26 32.14 37.24
N SER B 424 2.72 33.01 38.13
CA SER B 424 4.08 33.54 38.07
C SER B 424 5.09 32.40 38.09
N THR B 425 4.95 31.52 39.08
CA THR B 425 5.75 30.29 39.14
C THR B 425 4.92 29.16 38.55
N PHE B 426 5.51 28.42 37.61
CA PHE B 426 4.81 27.31 36.95
C PHE B 426 4.20 26.34 37.96
N GLY B 427 2.90 26.11 37.83
CA GLY B 427 2.19 25.14 38.64
C GLY B 427 2.02 25.42 40.13
N SER B 428 2.24 26.66 40.57
CA SER B 428 2.13 27.01 41.98
C SER B 428 0.70 26.87 42.53
N GLU B 429 -0.29 26.96 41.64
CA GLU B 429 -1.68 26.61 41.97
C GLU B 429 -2.39 25.96 40.77
N ALA B 430 -2.32 24.64 40.69
CA ALA B 430 -2.94 23.89 39.60
C ALA B 430 -4.17 23.16 40.11
N THR B 431 -5.15 22.98 39.23
CA THR B 431 -6.38 22.27 39.57
C THR B 431 -6.54 21.16 38.56
N PHE B 432 -6.76 19.95 39.04
CA PHE B 432 -6.92 18.84 38.15
C PHE B 432 -7.99 17.91 38.67
N THR B 433 -8.46 17.01 37.80
CA THR B 433 -9.54 16.09 38.15
C THR B 433 -9.24 14.71 37.58
N GLY B 434 -9.67 13.67 38.28
CA GLY B 434 -9.50 12.30 37.81
C GLY B 434 -10.23 11.34 38.72
N SER B 435 -9.80 10.08 38.71
CA SER B 435 -10.23 9.13 39.73
C SER B 435 -9.01 8.51 40.40
N TYR B 436 -9.21 7.99 41.60
CA TYR B 436 -8.14 7.30 42.31
C TYR B 436 -8.73 6.29 43.27
N LEU B 437 -7.92 5.29 43.62
CA LEU B 437 -8.34 4.26 44.56
C LEU B 437 -7.99 4.73 45.97
N ASN B 438 -9.03 5.05 46.73
CA ASN B 438 -8.80 5.73 48.01
C ASN B 438 -8.44 4.77 49.16
N THR B 439 -7.32 4.09 48.99
CA THR B 439 -6.70 3.36 50.10
C THR B 439 -5.17 3.35 49.89
N ALA B 440 -4.45 2.81 50.85
CA ALA B 440 -2.99 2.88 50.83
C ALA B 440 -2.32 1.74 50.08
N THR B 441 -2.89 0.54 50.17
CA THR B 441 -2.24 -0.66 49.63
C THR B 441 -3.12 -1.49 48.69
N GLN B 442 -4.44 -1.29 48.75
CA GLN B 442 -5.34 -2.09 47.95
C GLN B 442 -5.91 -1.39 46.72
N ARG B 443 -6.42 -2.17 45.77
CA ARG B 443 -7.08 -1.58 44.60
C ARG B 443 -8.58 -1.54 44.79
N ILE B 444 -8.99 -0.61 45.63
CA ILE B 444 -10.30 -0.62 46.25
C ILE B 444 -10.78 0.82 46.39
N ASN B 445 -12.09 1.01 46.43
CA ASN B 445 -12.70 2.33 46.70
C ASN B 445 -12.46 3.42 45.64
N PRO B 446 -12.89 3.18 44.39
CA PRO B 446 -12.74 4.16 43.32
C PRO B 446 -13.44 5.48 43.64
N THR B 447 -12.71 6.58 43.54
CA THR B 447 -13.23 7.88 43.93
C THR B 447 -12.91 8.93 42.89
N MET B 448 -13.93 9.57 42.36
CA MET B 448 -13.73 10.68 41.45
C MET B 448 -13.53 11.93 42.28
N TYR B 449 -12.63 12.80 41.84
CA TYR B 449 -12.19 13.93 42.66
C TYR B 449 -11.79 15.15 41.81
N ILE B 450 -11.76 16.31 42.46
CA ILE B 450 -11.09 17.48 41.96
C ILE B 450 -10.12 17.92 43.06
N ALA B 451 -8.94 18.36 42.69
CA ALA B 451 -7.90 18.64 43.67
C ALA B 451 -6.95 19.74 43.19
N ASN B 452 -6.38 20.49 44.12
CA ASN B 452 -5.27 21.36 43.78
C ASN B 452 -3.96 20.73 44.22
N ASN B 453 -2.90 21.52 44.30
CA ASN B 453 -1.58 20.99 44.66
C ASN B 453 -1.54 20.32 46.03
N THR B 454 -2.38 20.78 46.95
CA THR B 454 -2.24 20.33 48.33
C THR B 454 -3.43 19.57 48.90
N GLN B 455 -4.59 19.71 48.28
CA GLN B 455 -5.81 19.19 48.87
C GLN B 455 -6.83 18.71 47.85
N ILE B 456 -7.67 17.77 48.26
CA ILE B 456 -8.81 17.33 47.47
C ILE B 456 -10.00 18.16 47.88
N ILE B 457 -10.55 18.92 46.94
CA ILE B 457 -11.56 19.91 47.27
C ILE B 457 -12.96 19.42 46.96
N SER B 458 -13.05 18.33 46.21
CA SER B 458 -14.34 17.78 45.83
C SER B 458 -14.13 16.31 45.49
N SER B 459 -14.97 15.44 46.07
CA SER B 459 -14.75 14.00 45.95
C SER B 459 -16.04 13.21 46.09
N GLN B 460 -16.19 12.20 45.25
CA GLN B 460 -17.38 11.39 45.26
C GLN B 460 -16.96 9.96 44.96
N GLN B 461 -16.91 9.16 46.01
CA GLN B 461 -16.55 7.76 45.90
C GLN B 461 -17.62 7.03 45.12
N PHE B 462 -17.23 6.10 44.25
CA PHE B 462 -18.23 5.24 43.61
C PHE B 462 -18.37 3.86 44.25
N GLY B 463 -19.60 3.45 44.54
CA GLY B 463 -19.85 2.11 45.03
C GLY B 463 -19.67 1.90 46.53
N SER B 464 -19.92 0.67 46.98
CA SER B 464 -19.75 0.31 48.38
C SER B 464 -18.27 0.25 48.73
N SER B 465 -17.98 0.35 50.03
CA SER B 465 -16.61 0.20 50.49
C SER B 465 -16.14 -1.20 50.17
N GLY B 466 -14.86 -1.30 49.84
CA GLY B 466 -14.31 -2.55 49.38
C GLY B 466 -14.60 -2.85 47.92
N GLN B 467 -15.26 -1.92 47.21
CA GLN B 467 -15.45 -2.09 45.76
C GLN B 467 -14.10 -2.10 45.07
N GLU B 468 -13.87 -3.12 44.27
CA GLU B 468 -12.59 -3.32 43.64
C GLU B 468 -12.53 -2.63 42.27
N ALA B 469 -11.40 -2.01 42.00
CA ALA B 469 -11.23 -1.27 40.76
C ALA B 469 -9.77 -1.32 40.34
N ALA B 470 -9.47 -0.72 39.18
CA ALA B 470 -8.07 -0.60 38.76
C ALA B 470 -7.79 0.74 38.06
N TYR B 471 -7.43 0.72 36.77
CA TYR B 471 -7.05 1.95 36.04
C TYR B 471 -8.17 2.98 35.95
N GLY B 472 -7.79 4.26 35.81
CA GLY B 472 -8.72 5.33 35.55
C GLY B 472 -8.20 6.35 34.54
N HIS B 473 -8.93 6.54 33.45
CA HIS B 473 -8.63 7.53 32.41
C HIS B 473 -9.70 8.63 32.44
N THR B 474 -9.28 9.88 32.60
CA THR B 474 -10.20 11.01 32.67
C THR B 474 -9.99 11.98 31.52
N THR B 475 -11.11 12.42 30.93
CA THR B 475 -11.09 13.36 29.82
C THR B 475 -12.18 14.41 29.96
N CYS B 476 -11.80 15.69 29.87
CA CYS B 476 -12.76 16.77 30.01
C CYS B 476 -12.93 17.55 28.72
N PHE B 477 -14.10 18.16 28.58
CA PHE B 477 -14.39 18.99 27.44
C PHE B 477 -15.56 19.89 27.79
N ARG B 478 -15.75 20.92 26.97
CA ARG B 478 -16.77 21.93 27.22
C ARG B 478 -17.84 22.01 26.15
N ASP B 479 -19.08 22.02 26.64
CA ASP B 479 -20.24 22.29 25.84
C ASP B 479 -20.29 23.79 25.70
N THR B 480 -19.94 24.31 24.52
CA THR B 480 -19.98 25.76 24.33
C THR B 480 -21.38 26.29 24.03
N GLY B 481 -22.38 25.40 24.02
CA GLY B 481 -23.76 25.84 23.92
C GLY B 481 -24.29 26.23 25.28
N SER B 482 -23.85 25.53 26.33
CA SER B 482 -24.33 25.76 27.67
C SER B 482 -23.22 26.24 28.60
N VAL B 483 -21.99 26.26 28.10
CA VAL B 483 -20.81 26.64 28.87
C VAL B 483 -20.62 25.70 30.07
N MET B 484 -20.97 24.44 29.88
CA MET B 484 -20.76 23.45 30.92
C MET B 484 -19.59 22.56 30.56
N VAL B 485 -18.78 22.26 31.56
CA VAL B 485 -17.65 21.37 31.38
C VAL B 485 -18.07 19.99 31.85
N TYR B 486 -17.82 19.00 31.00
CA TYR B 486 -18.11 17.61 31.30
C TYR B 486 -16.80 16.83 31.37
N CYS B 487 -16.74 15.91 32.31
CA CYS B 487 -15.60 15.03 32.39
C CYS B 487 -16.11 13.62 32.32
N ILE B 488 -15.41 12.80 31.57
CA ILE B 488 -15.73 11.39 31.51
C ILE B 488 -14.61 10.63 32.23
N TYR B 489 -15.00 9.75 33.14
CA TYR B 489 -14.08 8.97 33.93
C TYR B 489 -14.19 7.51 33.55
N ILE B 490 -13.24 7.04 32.75
CA ILE B 490 -13.24 5.66 32.32
C ILE B 490 -12.52 4.80 33.35
N ILE B 491 -13.30 4.03 34.11
CA ILE B 491 -12.76 3.29 35.25
C ILE B 491 -12.94 1.78 35.12
N GLU B 492 -11.88 1.03 35.43
CA GLU B 492 -11.96 -0.42 35.44
C GLU B 492 -12.53 -0.88 36.76
N LEU B 493 -13.68 -1.55 36.72
CA LEU B 493 -14.36 -2.02 37.93
C LEU B 493 -14.43 -3.53 37.97
N SER B 494 -14.37 -4.09 39.17
CA SER B 494 -14.63 -5.51 39.33
C SER B 494 -16.10 -5.77 39.05
N SER B 495 -16.38 -6.84 38.31
CA SER B 495 -17.77 -7.16 38.02
C SER B 495 -18.18 -8.49 38.65
N SER B 496 -19.48 -8.71 38.77
CA SER B 496 -20.00 -9.93 39.37
C SER B 496 -20.83 -10.70 38.35
N LEU B 497 -21.94 -10.09 37.93
CA LEU B 497 -22.89 -10.72 37.02
C LEU B 497 -22.23 -11.15 35.71
N LEU B 498 -21.78 -10.19 34.91
CA LEU B 498 -21.05 -10.53 33.70
C LEU B 498 -19.61 -10.02 33.71
N GLY B 499 -18.69 -10.90 33.35
CA GLY B 499 -17.28 -10.58 33.30
C GLY B 499 -16.66 -10.56 34.68
N GLN B 500 -15.34 -10.69 34.75
CA GLN B 500 -14.64 -10.53 36.03
C GLN B 500 -14.31 -9.06 36.21
N PHE B 501 -14.03 -8.40 35.10
CA PHE B 501 -13.67 -7.00 35.08
C PHE B 501 -14.34 -6.32 33.91
N GLN B 502 -14.79 -5.10 34.20
CA GLN B 502 -15.69 -4.33 33.38
C GLN B 502 -15.03 -2.96 33.25
N ILE B 503 -15.34 -2.23 32.20
CA ILE B 503 -14.84 -0.86 32.10
C ILE B 503 -16.00 0.06 31.82
N VAL B 504 -16.16 1.08 32.65
CA VAL B 504 -17.32 1.96 32.57
C VAL B 504 -16.92 3.40 32.32
N PRO B 505 -17.62 4.08 31.37
CA PRO B 505 -17.46 5.51 31.11
C PRO B 505 -18.40 6.34 31.95
N PHE B 506 -17.95 6.77 33.11
CA PHE B 506 -18.77 7.63 33.94
C PHE B 506 -18.72 9.05 33.41
N ILE B 507 -19.85 9.75 33.45
CA ILE B 507 -19.84 11.13 33.02
C ILE B 507 -20.53 12.02 34.05
N ARG B 508 -19.92 13.16 34.29
CA ARG B 508 -20.57 14.16 35.10
C ARG B 508 -20.02 15.54 34.78
N GLN B 509 -20.77 16.54 35.25
CA GLN B 509 -20.40 17.92 35.03
C GLN B 509 -19.39 18.38 36.09
N VAL B 510 -18.46 19.25 35.70
CA VAL B 510 -17.65 20.01 36.67
C VAL B 510 -18.19 21.44 36.75
N THR B 511 -18.78 21.79 37.89
CA THR B 511 -19.57 23.01 37.96
C THR B 511 -18.87 24.07 38.77
N LEU B 512 -19.08 25.34 38.39
CA LEU B 512 -18.59 26.47 39.16
C LEU B 512 -19.56 26.80 40.28
N SER B 513 -19.03 27.10 41.46
CA SER B 513 -19.85 27.52 42.59
C SER B 513 -19.16 28.61 43.43
N LEU C 13 1.85 55.42 -44.79
CA LEU C 13 3.12 54.87 -44.33
C LEU C 13 3.37 55.34 -42.91
N ASN C 14 2.39 56.05 -42.35
CA ASN C 14 2.32 56.43 -40.95
C ASN C 14 1.28 55.55 -40.23
N ASN C 15 0.41 54.94 -41.02
CA ASN C 15 -0.59 54.01 -40.50
C ASN C 15 0.03 52.68 -40.11
N ILE C 16 1.31 52.51 -40.42
CA ILE C 16 2.06 51.31 -40.09
C ILE C 16 2.74 51.47 -38.72
N LEU C 17 1.97 51.99 -37.78
CA LEU C 17 2.32 51.98 -36.36
C LEU C 17 1.02 51.80 -35.62
N SER C 18 -0.07 52.24 -36.25
CA SER C 18 -1.42 51.98 -35.75
C SER C 18 -1.72 50.48 -35.86
N VAL C 19 -1.25 49.87 -36.94
CA VAL C 19 -1.36 48.42 -37.11
C VAL C 19 -0.26 47.69 -36.34
N ALA C 20 0.97 48.22 -36.42
CA ALA C 20 2.12 47.61 -35.76
C ALA C 20 2.01 47.57 -34.23
N ASN C 21 1.31 48.56 -33.66
CA ASN C 21 1.03 48.55 -32.23
C ASN C 21 -0.09 47.56 -31.91
N GLN C 22 -0.96 47.32 -32.88
CA GLN C 22 -2.04 46.35 -32.72
C GLN C 22 -1.51 44.93 -32.96
N ILE C 23 -0.41 44.82 -33.71
CA ILE C 23 0.25 43.53 -33.89
C ILE C 23 0.96 43.11 -32.62
N ILE C 24 1.75 44.02 -32.05
CA ILE C 24 2.46 43.77 -30.80
C ILE C 24 1.49 43.44 -29.66
N TYR C 25 0.59 44.39 -29.38
CA TYR C 25 -0.41 44.24 -28.32
C TYR C 25 -1.20 42.93 -28.41
N ASN C 26 -1.45 42.48 -29.64
CA ASN C 26 -2.12 41.21 -29.87
C ASN C 26 -1.24 40.01 -29.47
N SER C 27 0.01 40.03 -29.88
CA SER C 27 0.94 38.92 -29.63
C SER C 27 1.62 38.97 -28.26
N ALA C 28 1.69 40.17 -27.68
CA ALA C 28 2.41 40.35 -26.43
C ALA C 28 1.48 40.45 -25.20
N VAL C 29 0.28 40.97 -25.41
CA VAL C 29 -0.67 41.19 -24.31
C VAL C 29 -1.91 40.30 -24.43
N ALA C 30 -2.64 40.46 -25.53
CA ALA C 30 -3.92 39.78 -25.77
C ALA C 30 -3.83 38.25 -25.76
N LEU C 31 -2.81 37.72 -26.43
CA LEU C 31 -2.64 36.27 -26.52
C LEU C 31 -2.03 35.61 -25.27
N PRO C 32 -0.96 36.21 -24.69
CA PRO C 32 -0.45 35.64 -23.43
C PRO C 32 -1.45 35.71 -22.27
N LEU C 33 -2.33 36.71 -22.29
CA LEU C 33 -3.37 36.81 -21.27
C LEU C 33 -4.38 35.69 -21.43
N GLN C 34 -4.73 35.39 -22.68
CA GLN C 34 -5.71 34.36 -22.99
C GLN C 34 -5.16 32.97 -22.69
N LEU C 35 -3.91 32.73 -23.10
CA LEU C 35 -3.25 31.45 -22.85
C LEU C 35 -3.14 31.17 -21.36
N ASP C 36 -2.94 32.23 -20.58
CA ASP C 36 -2.88 32.11 -19.13
C ASP C 36 -4.24 31.76 -18.50
N THR C 37 -5.29 32.42 -18.98
CA THR C 37 -6.64 32.20 -18.47
C THR C 37 -7.10 30.81 -18.84
N LEU C 38 -6.84 30.44 -20.09
CA LEU C 38 -7.19 29.14 -20.65
C LEU C 38 -6.49 27.99 -19.90
N GLU C 39 -5.30 28.26 -19.41
CA GLU C 39 -4.58 27.29 -18.61
C GLU C 39 -5.29 27.01 -17.30
N SER C 40 -5.80 28.07 -16.68
CA SER C 40 -6.49 27.97 -15.39
C SER C 40 -7.79 27.15 -15.50
N THR C 41 -8.49 27.31 -16.61
CA THR C 41 -9.76 26.62 -16.85
C THR C 41 -9.55 25.12 -16.92
N LEU C 42 -8.46 24.74 -17.59
CA LEU C 42 -8.11 23.34 -17.76
C LEU C 42 -7.66 22.72 -16.44
N LEU C 43 -6.86 23.47 -15.68
CA LEU C 43 -6.39 23.01 -14.38
C LEU C 43 -7.51 22.98 -13.33
N THR C 44 -8.44 23.93 -13.39
CA THR C 44 -9.63 23.89 -12.55
C THR C 44 -10.42 22.62 -12.82
N ALA C 45 -10.56 22.28 -14.10
CA ALA C 45 -11.28 21.07 -14.51
C ALA C 45 -10.50 19.78 -14.17
N ILE C 46 -9.17 19.86 -14.17
CA ILE C 46 -8.33 18.72 -13.81
C ILE C 46 -8.35 18.50 -12.31
N LYS C 47 -8.22 19.59 -11.56
CA LYS C 47 -8.31 19.55 -10.11
C LYS C 47 -9.72 19.12 -9.69
N SER C 48 -10.69 19.38 -10.56
CA SER C 48 -12.08 18.99 -10.32
C SER C 48 -12.21 17.47 -10.26
N LEU C 49 -11.40 16.78 -11.05
CA LEU C 49 -11.36 15.32 -11.02
C LEU C 49 -10.53 14.81 -9.83
N GLN C 50 -9.49 15.56 -9.49
CA GLN C 50 -8.67 15.26 -8.32
C GLN C 50 -9.50 15.37 -7.04
N THR C 51 -10.45 16.32 -7.04
CA THR C 51 -11.33 16.56 -5.91
C THR C 51 -12.48 15.55 -5.82
N SER C 52 -12.94 15.07 -6.97
CA SER C 52 -14.05 14.14 -7.02
C SER C 52 -13.68 12.73 -6.54
N ASP C 53 -12.45 12.32 -6.85
CA ASP C 53 -11.94 11.01 -6.45
C ASP C 53 -11.48 11.00 -4.98
N LYS C 54 -11.30 12.19 -4.44
CA LYS C 54 -10.91 12.40 -3.05
C LYS C 54 -12.17 12.42 -2.17
N LEU C 55 -13.34 12.59 -2.80
CA LEU C 55 -14.62 12.48 -2.11
C LEU C 55 -14.93 11.01 -1.79
N GLU C 56 -14.52 10.12 -2.70
CA GLU C 56 -14.69 8.69 -2.52
C GLU C 56 -13.80 8.18 -1.37
N GLN C 57 -12.67 8.86 -1.16
CA GLN C 57 -11.76 8.53 -0.06
C GLN C 57 -12.36 8.91 1.29
N ASN C 58 -13.38 9.76 1.25
CA ASN C 58 -14.05 10.21 2.46
C ASN C 58 -15.27 9.33 2.81
N CYS C 59 -15.49 8.25 2.06
CA CYS C 59 -16.72 7.48 2.22
C CYS C 59 -16.49 6.09 2.81
N SER C 60 -17.39 5.69 3.71
CA SER C 60 -17.57 4.29 4.07
C SER C 60 -18.77 3.84 3.24
N TRP C 61 -18.56 2.83 2.40
CA TRP C 61 -19.62 2.44 1.46
C TRP C 61 -20.66 1.52 2.12
N SER C 62 -21.90 1.59 1.63
CA SER C 62 -22.95 0.68 2.02
C SER C 62 -22.55 -0.79 1.87
N ALA C 63 -21.61 -1.05 0.96
CA ALA C 63 -21.04 -2.39 0.79
C ALA C 63 -20.40 -2.90 2.08
N ALA C 64 -20.05 -1.97 2.98
CA ALA C 64 -19.52 -2.34 4.28
C ALA C 64 -20.58 -3.13 5.06
N LEU C 65 -21.85 -2.80 4.83
CA LEU C 65 -22.93 -3.37 5.62
C LEU C 65 -23.36 -4.69 5.03
N ILE C 66 -22.47 -5.66 5.09
CA ILE C 66 -22.72 -7.02 4.60
C ILE C 66 -22.06 -8.04 5.53
N ASN C 67 -22.84 -9.02 5.98
CA ASN C 67 -22.33 -10.08 6.81
C ASN C 67 -21.19 -10.83 6.11
N ASP C 68 -20.25 -11.37 6.87
CA ASP C 68 -19.18 -12.20 6.34
C ASP C 68 -19.78 -13.35 5.53
N ASN C 69 -19.02 -13.86 4.56
CA ASN C 69 -19.49 -14.99 3.71
C ASN C 69 -19.94 -16.22 4.46
N ARG C 70 -19.42 -16.43 5.67
CA ARG C 70 -19.79 -17.62 6.43
C ARG C 70 -21.24 -17.62 6.91
N TYR C 71 -21.87 -16.45 6.96
CA TYR C 71 -23.20 -16.37 7.56
C TYR C 71 -24.31 -16.06 6.54
N ILE C 72 -23.95 -15.38 5.46
CA ILE C 72 -24.89 -14.93 4.44
C ILE C 72 -25.89 -15.99 3.98
N ASN C 73 -25.43 -17.22 3.81
CA ASN C 73 -26.31 -18.31 3.39
C ASN C 73 -26.85 -19.09 4.58
N GLY C 74 -26.61 -18.59 5.79
CA GLY C 74 -26.95 -19.33 6.99
C GLY C 74 -28.05 -18.67 7.81
N ILE C 75 -28.76 -17.75 7.16
CA ILE C 75 -29.71 -16.88 7.86
C ILE C 75 -31.18 -17.12 7.48
N ASN C 76 -32.03 -17.13 8.51
CA ASN C 76 -33.47 -17.29 8.36
C ASN C 76 -33.83 -18.57 7.63
N GLN C 77 -33.52 -19.70 8.28
CA GLN C 77 -33.74 -21.01 7.74
C GLN C 77 -34.03 -22.00 8.86
N PHE C 78 -34.65 -23.13 8.55
CA PHE C 78 -34.70 -24.25 9.47
C PHE C 78 -33.39 -25.03 9.32
N TYR C 79 -32.64 -25.20 10.40
CA TYR C 79 -31.27 -25.67 10.26
C TYR C 79 -31.13 -27.17 10.37
N PHE C 80 -32.03 -27.79 11.12
CA PHE C 80 -31.92 -29.21 11.38
C PHE C 80 -33.11 -29.98 10.88
N SER C 81 -32.86 -31.22 10.44
CA SER C 81 -33.93 -32.12 10.01
C SER C 81 -34.66 -32.61 11.27
N ILE C 82 -35.85 -33.16 11.07
CA ILE C 82 -36.68 -33.60 12.19
C ILE C 82 -35.89 -34.55 13.10
N ALA C 83 -35.18 -35.47 12.45
CA ALA C 83 -34.40 -36.49 13.17
C ALA C 83 -33.17 -35.88 13.86
N GLU C 84 -32.52 -34.93 13.19
CA GLU C 84 -31.40 -34.22 13.80
C GLU C 84 -31.87 -33.43 15.01
N GLY C 85 -33.13 -33.00 14.97
CA GLY C 85 -33.74 -32.26 16.07
C GLY C 85 -33.71 -32.97 17.41
N ARG C 86 -33.69 -34.29 17.39
CA ARG C 86 -33.71 -35.07 18.62
C ARG C 86 -32.37 -35.05 19.34
N ASN C 87 -31.29 -34.74 18.60
CA ASN C 87 -29.94 -34.84 19.15
C ASN C 87 -29.26 -33.48 19.33
N LEU C 88 -30.05 -32.45 19.65
CA LEU C 88 -29.54 -31.10 19.81
C LEU C 88 -29.29 -30.73 21.27
N THR C 89 -28.17 -30.09 21.53
CA THR C 89 -27.85 -29.66 22.88
C THR C 89 -27.19 -28.27 22.90
N LEU C 90 -27.29 -27.59 24.03
CA LEU C 90 -26.71 -26.27 24.21
C LEU C 90 -25.23 -26.36 24.53
N GLY C 91 -24.42 -25.60 23.81
CA GLY C 91 -23.00 -25.48 24.12
C GLY C 91 -22.75 -24.44 25.21
N PRO C 92 -21.50 -24.31 25.63
CA PRO C 92 -21.15 -23.35 26.69
C PRO C 92 -21.31 -21.91 26.19
N LEU C 93 -21.56 -20.97 27.10
CA LEU C 93 -21.67 -19.56 26.73
C LEU C 93 -20.36 -19.08 26.12
N LEU C 94 -20.44 -18.36 25.00
CA LEU C 94 -19.25 -17.77 24.38
C LEU C 94 -19.14 -16.26 24.67
N ASN C 95 -17.92 -15.79 24.89
CA ASN C 95 -17.67 -14.39 25.21
C ASN C 95 -17.28 -13.47 24.05
N MET C 96 -18.17 -12.55 23.69
CA MET C 96 -17.85 -11.51 22.72
C MET C 96 -18.08 -10.12 23.31
N PRO C 97 -17.46 -9.07 22.73
CA PRO C 97 -17.75 -7.71 23.21
C PRO C 97 -19.19 -7.32 22.87
N SER C 98 -20.03 -7.27 23.88
CA SER C 98 -21.46 -7.02 23.73
C SER C 98 -21.72 -5.74 22.95
N PHE C 99 -22.58 -5.83 21.94
CA PHE C 99 -22.95 -4.66 21.14
C PHE C 99 -24.07 -3.86 21.81
N ILE C 100 -24.61 -4.38 22.90
CA ILE C 100 -25.74 -3.74 23.57
C ILE C 100 -25.22 -2.83 24.68
N PRO C 101 -25.54 -1.53 24.60
CA PRO C 101 -24.96 -0.60 25.58
C PRO C 101 -25.64 -0.69 26.93
N THR C 102 -24.85 -0.49 27.97
CA THR C 102 -25.34 -0.50 29.34
C THR C 102 -25.47 0.91 29.94
N ALA C 103 -26.05 0.97 31.13
CA ALA C 103 -26.27 2.23 31.82
C ALA C 103 -25.01 2.66 32.57
N THR C 104 -24.84 3.96 32.77
CA THR C 104 -23.64 4.49 33.43
C THR C 104 -23.99 5.15 34.75
N THR C 105 -25.20 4.90 35.25
CA THR C 105 -25.62 5.32 36.59
C THR C 105 -26.43 4.18 37.19
N PRO C 106 -26.58 4.17 38.52
CA PRO C 106 -27.34 3.10 39.19
C PRO C 106 -28.83 3.12 38.86
N GLU C 107 -29.39 4.28 38.54
CA GLU C 107 -30.85 4.35 38.33
C GLU C 107 -31.26 4.28 36.85
N GLY C 108 -30.27 4.23 35.96
CA GLY C 108 -30.54 4.22 34.53
C GLY C 108 -31.20 2.93 34.11
N CYS C 109 -32.24 3.06 33.29
CA CYS C 109 -33.03 1.91 32.91
C CYS C 109 -33.02 1.67 31.41
N THR C 110 -32.43 0.55 30.99
CA THR C 110 -32.55 0.11 29.60
C THR C 110 -33.53 -1.07 29.51
N ARG C 111 -34.57 -0.93 28.69
CA ARG C 111 -35.54 -1.99 28.53
C ARG C 111 -36.11 -2.10 27.12
N ILE C 112 -36.85 -3.19 26.90
CA ILE C 112 -37.62 -3.43 25.67
C ILE C 112 -36.77 -3.48 24.40
N PRO C 113 -35.97 -4.55 24.26
CA PRO C 113 -35.13 -4.69 23.07
C PRO C 113 -35.94 -5.20 21.88
N SER C 114 -35.39 -5.02 20.69
CA SER C 114 -35.97 -5.54 19.48
C SER C 114 -34.79 -5.81 18.56
N PHE C 115 -34.77 -6.96 17.91
CA PHE C 115 -33.58 -7.37 17.17
C PHE C 115 -33.96 -8.09 15.88
N SER C 116 -33.38 -7.65 14.77
CA SER C 116 -33.72 -8.20 13.47
C SER C 116 -32.45 -8.50 12.69
N LEU C 117 -32.32 -9.75 12.24
CA LEU C 117 -31.18 -10.16 11.44
C LEU C 117 -31.62 -10.74 10.11
N THR C 118 -31.03 -10.28 9.03
CA THR C 118 -31.26 -10.88 7.72
C THR C 118 -29.94 -11.20 7.03
N LYS C 119 -30.03 -11.73 5.82
CA LYS C 119 -28.88 -12.09 5.00
C LYS C 119 -27.69 -11.11 5.13
N THR C 120 -27.97 -9.83 4.92
CA THR C 120 -26.93 -8.82 4.85
C THR C 120 -26.47 -8.29 6.22
N HIS C 121 -27.40 -7.98 7.11
CA HIS C 121 -27.06 -7.28 8.35
C HIS C 121 -28.07 -7.45 9.45
N TRP C 122 -27.80 -6.84 10.60
CA TRP C 122 -28.77 -6.83 11.69
C TRP C 122 -29.11 -5.42 12.19
N CYS C 123 -30.26 -5.30 12.84
CA CYS C 123 -30.72 -4.04 13.43
C CYS C 123 -31.10 -4.30 14.88
N TYR C 124 -30.72 -3.39 15.77
CA TYR C 124 -31.01 -3.51 17.18
C TYR C 124 -31.52 -2.18 17.76
N THR C 125 -32.45 -2.26 18.72
CA THR C 125 -32.92 -1.06 19.39
C THR C 125 -33.35 -1.38 20.82
N HIS C 126 -33.28 -0.39 21.70
CA HIS C 126 -33.98 -0.48 22.99
C HIS C 126 -34.26 0.90 23.56
N ASN C 127 -35.05 0.91 24.62
CA ASN C 127 -35.53 2.13 25.25
C ASN C 127 -34.67 2.48 26.46
N VAL C 128 -34.37 3.76 26.60
CA VAL C 128 -33.58 4.25 27.74
C VAL C 128 -34.43 5.27 28.50
N ILE C 129 -34.57 5.04 29.80
CA ILE C 129 -35.25 5.98 30.68
C ILE C 129 -34.20 6.42 31.70
N LEU C 130 -34.09 7.71 31.93
CA LEU C 130 -32.98 8.23 32.75
C LEU C 130 -33.04 7.85 34.22
N ASN C 131 -34.21 7.95 34.81
CA ASN C 131 -34.38 7.72 36.24
C ASN C 131 -35.46 6.69 36.53
N GLY C 132 -35.05 5.45 36.76
CA GLY C 132 -36.01 4.39 37.04
C GLY C 132 -36.65 3.80 35.81
N CYS C 133 -37.41 2.73 35.99
CA CYS C 133 -38.01 2.00 34.88
C CYS C 133 -39.44 2.41 34.54
N GLN C 134 -39.95 3.43 35.23
CA GLN C 134 -41.31 3.91 34.99
C GLN C 134 -41.31 5.31 34.38
N ASP C 135 -41.91 5.47 33.20
CA ASP C 135 -42.06 6.79 32.58
C ASP C 135 -43.01 6.84 31.38
N HIS C 136 -43.80 7.90 31.32
CA HIS C 136 -44.67 8.09 30.17
C HIS C 136 -44.57 9.54 29.67
N VAL C 137 -43.54 10.24 30.11
CA VAL C 137 -43.29 11.58 29.60
C VAL C 137 -42.05 11.59 28.72
N SER C 138 -40.96 11.01 29.19
CA SER C 138 -39.68 11.12 28.48
C SER C 138 -38.83 9.85 28.54
N SER C 139 -38.16 9.57 27.43
CA SER C 139 -37.27 8.45 27.32
C SER C 139 -36.52 8.66 26.03
N ASN C 140 -35.44 7.93 25.83
CA ASN C 140 -34.77 7.96 24.55
C ASN C 140 -34.76 6.55 24.01
N GLN C 141 -34.41 6.43 22.74
CA GLN C 141 -34.40 5.15 22.08
C GLN C 141 -33.04 4.97 21.39
N PHE C 142 -32.26 4.03 21.89
CA PHE C 142 -31.02 3.64 21.24
C PHE C 142 -31.28 2.75 20.03
N VAL C 143 -30.56 2.98 18.94
CA VAL C 143 -30.69 2.14 17.76
C VAL C 143 -29.30 1.82 17.24
N SER C 144 -29.10 0.62 16.72
CA SER C 144 -27.83 0.31 16.08
C SER C 144 -27.98 -0.70 14.95
N MET C 145 -26.94 -0.79 14.13
CA MET C 145 -26.96 -1.70 13.01
C MET C 145 -25.53 -2.18 12.77
N GLY C 146 -25.41 -3.37 12.21
CA GLY C 146 -24.09 -3.88 11.95
C GLY C 146 -24.11 -5.25 11.34
N ILE C 147 -22.98 -5.95 11.46
CA ILE C 147 -22.84 -7.24 10.80
C ILE C 147 -22.26 -8.28 11.72
N ILE C 148 -22.20 -9.51 11.21
CA ILE C 148 -21.58 -10.60 11.91
C ILE C 148 -20.30 -11.01 11.20
N GLU C 149 -19.23 -11.18 11.96
CA GLU C 149 -17.97 -11.65 11.41
C GLU C 149 -17.34 -12.65 12.39
N PRO C 150 -16.58 -13.62 11.88
CA PRO C 150 -15.96 -14.64 12.74
C PRO C 150 -14.72 -14.14 13.49
N THR C 151 -14.45 -14.72 14.65
CA THR C 151 -13.22 -14.45 15.38
C THR C 151 -12.22 -15.59 15.19
N SER C 152 -11.03 -15.46 15.77
CA SER C 152 -10.00 -16.50 15.62
C SER C 152 -10.39 -17.75 16.39
N ALA C 153 -11.11 -17.57 17.50
CA ALA C 153 -11.65 -18.68 18.24
C ALA C 153 -12.76 -19.41 17.47
N GLY C 154 -13.19 -18.85 16.34
CA GLY C 154 -14.16 -19.48 15.46
C GLY C 154 -15.59 -18.95 15.54
N PHE C 155 -15.95 -18.37 16.69
CA PHE C 155 -17.35 -17.96 16.90
C PHE C 155 -17.63 -16.52 16.43
N PRO C 156 -18.93 -16.14 16.29
CA PRO C 156 -19.24 -14.83 15.72
C PRO C 156 -18.90 -13.63 16.59
N PHE C 157 -18.62 -12.52 15.93
CA PHE C 157 -18.60 -11.20 16.55
C PHE C 157 -19.74 -10.40 15.93
N PHE C 158 -20.63 -9.86 16.76
CA PHE C 158 -21.63 -8.92 16.28
C PHE C 158 -21.09 -7.48 16.21
N ARG C 159 -20.68 -7.08 15.01
CA ARG C 159 -19.89 -5.87 14.80
C ARG C 159 -20.78 -4.67 14.50
N THR C 160 -20.75 -3.65 15.38
CA THR C 160 -21.57 -2.46 15.21
C THR C 160 -20.95 -1.53 14.15
N LEU C 161 -21.76 -1.12 13.16
CA LEU C 161 -21.28 -0.16 12.14
C LEU C 161 -21.96 1.22 12.19
N LYS C 162 -23.02 1.35 12.95
CA LYS C 162 -23.66 2.64 13.16
C LYS C 162 -24.53 2.58 14.39
N THR C 163 -24.60 3.69 15.10
CA THR C 163 -25.37 3.77 16.31
C THR C 163 -26.20 5.04 16.18
N LEU C 164 -27.37 5.10 16.81
CA LEU C 164 -28.18 6.31 16.84
C LEU C 164 -28.82 6.40 18.21
N TYR C 165 -29.15 7.60 18.65
CA TYR C 165 -29.82 7.78 19.92
C TYR C 165 -30.89 8.83 19.72
N LEU C 166 -32.12 8.40 19.51
CA LEU C 166 -33.25 9.31 19.31
C LEU C 166 -33.64 9.90 20.67
N SER C 167 -33.34 11.18 20.81
CA SER C 167 -33.48 11.89 22.07
C SER C 167 -34.00 13.28 21.77
N ASP C 168 -35.30 13.44 21.63
CA ASP C 168 -35.80 14.71 21.12
C ASP C 168 -37.09 15.17 21.74
N GLY C 169 -37.46 14.55 22.85
CA GLY C 169 -38.72 14.90 23.49
C GLY C 169 -39.92 14.06 23.07
N VAL C 170 -39.85 13.42 21.90
CA VAL C 170 -40.88 12.44 21.53
C VAL C 170 -40.68 11.11 22.27
N ASN C 171 -41.69 10.71 23.03
CA ASN C 171 -41.55 9.56 23.92
C ASN C 171 -41.89 8.24 23.21
N ARG C 172 -40.97 7.82 22.35
CA ARG C 172 -41.14 6.63 21.52
C ARG C 172 -41.11 5.35 22.36
N LYS C 173 -42.25 4.65 22.40
CA LYS C 173 -42.38 3.44 23.21
C LYS C 173 -42.75 2.21 22.40
N SER C 174 -42.43 1.05 22.98
CA SER C 174 -42.79 -0.28 22.46
C SER C 174 -42.29 -0.54 21.06
N CYS C 175 -41.09 -0.05 20.75
CA CYS C 175 -40.60 -0.09 19.39
C CYS C 175 -40.27 -1.48 18.91
N SER C 176 -40.76 -1.82 17.72
CA SER C 176 -40.29 -3.01 17.03
C SER C 176 -39.37 -2.55 15.92
N ILE C 177 -38.34 -3.35 15.63
CA ILE C 177 -37.43 -3.01 14.53
C ILE C 177 -37.33 -4.11 13.45
N SER C 178 -37.09 -3.69 12.22
CA SER C 178 -36.81 -4.64 11.13
C SER C 178 -35.72 -4.13 10.21
N THR C 179 -34.91 -5.05 9.68
CA THR C 179 -33.97 -4.67 8.63
C THR C 179 -34.74 -4.33 7.36
N VAL C 180 -34.14 -3.47 6.54
CA VAL C 180 -34.61 -3.17 5.20
C VAL C 180 -33.31 -2.98 4.41
N PRO C 181 -33.36 -3.12 3.08
CA PRO C 181 -32.13 -2.95 2.31
C PRO C 181 -31.40 -1.64 2.61
N GLY C 182 -30.23 -1.74 3.23
CA GLY C 182 -29.39 -0.59 3.48
C GLY C 182 -29.64 0.07 4.82
N GLY C 183 -30.51 -0.53 5.64
CA GLY C 183 -30.76 0.01 6.97
C GLY C 183 -31.84 -0.67 7.80
N CYS C 184 -32.66 0.15 8.46
CA CYS C 184 -33.62 -0.33 9.43
C CYS C 184 -34.88 0.51 9.39
N MET C 185 -36.00 -0.16 9.64
CA MET C 185 -37.26 0.52 9.82
C MET C 185 -37.75 0.18 11.20
N MET C 186 -38.08 1.21 11.97
CA MET C 186 -38.55 1.00 13.32
C MET C 186 -39.95 1.57 13.43
N TYR C 187 -40.76 0.91 14.25
CA TYR C 187 -42.15 1.29 14.44
C TYR C 187 -42.37 1.48 15.95
N CYS C 188 -42.92 2.62 16.34
CA CYS C 188 -43.12 2.95 17.75
C CYS C 188 -44.47 3.62 17.90
N PHE C 189 -45.02 3.63 19.10
CA PHE C 189 -46.08 4.58 19.36
C PHE C 189 -45.52 5.63 20.30
N VAL C 190 -46.25 6.74 20.47
CA VAL C 190 -45.80 7.80 21.36
C VAL C 190 -46.60 7.80 22.66
N SER C 191 -45.91 7.57 23.77
CA SER C 191 -46.59 7.47 25.06
C SER C 191 -46.60 8.79 25.81
N THR C 192 -47.80 9.20 26.24
CA THR C 192 -48.01 10.47 26.92
C THR C 192 -48.78 10.28 28.22
N GLN C 193 -49.15 9.03 28.50
CA GLN C 193 -49.98 8.72 29.67
C GLN C 193 -49.80 7.25 30.06
N PRO C 194 -50.29 6.86 31.23
CA PRO C 194 -50.17 5.43 31.59
C PRO C 194 -50.93 4.51 30.64
N GLU C 195 -50.53 3.24 30.59
CA GLU C 195 -51.12 2.28 29.68
C GLU C 195 -52.64 2.16 29.79
N ARG C 196 -53.12 2.01 31.03
CA ARG C 196 -54.57 1.90 31.28
C ARG C 196 -55.35 3.05 30.63
N ASP C 197 -54.85 4.26 30.74
CA ASP C 197 -55.54 5.41 30.17
C ASP C 197 -55.63 5.32 28.64
N ASP C 198 -54.63 4.70 28.00
CA ASP C 198 -54.70 4.44 26.56
C ASP C 198 -55.93 3.59 26.22
N TYR C 199 -56.23 2.60 27.05
CA TYR C 199 -57.37 1.74 26.77
C TYR C 199 -58.75 2.44 26.97
N PHE C 200 -58.78 3.44 27.84
CA PHE C 200 -60.04 4.12 28.15
C PHE C 200 -60.44 5.22 27.18
N SER C 201 -59.47 6.00 26.72
CA SER C 201 -59.77 7.02 25.72
C SER C 201 -60.02 6.38 24.35
N ALA C 202 -60.82 7.05 23.54
CA ALA C 202 -61.27 6.46 22.28
C ALA C 202 -60.25 6.63 21.14
N ALA C 203 -59.57 7.76 21.10
CA ALA C 203 -58.57 8.03 20.07
C ALA C 203 -57.30 7.30 20.46
N PRO C 204 -56.61 6.70 19.49
CA PRO C 204 -55.42 5.92 19.85
C PRO C 204 -54.20 6.83 19.96
N PRO C 205 -53.08 6.33 20.51
CA PRO C 205 -51.87 7.15 20.58
C PRO C 205 -51.30 7.44 19.18
N GLU C 206 -50.37 8.40 19.09
CA GLU C 206 -49.67 8.65 17.84
C GLU C 206 -48.76 7.46 17.45
N GLN C 207 -48.77 7.11 16.16
CA GLN C 207 -47.98 6.01 15.64
C GLN C 207 -46.93 6.53 14.66
N ARG C 208 -45.67 6.11 14.84
CA ARG C 208 -44.58 6.58 14.01
C ARG C 208 -43.76 5.46 13.38
N ILE C 209 -43.31 5.69 12.15
CA ILE C 209 -42.35 4.81 11.49
C ILE C 209 -41.09 5.60 11.20
N ILE C 210 -39.96 5.13 11.72
CA ILE C 210 -38.67 5.76 11.45
C ILE C 210 -37.83 4.81 10.59
N ILE C 211 -37.33 5.32 9.46
CA ILE C 211 -36.40 4.58 8.63
C ILE C 211 -34.99 5.14 8.78
N MET C 212 -34.02 4.28 9.01
CA MET C 212 -32.66 4.73 9.21
C MET C 212 -31.68 3.99 8.31
N TYR C 213 -31.04 4.70 7.40
CA TYR C 213 -30.19 4.07 6.40
C TYR C 213 -28.72 4.22 6.74
N TYR C 214 -27.91 3.29 6.24
CA TYR C 214 -26.47 3.34 6.48
C TYR C 214 -25.83 4.62 5.95
N ASN C 215 -26.42 5.19 4.90
CA ASN C 215 -25.91 6.42 4.29
C ASN C 215 -26.18 7.67 5.12
N ASP C 216 -26.85 7.46 6.26
CA ASP C 216 -27.18 8.49 7.26
C ASP C 216 -28.51 9.21 7.01
N THR C 217 -29.20 8.85 5.92
CA THR C 217 -30.55 9.34 5.74
C THR C 217 -31.46 8.79 6.82
N ILE C 218 -32.22 9.69 7.44
CA ILE C 218 -33.24 9.34 8.42
C ILE C 218 -34.56 10.01 8.08
N VAL C 219 -35.59 9.21 7.79
CA VAL C 219 -36.92 9.79 7.64
C VAL C 219 -37.93 9.23 8.66
N GLU C 220 -38.49 10.11 9.48
CA GLU C 220 -39.56 9.74 10.37
C GLU C 220 -40.88 10.26 9.82
N ARG C 221 -41.92 9.45 9.93
CA ARG C 221 -43.25 9.82 9.45
C ARG C 221 -44.27 9.42 10.50
N ILE C 222 -45.21 10.32 10.81
CA ILE C 222 -46.40 9.92 11.56
C ILE C 222 -47.36 9.22 10.61
N ILE C 223 -47.81 8.02 10.96
CA ILE C 223 -48.65 7.25 10.05
C ILE C 223 -50.09 7.10 10.54
N ASN C 224 -50.99 6.92 9.58
CA ASN C 224 -52.40 6.76 9.87
C ASN C 224 -53.01 5.67 9.01
N PRO C 225 -52.74 4.40 9.37
CA PRO C 225 -53.40 3.29 8.68
C PRO C 225 -54.92 3.42 8.79
N PRO C 226 -55.65 3.17 7.70
CA PRO C 226 -57.11 3.15 7.81
C PRO C 226 -57.59 2.03 8.73
N GLY C 227 -58.78 2.19 9.28
CA GLY C 227 -59.38 1.17 10.11
C GLY C 227 -58.84 1.18 11.52
N VAL C 228 -58.14 2.24 11.89
CA VAL C 228 -57.66 2.40 13.25
C VAL C 228 -58.53 3.37 14.05
N LEU C 229 -58.59 4.62 13.60
CA LEU C 229 -59.32 5.67 14.30
C LEU C 229 -60.80 5.29 14.47
N ASP C 230 -61.29 5.51 15.69
CA ASP C 230 -62.64 5.09 16.13
C ASP C 230 -62.84 3.58 16.11
N VAL C 231 -61.77 2.82 15.93
CA VAL C 231 -61.88 1.36 15.97
C VAL C 231 -61.00 0.77 17.05
N TRP C 232 -59.73 1.18 17.06
CA TRP C 232 -58.77 0.76 18.08
C TRP C 232 -58.59 1.89 19.10
N ALA C 233 -58.91 1.63 20.36
CA ALA C 233 -58.72 2.64 21.40
C ALA C 233 -57.23 2.85 21.66
N THR C 234 -56.45 1.78 21.49
CA THR C 234 -55.01 1.89 21.55
C THR C 234 -54.33 0.82 20.67
N LEU C 235 -53.10 1.10 20.30
CA LEU C 235 -52.36 0.23 19.41
C LEU C 235 -50.86 0.39 19.67
N ASN C 236 -50.17 -0.72 19.85
CA ASN C 236 -48.74 -0.75 20.12
C ASN C 236 -48.09 -1.75 19.17
N PRO C 237 -46.86 -1.45 18.72
CA PRO C 237 -46.03 -2.49 18.09
C PRO C 237 -45.78 -3.62 19.07
N GLY C 238 -45.42 -4.80 18.58
CA GLY C 238 -45.21 -5.96 19.43
C GLY C 238 -43.89 -6.01 20.20
N THR C 239 -42.98 -5.10 19.85
CA THR C 239 -41.60 -5.06 20.36
C THR C 239 -40.69 -6.10 19.72
N GLY C 240 -41.25 -7.24 19.36
CA GLY C 240 -40.48 -8.27 18.67
C GLY C 240 -40.21 -7.79 17.27
N SER C 241 -39.20 -8.36 16.63
CA SER C 241 -38.80 -7.89 15.31
C SER C 241 -39.93 -7.91 14.29
N GLY C 242 -39.84 -7.05 13.29
CA GLY C 242 -40.69 -7.18 12.13
C GLY C 242 -39.89 -7.93 11.10
N VAL C 243 -40.44 -8.10 9.90
CA VAL C 243 -39.72 -8.75 8.81
C VAL C 243 -39.96 -8.02 7.51
N TYR C 244 -38.99 -8.12 6.60
CA TYR C 244 -39.12 -7.56 5.26
C TYR C 244 -39.52 -8.67 4.27
N TYR C 245 -40.73 -8.55 3.71
CA TYR C 245 -41.36 -9.63 2.97
C TYR C 245 -41.99 -9.13 1.68
N LEU C 246 -41.43 -9.57 0.55
CA LEU C 246 -41.95 -9.23 -0.78
C LEU C 246 -42.17 -7.74 -0.95
N GLY C 247 -41.23 -6.94 -0.47
CA GLY C 247 -41.31 -5.49 -0.63
C GLY C 247 -42.06 -4.77 0.47
N TRP C 248 -42.71 -5.52 1.36
CA TRP C 248 -43.45 -4.93 2.48
C TRP C 248 -42.73 -5.20 3.80
N VAL C 249 -42.79 -4.25 4.72
CA VAL C 249 -42.29 -4.50 6.06
C VAL C 249 -43.46 -4.86 6.97
N LEU C 250 -43.38 -6.05 7.58
CA LEU C 250 -44.44 -6.50 8.47
C LEU C 250 -44.07 -6.39 9.94
N PHE C 251 -44.96 -5.80 10.74
CA PHE C 251 -44.73 -5.65 12.18
C PHE C 251 -45.81 -6.32 13.01
N PRO C 252 -45.43 -6.92 14.14
CA PRO C 252 -46.47 -7.40 15.05
C PRO C 252 -47.10 -6.19 15.73
N ILE C 253 -48.41 -6.27 15.98
CA ILE C 253 -49.09 -5.24 16.74
C ILE C 253 -50.07 -5.89 17.71
N TYR C 254 -50.51 -5.11 18.68
CA TYR C 254 -51.61 -5.50 19.52
C TYR C 254 -52.25 -4.25 20.10
N GLY C 255 -53.40 -4.41 20.74
CA GLY C 255 -54.07 -3.28 21.35
C GLY C 255 -55.48 -3.59 21.80
N GLY C 256 -56.29 -2.55 21.95
CA GLY C 256 -57.65 -2.68 22.41
C GLY C 256 -58.67 -2.18 21.42
N VAL C 257 -59.60 -3.07 21.05
CA VAL C 257 -60.64 -2.74 20.07
C VAL C 257 -61.94 -2.30 20.74
N ILE C 258 -62.61 -1.31 20.15
CA ILE C 258 -63.82 -0.68 20.70
C ILE C 258 -65.11 -1.48 20.45
N LYS C 259 -65.97 -1.56 21.47
CA LYS C 259 -67.25 -2.26 21.35
C LYS C 259 -68.15 -1.63 20.30
N GLY C 260 -68.73 -2.49 19.46
CA GLY C 260 -69.72 -2.06 18.49
C GLY C 260 -69.18 -1.80 17.10
N THR C 261 -67.90 -2.13 16.88
CA THR C 261 -67.29 -1.91 15.59
C THR C 261 -67.30 -3.20 14.76
N SER C 262 -67.13 -3.05 13.46
CA SER C 262 -67.09 -4.18 12.53
C SER C 262 -66.14 -5.26 13.00
N LEU C 263 -64.94 -4.84 13.41
CA LEU C 263 -63.91 -5.75 13.88
C LEU C 263 -64.37 -6.48 15.14
N TRP C 264 -64.90 -5.72 16.10
CA TRP C 264 -65.43 -6.30 17.32
C TRP C 264 -66.57 -7.26 16.95
N ASN C 265 -67.47 -6.78 16.09
CA ASN C 265 -68.59 -7.58 15.61
C ASN C 265 -68.12 -8.87 14.93
N ASN C 266 -67.14 -8.74 14.04
CA ASN C 266 -66.63 -9.89 13.29
C ASN C 266 -65.83 -10.87 14.14
N GLN C 267 -65.47 -10.44 15.35
CA GLN C 267 -64.64 -11.25 16.22
C GLN C 267 -65.48 -11.91 17.30
N ALA C 268 -66.68 -11.38 17.52
CA ALA C 268 -67.62 -11.89 18.52
C ALA C 268 -67.84 -13.40 18.44
N ASN C 269 -67.74 -14.04 19.61
CA ASN C 269 -67.97 -15.48 19.77
C ASN C 269 -66.86 -16.37 19.21
N LYS C 270 -65.75 -15.76 18.82
CA LYS C 270 -64.57 -16.53 18.44
C LYS C 270 -63.69 -16.77 19.65
N TYR C 271 -62.87 -17.82 19.56
CA TYR C 271 -61.94 -18.18 20.62
C TYR C 271 -61.00 -19.25 20.10
N PHE C 272 -59.91 -19.46 20.81
CA PHE C 272 -58.94 -20.45 20.39
C PHE C 272 -58.38 -21.19 21.58
N ILE C 273 -58.55 -22.50 21.55
CA ILE C 273 -58.04 -23.40 22.57
C ILE C 273 -57.04 -24.36 21.90
N PRO C 274 -55.75 -24.18 22.22
CA PRO C 274 -54.66 -24.97 21.66
C PRO C 274 -54.92 -26.49 21.76
N GLN C 275 -54.50 -27.20 20.73
CA GLN C 275 -54.76 -28.63 20.56
C GLN C 275 -54.41 -29.53 21.77
N MET C 276 -53.40 -29.14 22.55
CA MET C 276 -52.91 -29.96 23.65
C MET C 276 -53.54 -29.59 25.00
N VAL C 277 -54.60 -28.81 24.97
CA VAL C 277 -55.22 -28.32 26.20
C VAL C 277 -56.23 -29.32 26.83
N ALA C 278 -57.01 -30.01 26.00
CA ALA C 278 -58.03 -30.94 26.51
C ALA C 278 -57.48 -31.93 27.53
N ALA C 279 -56.36 -32.55 27.20
CA ALA C 279 -55.79 -33.62 28.01
C ALA C 279 -55.34 -33.13 29.38
N LEU C 280 -55.19 -31.82 29.51
CA LEU C 280 -54.58 -31.22 30.69
C LEU C 280 -55.54 -30.45 31.60
N CYS C 281 -56.78 -30.28 31.13
CA CYS C 281 -57.78 -29.49 31.86
C CYS C 281 -59.08 -30.28 32.08
N SER C 282 -59.45 -30.48 33.35
CA SER C 282 -60.59 -31.34 33.70
C SER C 282 -61.94 -30.70 33.53
N GLN C 283 -61.98 -29.37 33.51
CA GLN C 283 -63.24 -28.61 33.50
C GLN C 283 -64.21 -29.07 32.42
N ASN C 284 -65.51 -28.85 32.66
CA ASN C 284 -66.51 -29.11 31.65
C ASN C 284 -66.15 -28.40 30.35
N GLN C 285 -66.35 -29.10 29.23
CA GLN C 285 -66.07 -28.53 27.91
C GLN C 285 -66.85 -27.25 27.71
N ALA C 286 -68.08 -27.22 28.22
CA ALA C 286 -68.90 -26.02 28.13
C ALA C 286 -68.33 -24.88 28.99
N THR C 287 -67.75 -25.22 30.14
CA THR C 287 -67.14 -24.21 31.00
C THR C 287 -65.84 -23.67 30.38
N GLN C 288 -65.13 -24.55 29.67
CA GLN C 288 -63.92 -24.16 28.95
C GLN C 288 -64.18 -23.17 27.82
N VAL C 289 -65.15 -23.51 26.97
CA VAL C 289 -65.46 -22.71 25.80
C VAL C 289 -65.97 -21.33 26.21
N GLN C 290 -66.74 -21.29 27.29
CA GLN C 290 -67.27 -20.02 27.79
C GLN C 290 -66.15 -19.09 28.23
N ASN C 291 -65.20 -19.63 28.98
CA ASN C 291 -64.07 -18.84 29.46
C ASN C 291 -63.10 -18.39 28.38
N ALA C 292 -62.89 -19.25 27.39
CA ALA C 292 -62.03 -18.93 26.26
C ALA C 292 -62.59 -17.77 25.43
N LYS C 293 -63.92 -17.70 25.32
CA LYS C 293 -64.53 -16.59 24.61
C LYS C 293 -64.38 -15.31 25.41
N SER C 294 -64.45 -15.43 26.73
CA SER C 294 -64.38 -14.25 27.60
C SER C 294 -62.95 -13.72 27.74
N SER C 295 -61.95 -14.55 27.41
CA SER C 295 -60.55 -14.22 27.63
C SER C 295 -60.03 -13.12 26.69
N TYR C 296 -60.84 -12.73 25.71
CA TYR C 296 -60.45 -11.69 24.77
C TYR C 296 -60.91 -10.29 25.20
N TYR C 297 -61.55 -10.20 26.37
CA TYR C 297 -62.12 -8.92 26.83
C TYR C 297 -61.66 -8.52 28.22
N SER C 298 -61.10 -7.32 28.31
CA SER C 298 -60.55 -6.82 29.57
C SER C 298 -61.42 -5.72 30.15
N SER C 299 -61.97 -5.96 31.33
CA SER C 299 -62.72 -4.94 32.04
C SER C 299 -61.77 -3.93 32.66
N TRP C 300 -60.58 -4.40 33.03
CA TRP C 300 -59.52 -3.53 33.54
C TRP C 300 -59.06 -2.51 32.49
N PHE C 301 -58.90 -2.96 31.25
CA PHE C 301 -58.43 -2.08 30.19
C PHE C 301 -59.58 -1.45 29.38
N GLY C 302 -60.43 -0.71 30.07
CA GLY C 302 -61.50 0.05 29.44
C GLY C 302 -62.56 -0.73 28.67
N ASN C 303 -62.82 -1.96 29.11
CA ASN C 303 -63.77 -2.86 28.45
C ASN C 303 -63.55 -2.97 26.95
N ARG C 304 -62.33 -3.39 26.59
CA ARG C 304 -61.94 -3.52 25.20
C ARG C 304 -61.60 -4.95 24.85
N MET C 305 -61.61 -5.22 23.55
CA MET C 305 -61.17 -6.50 23.01
C MET C 305 -59.65 -6.46 22.75
N ILE C 306 -58.88 -7.20 23.55
CA ILE C 306 -57.42 -7.17 23.43
C ILE C 306 -56.96 -8.01 22.23
N GLN C 307 -56.47 -7.33 21.19
CA GLN C 307 -56.35 -7.94 19.87
C GLN C 307 -54.93 -8.03 19.37
N SER C 308 -54.55 -9.20 18.85
CA SER C 308 -53.27 -9.31 18.18
C SER C 308 -53.46 -9.12 16.68
N GLY C 309 -52.43 -8.57 16.03
CA GLY C 309 -52.53 -8.33 14.61
C GLY C 309 -51.18 -8.18 13.95
N ILE C 310 -51.19 -7.64 12.75
CA ILE C 310 -49.96 -7.34 12.02
C ILE C 310 -50.14 -6.03 11.29
N LEU C 311 -49.13 -5.17 11.32
CA LEU C 311 -49.15 -3.94 10.51
C LEU C 311 -48.19 -4.08 9.32
N ALA C 312 -48.69 -3.77 8.13
CA ALA C 312 -47.93 -3.96 6.90
C ALA C 312 -47.66 -2.63 6.26
N CYS C 313 -46.38 -2.32 6.07
CA CYS C 313 -45.98 -1.04 5.54
C CYS C 313 -45.17 -1.20 4.27
N PRO C 314 -45.58 -0.51 3.20
CA PRO C 314 -44.75 -0.53 2.00
C PRO C 314 -43.45 0.18 2.30
N LEU C 315 -42.35 -0.27 1.71
CA LEU C 315 -41.07 0.38 1.93
C LEU C 315 -41.00 1.66 1.09
N ARG C 316 -41.40 2.77 1.69
CA ARG C 316 -41.41 4.08 1.04
C ARG C 316 -40.95 5.11 2.05
N GLN C 317 -40.30 6.17 1.60
CA GLN C 317 -39.85 7.24 2.50
C GLN C 317 -40.91 8.33 2.74
N ASP C 318 -42.06 8.18 2.11
CA ASP C 318 -43.10 9.20 2.15
C ASP C 318 -44.42 8.69 2.73
N LEU C 319 -44.34 7.70 3.62
CA LEU C 319 -45.53 7.09 4.23
C LEU C 319 -46.49 8.07 4.93
N THR C 320 -47.77 7.82 4.73
CA THR C 320 -48.83 8.52 5.45
C THR C 320 -49.87 7.48 5.86
N ASN C 321 -50.60 6.96 4.87
CA ASN C 321 -51.70 6.03 5.12
C ASN C 321 -51.62 4.75 4.28
N GLU C 322 -50.47 4.52 3.66
CA GLU C 322 -50.27 3.31 2.86
C GLU C 322 -50.10 2.08 3.75
N CYS C 323 -49.98 2.30 5.06
CA CYS C 323 -49.78 1.20 6.00
C CYS C 323 -51.10 0.52 6.34
N LEU C 324 -51.08 -0.81 6.44
CA LEU C 324 -52.31 -1.59 6.63
C LEU C 324 -52.38 -2.35 7.96
N VAL C 325 -53.55 -2.33 8.59
CA VAL C 325 -53.80 -3.09 9.81
C VAL C 325 -54.61 -4.35 9.53
N LEU C 326 -53.98 -5.50 9.77
CA LEU C 326 -54.59 -6.80 9.53
C LEU C 326 -54.62 -7.61 10.82
N PRO C 327 -55.76 -7.60 11.52
CA PRO C 327 -55.87 -8.40 12.75
C PRO C 327 -55.93 -9.91 12.46
N PHE C 328 -55.55 -10.69 13.46
CA PHE C 328 -55.70 -12.14 13.39
C PHE C 328 -57.10 -12.51 13.79
N SER C 329 -57.56 -13.67 13.32
CA SER C 329 -58.84 -14.21 13.73
C SER C 329 -58.70 -14.76 15.15
N ASN C 330 -59.64 -14.39 16.03
CA ASN C 330 -59.57 -14.86 17.41
C ASN C 330 -59.95 -16.33 17.56
N ASP C 331 -60.37 -16.95 16.46
CA ASP C 331 -60.50 -18.41 16.39
C ASP C 331 -59.14 -19.04 16.24
N GLN C 332 -58.16 -18.26 15.79
CA GLN C 332 -56.87 -18.80 15.43
C GLN C 332 -55.76 -18.47 16.41
N VAL C 333 -56.09 -17.68 17.42
CA VAL C 333 -55.07 -16.95 18.17
C VAL C 333 -55.59 -16.57 19.55
N LEU C 334 -54.69 -16.42 20.51
CA LEU C 334 -55.10 -16.09 21.88
C LEU C 334 -55.37 -14.60 22.03
N MET C 335 -55.61 -14.15 23.27
CA MET C 335 -55.74 -12.72 23.58
C MET C 335 -54.58 -11.91 22.99
N GLY C 336 -54.88 -10.68 22.60
CA GLY C 336 -53.87 -9.77 22.07
C GLY C 336 -52.69 -9.58 23.00
N ALA C 337 -51.50 -9.53 22.42
CA ALA C 337 -50.26 -9.46 23.18
C ALA C 337 -49.05 -9.03 22.32
N GLU C 338 -47.95 -8.75 23.00
CA GLU C 338 -46.67 -8.53 22.32
C GLU C 338 -46.34 -9.76 21.49
N GLY C 339 -45.43 -9.61 20.55
CA GLY C 339 -45.03 -10.74 19.76
C GLY C 339 -44.02 -10.36 18.71
N ARG C 340 -43.71 -11.29 17.82
CA ARG C 340 -42.56 -11.16 16.95
C ARG C 340 -42.82 -11.89 15.64
N LEU C 341 -42.28 -11.35 14.56
CA LEU C 341 -42.40 -11.99 13.26
C LEU C 341 -41.08 -12.55 12.75
N TYR C 342 -41.15 -13.66 12.02
CA TYR C 342 -39.97 -14.36 11.50
C TYR C 342 -40.10 -14.67 10.02
N MET C 343 -38.96 -14.88 9.39
CA MET C 343 -38.91 -15.52 8.08
C MET C 343 -38.12 -16.81 8.27
N TYR C 344 -38.78 -17.93 8.01
CA TYR C 344 -38.07 -19.19 7.83
C TYR C 344 -38.21 -19.54 6.36
N GLY C 345 -37.13 -19.38 5.61
CA GLY C 345 -37.20 -19.50 4.17
C GLY C 345 -38.20 -18.51 3.60
N ASP C 346 -39.28 -19.04 3.03
CA ASP C 346 -40.33 -18.21 2.44
C ASP C 346 -41.57 -18.14 3.31
N SER C 347 -41.56 -18.88 4.42
CA SER C 347 -42.69 -18.87 5.34
C SER C 347 -42.56 -17.80 6.42
N VAL C 348 -43.67 -17.11 6.70
CA VAL C 348 -43.74 -16.12 7.76
C VAL C 348 -44.30 -16.77 9.01
N TYR C 349 -43.59 -16.64 10.13
CA TYR C 349 -44.07 -17.19 11.39
C TYR C 349 -44.27 -16.11 12.44
N TYR C 350 -45.02 -16.45 13.48
CA TYR C 350 -45.40 -15.44 14.46
C TYR C 350 -45.38 -15.99 15.86
N TYR C 351 -44.63 -15.31 16.73
CA TYR C 351 -44.66 -15.60 18.14
C TYR C 351 -45.63 -14.65 18.79
N GLN C 352 -46.51 -15.20 19.62
CA GLN C 352 -47.42 -14.36 20.40
C GLN C 352 -47.04 -14.58 21.84
N ARG C 353 -46.74 -13.48 22.54
CA ARG C 353 -46.47 -13.57 23.96
C ARG C 353 -47.72 -14.16 24.62
N SER C 354 -47.52 -14.94 25.67
CA SER C 354 -48.62 -15.53 26.42
C SER C 354 -49.04 -14.65 27.60
N ASN C 355 -49.92 -13.71 27.32
CA ASN C 355 -50.44 -12.82 28.35
C ASN C 355 -51.81 -13.23 28.88
N SER C 356 -52.30 -14.39 28.42
CA SER C 356 -53.63 -14.87 28.78
C SER C 356 -53.55 -16.07 29.72
N TRP C 357 -54.49 -17.01 29.58
CA TRP C 357 -54.61 -18.16 30.49
C TRP C 357 -53.57 -19.27 30.22
N TRP C 358 -53.35 -19.58 28.95
CA TRP C 358 -52.42 -20.61 28.52
C TRP C 358 -50.98 -20.08 28.62
N PRO C 359 -50.16 -20.68 29.48
CA PRO C 359 -48.83 -20.16 29.80
C PRO C 359 -47.68 -20.72 28.93
N MET C 360 -48.00 -21.28 27.77
CA MET C 360 -46.97 -21.93 26.96
C MET C 360 -46.68 -21.18 25.68
N THR C 361 -45.53 -21.49 25.09
CA THR C 361 -45.04 -20.82 23.88
C THR C 361 -46.04 -20.91 22.71
N MET C 362 -46.36 -19.75 22.13
CA MET C 362 -47.27 -19.72 20.97
C MET C 362 -46.56 -19.36 19.68
N LEU C 363 -46.39 -20.36 18.82
CA LEU C 363 -45.80 -20.16 17.51
C LEU C 363 -46.83 -20.49 16.45
N TYR C 364 -46.88 -19.70 15.40
CA TYR C 364 -47.84 -19.94 14.34
C TYR C 364 -47.18 -19.74 12.99
N LYS C 365 -47.54 -20.58 12.01
CA LYS C 365 -47.23 -20.26 10.63
C LYS C 365 -48.34 -19.34 10.14
N VAL C 366 -47.93 -18.28 9.44
CA VAL C 366 -48.86 -17.28 8.97
C VAL C 366 -48.88 -17.23 7.46
N THR C 367 -50.08 -17.38 6.91
CA THR C 367 -50.30 -17.28 5.49
C THR C 367 -50.83 -15.90 5.18
N ILE C 368 -50.17 -15.20 4.27
CA ILE C 368 -50.60 -13.86 3.89
C ILE C 368 -51.06 -13.86 2.44
N THR C 369 -52.32 -13.49 2.21
CA THR C 369 -52.84 -13.44 0.86
C THR C 369 -52.78 -12.02 0.33
N PHE C 370 -52.30 -11.88 -0.91
CA PHE C 370 -52.14 -10.58 -1.54
C PHE C 370 -53.24 -10.28 -2.56
N THR C 371 -53.89 -9.13 -2.42
CA THR C 371 -54.88 -8.66 -3.37
C THR C 371 -54.36 -7.46 -4.18
N ASN C 372 -54.02 -7.73 -5.44
CA ASN C 372 -53.46 -6.71 -6.33
C ASN C 372 -52.22 -6.01 -5.77
N GLY C 373 -51.29 -6.80 -5.26
CA GLY C 373 -50.02 -6.30 -4.76
C GLY C 373 -50.06 -5.85 -3.32
N GLN C 374 -51.19 -6.06 -2.66
CA GLN C 374 -51.39 -5.62 -1.29
C GLN C 374 -51.93 -6.72 -0.40
N PRO C 375 -51.32 -6.91 0.78
CA PRO C 375 -51.82 -7.89 1.75
C PRO C 375 -53.25 -7.55 2.10
N SER C 376 -54.10 -8.56 2.18
CA SER C 376 -55.52 -8.38 2.47
C SER C 376 -55.99 -9.32 3.58
N ALA C 377 -55.30 -10.45 3.75
CA ALA C 377 -55.71 -11.40 4.77
C ALA C 377 -54.55 -12.17 5.37
N ILE C 378 -54.72 -12.53 6.64
CA ILE C 378 -53.76 -13.37 7.36
C ILE C 378 -54.45 -14.50 8.12
N SER C 379 -53.81 -15.67 8.12
CA SER C 379 -54.31 -16.82 8.87
C SER C 379 -53.16 -17.41 9.63
N ALA C 380 -53.43 -17.99 10.79
CA ALA C 380 -52.40 -18.53 11.65
C ALA C 380 -52.63 -19.99 12.00
N GLN C 381 -51.67 -20.85 11.66
CA GLN C 381 -51.73 -22.22 12.12
C GLN C 381 -50.77 -22.41 13.30
N ASN C 382 -51.33 -22.82 14.43
CA ASN C 382 -50.52 -22.99 15.63
C ASN C 382 -49.63 -24.22 15.54
N VAL C 383 -48.39 -24.09 16.02
CA VAL C 383 -47.54 -25.24 16.26
C VAL C 383 -47.95 -25.79 17.63
N PRO C 384 -48.63 -26.95 17.64
CA PRO C 384 -49.24 -27.48 18.87
C PRO C 384 -48.20 -27.95 19.88
N THR C 385 -48.22 -27.29 21.05
CA THR C 385 -47.14 -27.33 22.02
C THR C 385 -47.73 -27.39 23.43
N GLN C 386 -46.99 -27.99 24.37
CA GLN C 386 -47.30 -27.82 25.78
C GLN C 386 -46.00 -27.58 26.52
N GLN C 387 -45.05 -26.95 25.82
CA GLN C 387 -43.74 -26.77 26.38
C GLN C 387 -43.23 -25.34 26.39
N VAL C 388 -42.47 -25.09 27.46
CA VAL C 388 -41.93 -23.81 27.86
C VAL C 388 -43.03 -22.95 28.42
N PRO C 389 -43.20 -23.02 29.74
CA PRO C 389 -44.14 -22.20 30.50
C PRO C 389 -43.53 -20.83 30.72
N ARG C 390 -44.31 -19.94 31.30
CA ARG C 390 -43.82 -18.61 31.59
C ARG C 390 -44.50 -18.19 32.89
N PRO C 391 -43.83 -17.39 33.72
CA PRO C 391 -44.44 -17.03 35.00
C PRO C 391 -45.60 -16.07 34.79
N GLY C 392 -46.60 -16.15 35.67
CA GLY C 392 -47.76 -15.28 35.65
C GLY C 392 -48.33 -15.24 37.05
N THR C 393 -49.27 -14.35 37.31
CA THR C 393 -49.82 -14.20 38.66
C THR C 393 -51.14 -14.93 38.89
N GLY C 394 -51.52 -15.03 40.15
CA GLY C 394 -52.80 -15.59 40.57
C GLY C 394 -53.12 -16.93 39.94
N ASP C 395 -54.24 -16.99 39.23
CA ASP C 395 -54.74 -18.22 38.64
C ASP C 395 -54.26 -18.41 37.20
N CYS C 396 -53.20 -17.71 36.84
CA CYS C 396 -52.63 -17.83 35.50
C CYS C 396 -51.10 -17.96 35.55
N SER C 397 -50.58 -18.68 36.55
CA SER C 397 -49.16 -18.96 36.66
C SER C 397 -48.72 -20.00 35.63
N ALA C 398 -47.44 -20.36 35.66
CA ALA C 398 -46.91 -21.38 34.76
C ALA C 398 -47.66 -22.71 34.85
N THR C 399 -48.27 -22.98 36.02
CA THR C 399 -48.95 -24.26 36.23
C THR C 399 -50.35 -24.33 35.64
N ASN C 400 -50.96 -23.18 35.39
CA ASN C 400 -52.36 -23.15 34.95
C ASN C 400 -52.61 -23.78 33.58
N ARG C 401 -53.76 -24.44 33.43
CA ARG C 401 -54.06 -25.15 32.19
C ARG C 401 -55.47 -24.88 31.67
N CYS C 402 -56.28 -24.19 32.48
CA CYS C 402 -57.69 -24.00 32.18
C CYS C 402 -58.03 -22.56 31.79
N PRO C 403 -58.84 -22.41 30.73
CA PRO C 403 -59.24 -21.10 30.22
C PRO C 403 -59.87 -20.19 31.26
N GLY C 404 -59.72 -18.89 31.04
CA GLY C 404 -60.22 -17.87 31.93
C GLY C 404 -59.64 -16.56 31.45
N PHE C 405 -60.04 -15.47 32.06
CA PHE C 405 -59.43 -14.21 31.69
C PHE C 405 -58.23 -13.91 32.56
N CYS C 406 -57.06 -13.88 31.93
CA CYS C 406 -55.81 -13.51 32.58
C CYS C 406 -55.24 -12.32 31.85
N LEU C 407 -54.48 -11.53 32.60
CA LEU C 407 -53.78 -10.39 32.04
C LEU C 407 -52.42 -10.35 32.73
N THR C 408 -51.55 -11.27 32.34
CA THR C 408 -50.27 -11.43 32.99
C THR C 408 -49.37 -12.39 32.21
N GLY C 409 -48.07 -12.25 32.41
CA GLY C 409 -47.09 -13.02 31.67
C GLY C 409 -45.83 -12.21 31.45
N VAL C 410 -45.06 -12.58 30.43
CA VAL C 410 -43.81 -11.91 30.12
C VAL C 410 -43.41 -12.34 28.72
N TYR C 411 -42.66 -11.50 28.01
CA TYR C 411 -42.22 -11.79 26.65
C TYR C 411 -41.09 -12.81 26.70
N ALA C 412 -41.23 -13.85 25.90
CA ALA C 412 -40.22 -14.91 25.82
C ALA C 412 -40.43 -15.64 24.51
N ASP C 413 -39.75 -15.22 23.46
CA ASP C 413 -39.99 -15.81 22.14
C ASP C 413 -39.18 -17.10 21.93
N ALA C 414 -39.35 -17.73 20.76
CA ALA C 414 -38.70 -19.02 20.48
C ALA C 414 -38.34 -19.19 19.00
N TRP C 415 -37.17 -19.76 18.78
CA TRP C 415 -36.69 -19.96 17.42
C TRP C 415 -36.84 -21.45 17.03
N LEU C 416 -37.53 -21.69 15.93
CA LEU C 416 -37.75 -23.05 15.47
C LEU C 416 -36.49 -23.65 14.86
N LEU C 417 -36.00 -24.73 15.45
CA LEU C 417 -34.78 -25.36 14.98
C LEU C 417 -35.05 -26.33 13.82
N THR C 418 -36.24 -26.91 13.80
CA THR C 418 -36.66 -27.76 12.71
C THR C 418 -37.96 -27.25 12.09
N ASN C 419 -38.28 -27.76 10.91
CA ASN C 419 -39.45 -27.34 10.13
C ASN C 419 -40.70 -28.10 10.56
N PRO C 420 -41.72 -27.38 11.05
CA PRO C 420 -42.96 -28.06 11.48
C PRO C 420 -43.74 -28.60 10.30
N SER C 421 -43.45 -28.13 9.10
CA SER C 421 -44.14 -28.59 7.89
C SER C 421 -43.57 -29.90 7.31
N SER C 422 -42.48 -30.38 7.90
CA SER C 422 -41.77 -31.51 7.34
C SER C 422 -42.30 -32.85 7.87
N THR C 423 -43.32 -32.78 8.72
CA THR C 423 -44.00 -33.97 9.20
C THR C 423 -45.37 -34.09 8.53
N SER C 424 -45.94 -35.29 8.52
CA SER C 424 -47.26 -35.50 7.92
C SER C 424 -48.29 -34.58 8.56
N THR C 425 -48.35 -34.61 9.90
CA THR C 425 -49.18 -33.68 10.65
C THR C 425 -48.36 -32.45 11.04
N PHE C 426 -48.79 -31.28 10.60
CA PHE C 426 -48.07 -30.03 10.86
C PHE C 426 -47.69 -29.85 12.33
N GLY C 427 -46.38 -29.79 12.56
CA GLY C 427 -45.82 -29.60 13.88
C GLY C 427 -46.09 -30.69 14.90
N SER C 428 -46.06 -31.95 14.46
CA SER C 428 -46.30 -33.06 15.38
C SER C 428 -45.09 -33.32 16.26
N GLU C 429 -43.90 -33.15 15.68
CA GLU C 429 -42.67 -33.07 16.46
C GLU C 429 -41.86 -31.84 16.03
N ALA C 430 -41.86 -30.79 16.85
CA ALA C 430 -41.16 -29.55 16.52
C ALA C 430 -40.12 -29.19 17.58
N THR C 431 -39.01 -28.61 17.14
CA THR C 431 -37.91 -28.26 18.05
C THR C 431 -37.63 -26.76 18.07
N PHE C 432 -37.65 -26.17 19.25
CA PHE C 432 -37.42 -24.74 19.38
C PHE C 432 -36.50 -24.39 20.54
N THR C 433 -35.87 -23.25 20.43
CA THR C 433 -34.97 -22.80 21.50
C THR C 433 -35.25 -21.34 21.84
N GLY C 434 -34.97 -20.99 23.08
CA GLY C 434 -35.16 -19.65 23.57
C GLY C 434 -34.68 -19.57 25.01
N SER C 435 -35.08 -18.51 25.69
CA SER C 435 -34.87 -18.44 27.12
C SER C 435 -36.25 -18.37 27.77
N TYR C 436 -36.30 -18.64 29.06
CA TYR C 436 -37.55 -18.49 29.81
C TYR C 436 -37.23 -18.32 31.28
N LEU C 437 -38.15 -17.69 32.00
CA LEU C 437 -37.98 -17.49 33.42
C LEU C 437 -38.58 -18.70 34.09
N ASN C 438 -37.71 -19.54 34.65
CA ASN C 438 -38.13 -20.84 35.14
C ASN C 438 -38.64 -20.80 36.57
N THR C 439 -39.86 -20.30 36.70
CA THR C 439 -40.55 -20.22 37.97
C THR C 439 -42.04 -20.05 37.64
N ALA C 440 -42.91 -20.21 38.63
CA ALA C 440 -44.35 -20.24 38.40
C ALA C 440 -44.97 -18.86 38.36
N THR C 441 -44.57 -17.98 39.28
CA THR C 441 -45.23 -16.69 39.36
C THR C 441 -44.31 -15.48 39.22
N GLN C 442 -43.01 -15.68 39.45
CA GLN C 442 -42.06 -14.58 39.50
C GLN C 442 -41.14 -14.46 38.28
N ARG C 443 -40.49 -13.31 38.17
CA ARG C 443 -39.58 -13.08 37.05
C ARG C 443 -38.15 -13.26 37.51
N ILE C 444 -37.76 -14.52 37.67
CA ILE C 444 -36.43 -14.89 38.11
C ILE C 444 -36.01 -16.18 37.42
N ASN C 445 -34.75 -16.55 37.61
CA ASN C 445 -34.19 -17.77 37.05
C ASN C 445 -34.19 -17.87 35.53
N PRO C 446 -33.52 -16.92 34.87
CA PRO C 446 -33.46 -16.98 33.40
C PRO C 446 -32.73 -18.23 32.94
N THR C 447 -33.32 -18.96 32.01
CA THR C 447 -32.82 -20.26 31.60
C THR C 447 -32.85 -20.38 30.09
N MET C 448 -31.74 -20.75 29.49
CA MET C 448 -31.74 -21.00 28.06
C MET C 448 -32.01 -22.48 27.84
N TYR C 449 -32.71 -22.81 26.75
CA TYR C 449 -33.19 -24.17 26.58
C TYR C 449 -33.32 -24.58 25.11
N ILE C 450 -33.41 -25.89 24.89
CA ILE C 450 -33.93 -26.44 23.66
C ILE C 450 -35.08 -27.36 24.06
N ALA C 451 -36.20 -27.28 23.36
CA ALA C 451 -37.36 -28.08 23.72
C ALA C 451 -38.04 -28.64 22.49
N ASN C 452 -38.85 -29.68 22.69
CA ASN C 452 -39.82 -30.10 21.70
C ASN C 452 -41.24 -29.86 22.20
N ASN C 453 -42.25 -30.36 21.50
CA ASN C 453 -43.63 -30.09 21.89
C ASN C 453 -43.98 -30.43 23.32
N THR C 454 -43.27 -31.41 23.88
CA THR C 454 -43.70 -31.93 25.18
C THR C 454 -42.63 -31.82 26.27
N GLN C 455 -41.36 -31.81 25.88
CA GLN C 455 -40.28 -31.80 26.86
C GLN C 455 -39.16 -30.81 26.55
N ILE C 456 -38.48 -30.38 27.61
CA ILE C 456 -37.24 -29.64 27.46
C ILE C 456 -36.13 -30.67 27.35
N ILE C 457 -35.33 -30.59 26.29
CA ILE C 457 -34.30 -31.61 26.11
C ILE C 457 -32.89 -31.12 26.46
N SER C 458 -32.71 -29.80 26.45
CA SER C 458 -31.44 -29.21 26.87
C SER C 458 -31.66 -27.91 27.65
N SER C 459 -30.85 -27.66 28.67
CA SER C 459 -31.16 -26.58 29.61
C SER C 459 -29.96 -26.06 30.43
N GLN C 460 -29.74 -24.74 30.40
CA GLN C 460 -28.76 -24.12 31.28
C GLN C 460 -29.33 -22.86 31.89
N GLN C 461 -29.35 -22.82 33.22
CA GLN C 461 -29.83 -21.66 33.94
C GLN C 461 -28.71 -20.65 34.01
N PHE C 462 -29.04 -19.37 33.90
CA PHE C 462 -28.02 -18.35 34.07
C PHE C 462 -28.06 -17.64 35.42
N GLY C 463 -26.89 -17.50 36.02
CA GLY C 463 -26.78 -16.76 37.27
C GLY C 463 -27.15 -17.58 38.48
N SER C 464 -27.21 -16.92 39.62
CA SER C 464 -27.60 -17.61 40.84
C SER C 464 -29.11 -17.76 40.96
N SER C 465 -29.52 -18.63 41.87
CA SER C 465 -30.94 -18.75 42.21
C SER C 465 -31.48 -17.38 42.56
N GLY C 466 -32.62 -17.05 41.96
CA GLY C 466 -33.25 -15.77 42.21
C GLY C 466 -32.77 -14.61 41.38
N GLN C 467 -31.89 -14.87 40.40
CA GLN C 467 -31.48 -13.80 39.48
C GLN C 467 -32.71 -13.24 38.76
N GLU C 468 -32.93 -11.95 38.91
CA GLU C 468 -34.10 -11.33 38.29
C GLU C 468 -33.86 -11.06 36.82
N ALA C 469 -34.91 -11.18 36.02
CA ALA C 469 -34.79 -11.00 34.58
C ALA C 469 -36.15 -10.65 34.00
N ALA C 470 -36.19 -10.38 32.70
CA ALA C 470 -37.47 -10.05 32.05
C ALA C 470 -37.58 -10.64 30.65
N TYR C 471 -37.58 -9.79 29.63
CA TYR C 471 -37.81 -10.26 28.26
C TYR C 471 -36.65 -11.09 27.73
N GLY C 472 -36.93 -12.01 26.81
CA GLY C 472 -35.88 -12.75 26.13
C GLY C 472 -36.15 -12.90 24.63
N HIS C 473 -35.23 -12.39 23.81
CA HIS C 473 -35.34 -12.49 22.35
C HIS C 473 -34.24 -13.42 21.83
N THR C 474 -34.63 -14.44 21.08
CA THR C 474 -33.70 -15.47 20.62
C THR C 474 -33.62 -15.53 19.10
N THR C 475 -32.39 -15.65 18.59
CA THR C 475 -32.17 -15.69 17.15
C THR C 475 -31.03 -16.64 16.81
N CYS C 476 -31.27 -17.56 15.88
CA CYS C 476 -30.23 -18.51 15.50
C CYS C 476 -29.84 -18.35 14.04
N PHE C 477 -28.64 -18.81 13.73
CA PHE C 477 -28.10 -18.69 12.38
C PHE C 477 -26.93 -19.67 12.22
N ARG C 478 -26.53 -19.92 10.97
CA ARG C 478 -25.50 -20.93 10.72
C ARG C 478 -24.21 -20.41 10.08
N ASP C 479 -23.08 -20.76 10.71
CA ASP C 479 -21.76 -20.62 10.11
C ASP C 479 -21.65 -21.68 9.02
N THR C 480 -21.81 -21.31 7.74
CA THR C 480 -21.76 -22.33 6.69
C THR C 480 -20.33 -22.80 6.47
N GLY C 481 -19.38 -21.96 6.88
CA GLY C 481 -17.97 -22.29 6.81
C GLY C 481 -17.58 -23.44 7.72
N SER C 482 -18.13 -23.46 8.93
CA SER C 482 -17.81 -24.53 9.88
C SER C 482 -18.99 -25.45 10.15
N VAL C 483 -20.12 -25.14 9.49
CA VAL C 483 -21.36 -25.92 9.62
C VAL C 483 -21.88 -25.96 11.07
N MET C 484 -21.66 -24.89 11.82
CA MET C 484 -22.18 -24.78 13.18
C MET C 484 -23.33 -23.79 13.27
N VAL C 485 -24.33 -24.14 14.08
CA VAL C 485 -25.45 -23.26 14.32
C VAL C 485 -25.22 -22.50 15.63
N TYR C 486 -25.38 -21.18 15.58
CA TYR C 486 -25.26 -20.36 16.78
C TYR C 486 -26.58 -19.68 17.09
N CYS C 487 -26.86 -19.50 18.38
CA CYS C 487 -28.04 -18.77 18.81
C CYS C 487 -27.69 -17.64 19.76
N ILE C 488 -28.15 -16.45 19.42
CA ILE C 488 -27.98 -15.31 20.29
C ILE C 488 -29.23 -15.18 21.16
N TYR C 489 -29.03 -15.09 22.48
CA TYR C 489 -30.14 -14.97 23.42
C TYR C 489 -30.05 -13.64 24.14
N ILE C 490 -30.84 -12.67 23.70
CA ILE C 490 -30.84 -11.34 24.28
C ILE C 490 -31.77 -11.32 25.49
N ILE C 491 -31.20 -11.20 26.68
CA ILE C 491 -32.00 -11.27 27.89
C ILE C 491 -31.86 -10.04 28.76
N GLU C 492 -32.98 -9.46 29.21
CA GLU C 492 -32.92 -8.36 30.20
C GLU C 492 -32.64 -8.94 31.58
N LEU C 493 -31.51 -8.55 32.14
CA LEU C 493 -31.09 -9.02 33.45
C LEU C 493 -31.12 -7.89 34.44
N SER C 494 -31.61 -8.18 35.64
CA SER C 494 -31.54 -7.23 36.72
C SER C 494 -30.08 -6.97 37.04
N SER C 495 -29.77 -5.69 37.22
CA SER C 495 -28.42 -5.28 37.52
C SER C 495 -28.43 -4.61 38.88
N SER C 496 -27.31 -4.68 39.59
CA SER C 496 -27.18 -3.97 40.86
C SER C 496 -26.25 -2.76 40.74
N LEU C 497 -24.96 -3.02 40.47
CA LEU C 497 -23.94 -1.99 40.47
C LEU C 497 -24.29 -0.79 39.58
N LEU C 498 -24.48 -1.05 38.28
CA LEU C 498 -24.87 -0.02 37.33
C LEU C 498 -26.15 -0.37 36.61
N GLY C 499 -27.12 0.52 36.66
CA GLY C 499 -28.38 0.31 35.98
C GLY C 499 -29.35 -0.57 36.74
N GLN C 500 -30.62 -0.42 36.41
CA GLN C 500 -31.68 -1.27 36.90
C GLN C 500 -31.60 -2.58 36.14
N PHE C 501 -31.40 -2.46 34.84
CA PHE C 501 -31.25 -3.60 33.95
C PHE C 501 -30.01 -3.51 33.09
N GLN C 502 -29.54 -4.69 32.69
CA GLN C 502 -28.44 -4.82 31.77
C GLN C 502 -28.90 -5.84 30.73
N ILE C 503 -29.23 -5.37 29.54
CA ILE C 503 -29.62 -6.24 28.44
C ILE C 503 -28.39 -6.91 27.81
N VAL C 504 -28.36 -8.23 27.81
CA VAL C 504 -27.16 -8.98 27.42
C VAL C 504 -27.41 -9.91 26.23
N PRO C 505 -26.52 -9.88 25.23
CA PRO C 505 -26.62 -10.80 24.10
C PRO C 505 -25.75 -12.04 24.35
N PHE C 506 -26.29 -13.01 25.08
CA PHE C 506 -25.62 -14.29 25.24
C PHE C 506 -25.54 -15.03 23.91
N ILE C 507 -24.44 -15.73 23.71
CA ILE C 507 -24.30 -16.50 22.50
C ILE C 507 -23.69 -17.85 22.83
N ARG C 508 -24.30 -18.90 22.29
CA ARG C 508 -23.75 -20.25 22.40
C ARG C 508 -24.07 -21.06 21.16
N GLN C 509 -23.37 -22.18 21.02
CA GLN C 509 -23.59 -23.04 19.88
C GLN C 509 -24.74 -23.97 20.16
N VAL C 510 -25.54 -24.25 19.14
CA VAL C 510 -26.48 -25.35 19.26
C VAL C 510 -25.88 -26.54 18.54
N THR C 511 -25.39 -27.49 19.31
CA THR C 511 -24.54 -28.52 18.74
C THR C 511 -25.27 -29.84 18.53
N LEU C 512 -25.11 -30.39 17.33
CA LEU C 512 -25.64 -31.71 17.02
C LEU C 512 -24.66 -32.77 17.50
N SER C 513 -24.94 -33.37 18.66
CA SER C 513 -23.99 -34.28 19.26
C SER C 513 -24.57 -35.69 19.39
N LEU D 12 11.21 57.43 -39.40
CA LEU D 12 10.80 56.05 -39.37
C LEU D 12 12.04 55.16 -39.37
N LEU D 13 12.21 54.48 -40.50
CA LEU D 13 13.24 53.47 -40.73
C LEU D 13 13.58 52.71 -39.45
N ASN D 14 14.39 53.34 -38.61
CA ASN D 14 14.78 52.80 -37.30
C ASN D 14 13.64 52.38 -36.37
N ASN D 15 12.42 52.85 -36.62
CA ASN D 15 11.32 52.55 -35.71
C ASN D 15 10.67 51.19 -35.99
N ILE D 16 10.32 50.92 -37.24
CA ILE D 16 9.67 49.65 -37.57
C ILE D 16 10.64 48.46 -37.50
N LEU D 17 11.88 48.67 -37.94
CA LEU D 17 12.92 47.63 -37.90
C LEU D 17 12.97 46.86 -36.57
N SER D 18 13.13 47.60 -35.47
CA SER D 18 13.16 46.99 -34.14
C SER D 18 11.79 46.45 -33.67
N VAL D 19 10.72 47.11 -34.09
CA VAL D 19 9.35 46.69 -33.75
C VAL D 19 8.94 45.41 -34.47
N ALA D 20 9.12 45.39 -35.80
CA ALA D 20 8.81 44.20 -36.59
C ALA D 20 9.79 43.08 -36.28
N ASN D 21 10.90 43.43 -35.66
CA ASN D 21 11.85 42.47 -35.09
C ASN D 21 11.32 41.93 -33.77
N GLN D 22 10.58 42.78 -33.05
CA GLN D 22 9.99 42.38 -31.78
C GLN D 22 8.75 41.52 -32.00
N ILE D 23 8.26 41.51 -33.24
CA ILE D 23 7.13 40.66 -33.61
C ILE D 23 7.61 39.26 -34.02
N ILE D 24 8.79 39.18 -34.62
CA ILE D 24 9.44 37.90 -34.86
C ILE D 24 9.74 37.23 -33.52
N TYR D 25 10.24 38.00 -32.55
CA TYR D 25 10.51 37.49 -31.22
C TYR D 25 9.22 37.09 -30.53
N ASN D 26 8.18 37.92 -30.67
CA ASN D 26 6.86 37.63 -30.11
C ASN D 26 6.26 36.34 -30.65
N SER D 27 6.50 36.08 -31.93
CA SER D 27 5.83 34.97 -32.62
C SER D 27 6.68 33.70 -32.73
N ALA D 28 8.00 33.85 -32.73
CA ALA D 28 8.88 32.70 -32.94
C ALA D 28 9.63 32.24 -31.68
N VAL D 29 9.59 33.03 -30.61
CA VAL D 29 10.21 32.64 -29.34
C VAL D 29 9.33 32.84 -28.10
N ALA D 30 8.61 33.97 -28.05
CA ALA D 30 7.77 34.31 -26.89
C ALA D 30 6.55 33.39 -26.73
N LEU D 31 5.70 33.37 -27.77
CA LEU D 31 4.49 32.54 -27.76
C LEU D 31 4.74 31.02 -27.84
N PRO D 32 5.63 30.57 -28.74
CA PRO D 32 5.91 29.12 -28.73
C PRO D 32 6.54 28.62 -27.43
N LEU D 33 7.16 29.52 -26.65
CA LEU D 33 7.64 29.14 -25.33
C LEU D 33 6.46 29.00 -24.37
N GLN D 34 5.53 29.96 -24.43
CA GLN D 34 4.36 29.90 -23.58
C GLN D 34 3.54 28.65 -23.88
N LEU D 35 3.49 28.26 -25.14
CA LEU D 35 2.79 27.06 -25.54
C LEU D 35 3.53 25.81 -25.05
N ASP D 36 4.84 25.79 -25.23
CA ASP D 36 5.70 24.71 -24.74
C ASP D 36 5.55 24.54 -23.23
N THR D 37 5.72 25.64 -22.49
CA THR D 37 5.52 25.65 -21.05
C THR D 37 4.11 25.20 -20.68
N LEU D 38 3.13 25.59 -21.50
CA LEU D 38 1.73 25.23 -21.29
C LEU D 38 1.53 23.71 -21.40
N GLU D 39 2.16 23.11 -22.39
CA GLU D 39 2.06 21.67 -22.61
C GLU D 39 2.64 20.90 -21.42
N SER D 40 3.68 21.46 -20.81
CA SER D 40 4.38 20.80 -19.71
C SER D 40 3.60 20.82 -18.39
N THR D 41 2.93 21.92 -18.10
CA THR D 41 2.18 22.06 -16.84
C THR D 41 0.89 21.24 -16.87
N LEU D 42 0.37 21.01 -18.07
CA LEU D 42 -0.82 20.18 -18.26
C LEU D 42 -0.46 18.71 -18.29
N LEU D 43 0.71 18.40 -18.86
CA LEU D 43 1.26 17.06 -18.79
C LEU D 43 1.47 16.67 -17.32
N THR D 44 2.23 17.49 -16.61
CA THR D 44 2.44 17.34 -15.17
C THR D 44 1.12 17.20 -14.40
N ALA D 45 0.09 17.91 -14.87
CA ALA D 45 -1.22 17.85 -14.24
C ALA D 45 -1.97 16.55 -14.56
N ILE D 46 -1.58 15.89 -15.65
CA ILE D 46 -2.29 14.69 -16.12
C ILE D 46 -1.88 13.42 -15.38
N LYS D 47 -0.60 13.30 -15.05
CA LYS D 47 -0.07 12.11 -14.38
C LYS D 47 -0.59 11.96 -12.96
N SER D 48 -1.07 13.05 -12.38
CA SER D 48 -1.57 13.06 -11.01
C SER D 48 -3.06 12.69 -10.92
N LEU D 49 -3.57 12.03 -11.96
CA LEU D 49 -4.97 11.60 -11.98
C LEU D 49 -5.13 10.11 -11.72
N CYS D 59 -2.08 -5.13 -15.43
CA CYS D 59 -2.42 -3.89 -16.11
C CYS D 59 -1.56 -2.69 -15.63
N SER D 60 -0.32 -2.63 -16.11
CA SER D 60 0.51 -1.45 -15.90
C SER D 60 0.07 -0.37 -16.89
N TRP D 61 -0.37 0.76 -16.36
CA TRP D 61 -0.93 1.82 -17.20
C TRP D 61 0.11 2.55 -18.06
N SER D 62 -0.34 3.12 -19.17
CA SER D 62 0.52 3.92 -20.03
C SER D 62 0.90 5.24 -19.35
N ALA D 63 0.11 5.64 -18.36
CA ALA D 63 0.43 6.80 -17.52
C ALA D 63 1.53 6.46 -16.50
N ALA D 64 2.17 5.31 -16.68
CA ALA D 64 3.40 4.99 -15.98
C ALA D 64 4.53 5.56 -16.85
N LEU D 65 4.27 5.69 -18.15
CA LEU D 65 5.28 6.16 -19.08
C LEU D 65 5.34 7.70 -19.11
N ILE D 66 5.67 8.27 -17.96
CA ILE D 66 5.88 9.71 -17.86
C ILE D 66 7.06 9.97 -16.91
N ASN D 67 8.01 10.80 -17.34
CA ASN D 67 9.17 11.15 -16.53
C ASN D 67 8.72 11.76 -15.21
N ASP D 68 9.50 11.60 -14.16
CA ASP D 68 9.31 12.36 -12.92
C ASP D 68 9.02 13.85 -13.17
N ASN D 69 8.34 14.49 -12.23
CA ASN D 69 7.98 15.90 -12.35
C ASN D 69 9.21 16.78 -12.54
N ARG D 70 10.28 16.41 -11.85
CA ARG D 70 11.55 17.14 -11.89
C ARG D 70 12.16 17.33 -13.28
N TYR D 71 11.78 16.49 -14.23
CA TYR D 71 12.45 16.55 -15.54
C TYR D 71 11.56 16.99 -16.68
N ILE D 72 10.25 17.00 -16.45
CA ILE D 72 9.30 17.25 -17.54
C ILE D 72 9.51 18.63 -18.15
N ASN D 73 9.94 19.56 -17.32
CA ASN D 73 10.16 20.95 -17.74
C ASN D 73 11.60 21.27 -18.08
N GLY D 74 12.48 20.28 -18.03
CA GLY D 74 13.90 20.52 -18.25
C GLY D 74 14.49 19.80 -19.44
N ILE D 75 13.65 19.54 -20.44
CA ILE D 75 14.05 18.71 -21.57
C ILE D 75 13.90 19.45 -22.89
N ASN D 76 14.93 19.34 -23.74
CA ASN D 76 14.96 20.02 -25.04
C ASN D 76 14.99 21.55 -24.94
N GLN D 77 16.04 22.07 -24.33
CA GLN D 77 16.20 23.51 -24.12
C GLN D 77 17.66 23.83 -24.16
N PHE D 78 17.97 25.12 -24.29
CA PHE D 78 19.32 25.59 -24.00
C PHE D 78 19.31 25.92 -22.51
N TYR D 79 20.23 25.33 -21.77
CA TYR D 79 20.17 25.42 -20.31
C TYR D 79 20.96 26.59 -19.75
N PHE D 80 21.81 27.20 -20.55
CA PHE D 80 22.70 28.24 -20.06
C PHE D 80 22.74 29.49 -20.94
N SER D 81 22.88 30.65 -20.31
CA SER D 81 23.03 31.90 -21.04
C SER D 81 24.47 31.97 -21.53
N ILE D 82 24.71 32.84 -22.50
CA ILE D 82 26.02 32.95 -23.12
C ILE D 82 27.10 33.18 -22.07
N ALA D 83 26.76 33.99 -21.06
CA ALA D 83 27.70 34.30 -20.00
C ALA D 83 28.00 33.06 -19.16
N GLU D 84 26.95 32.33 -18.78
CA GLU D 84 27.12 31.14 -17.96
C GLU D 84 27.98 30.12 -18.68
N GLY D 85 27.83 30.07 -20.01
CA GLY D 85 28.58 29.12 -20.82
C GLY D 85 30.08 29.20 -20.64
N ARG D 86 30.57 30.38 -20.29
CA ARG D 86 31.99 30.58 -20.02
C ARG D 86 32.51 29.79 -18.82
N ASN D 87 31.63 29.52 -17.86
CA ASN D 87 32.07 28.95 -16.58
C ASN D 87 31.72 27.47 -16.36
N LEU D 88 31.38 26.76 -17.43
CA LEU D 88 30.90 25.37 -17.32
C LEU D 88 32.04 24.35 -17.21
N THR D 89 31.82 23.33 -16.39
CA THR D 89 32.83 22.32 -16.10
C THR D 89 32.15 20.95 -15.98
N LEU D 90 32.86 19.88 -16.30
CA LEU D 90 32.31 18.51 -16.16
C LEU D 90 32.43 18.01 -14.73
N GLY D 91 31.37 17.45 -14.18
CA GLY D 91 31.47 16.79 -12.90
C GLY D 91 32.05 15.40 -13.08
N PRO D 92 32.26 14.69 -11.98
CA PRO D 92 32.75 13.30 -12.06
C PRO D 92 31.66 12.36 -12.61
N LEU D 93 32.07 11.21 -13.14
CA LEU D 93 31.11 10.20 -13.60
C LEU D 93 30.24 9.72 -12.44
N LEU D 94 28.94 9.59 -12.70
CA LEU D 94 27.98 9.07 -11.73
C LEU D 94 27.61 7.63 -12.09
N ASN D 95 27.53 6.77 -11.09
CA ASN D 95 27.20 5.37 -11.34
C ASN D 95 25.71 5.08 -11.26
N MET D 96 25.15 4.59 -12.36
CA MET D 96 23.77 4.13 -12.37
C MET D 96 23.71 2.78 -13.08
N PRO D 97 22.63 2.01 -12.88
CA PRO D 97 22.48 0.73 -13.59
C PRO D 97 22.19 0.97 -15.07
N SER D 98 23.19 0.73 -15.91
CA SER D 98 23.11 0.98 -17.33
C SER D 98 21.84 0.35 -17.90
N PHE D 99 21.08 1.11 -18.68
CA PHE D 99 19.90 0.55 -19.31
C PHE D 99 20.26 -0.09 -20.64
N ILE D 100 21.53 -0.04 -21.02
CA ILE D 100 21.93 -0.57 -22.32
C ILE D 100 22.52 -1.98 -22.22
N PRO D 101 21.89 -2.94 -22.91
CA PRO D 101 22.36 -4.33 -22.78
C PRO D 101 23.69 -4.55 -23.49
N THR D 102 24.52 -5.39 -22.87
CA THR D 102 25.81 -5.76 -23.41
C THR D 102 25.70 -7.12 -24.09
N ALA D 103 26.77 -7.54 -24.76
CA ALA D 103 26.83 -8.86 -25.37
C ALA D 103 27.13 -9.90 -24.33
N THR D 104 26.85 -11.17 -24.65
CA THR D 104 27.16 -12.27 -23.74
C THR D 104 28.15 -13.24 -24.37
N THR D 105 28.80 -12.86 -25.47
CA THR D 105 29.89 -13.63 -26.04
C THR D 105 30.99 -12.68 -26.42
N PRO D 106 32.22 -13.19 -26.56
CA PRO D 106 33.33 -12.35 -26.99
C PRO D 106 33.15 -11.75 -28.40
N GLU D 107 32.49 -12.45 -29.30
CA GLU D 107 32.39 -12.02 -30.69
C GLU D 107 31.07 -11.31 -31.01
N GLY D 108 30.18 -11.27 -30.01
CA GLY D 108 28.90 -10.60 -30.16
C GLY D 108 29.09 -9.11 -30.33
N CYS D 109 28.42 -8.53 -31.31
CA CYS D 109 28.65 -7.12 -31.65
C CYS D 109 27.40 -6.26 -31.47
N THR D 110 27.42 -5.38 -30.48
CA THR D 110 26.36 -4.41 -30.28
C THR D 110 26.86 -3.07 -30.78
N ARG D 111 26.14 -2.51 -31.75
CA ARG D 111 26.61 -1.30 -32.38
C ARG D 111 25.47 -0.43 -32.83
N ILE D 112 25.82 0.81 -33.16
CA ILE D 112 24.93 1.76 -33.81
C ILE D 112 23.77 2.14 -32.89
N PRO D 113 24.08 2.84 -31.80
CA PRO D 113 23.00 3.24 -30.89
C PRO D 113 22.20 4.39 -31.47
N SER D 114 20.99 4.57 -30.97
CA SER D 114 20.19 5.75 -31.28
C SER D 114 19.35 6.03 -30.05
N PHE D 115 19.22 7.30 -29.69
CA PHE D 115 18.60 7.65 -28.42
C PHE D 115 17.82 8.95 -28.49
N SER D 116 16.61 8.92 -27.96
CA SER D 116 15.72 10.07 -28.06
C SER D 116 14.99 10.27 -26.76
N LEU D 117 14.93 11.51 -26.30
CA LEU D 117 14.28 11.86 -25.04
C LEU D 117 13.32 13.03 -25.21
N THR D 118 12.05 12.85 -24.84
CA THR D 118 11.12 13.97 -24.72
C THR D 118 10.66 14.22 -23.29
N LYS D 119 9.71 15.15 -23.14
CA LYS D 119 9.20 15.55 -21.84
C LYS D 119 8.70 14.35 -21.07
N THR D 120 8.03 13.45 -21.78
CA THR D 120 7.40 12.29 -21.14
C THR D 120 8.30 11.07 -20.95
N HIS D 121 9.15 10.76 -21.94
CA HIS D 121 9.90 9.50 -21.90
C HIS D 121 11.10 9.47 -22.84
N TRP D 122 11.82 8.35 -22.82
CA TRP D 122 12.94 8.14 -23.74
C TRP D 122 12.78 6.85 -24.51
N CYS D 123 13.44 6.78 -25.67
CA CYS D 123 13.48 5.59 -26.51
C CYS D 123 14.95 5.28 -26.80
N TYR D 124 15.30 4.00 -26.86
CA TYR D 124 16.65 3.62 -27.21
C TYR D 124 16.65 2.41 -28.12
N THR D 125 17.65 2.31 -28.98
CA THR D 125 17.80 1.14 -29.82
C THR D 125 19.25 0.94 -30.24
N HIS D 126 19.62 -0.31 -30.49
CA HIS D 126 20.88 -0.60 -31.15
C HIS D 126 20.82 -1.91 -31.89
N ASN D 127 21.78 -2.09 -32.78
CA ASN D 127 21.89 -3.27 -33.61
C ASN D 127 22.75 -4.32 -32.94
N VAL D 128 22.37 -5.58 -33.11
CA VAL D 128 23.13 -6.70 -32.61
C VAL D 128 23.45 -7.68 -33.75
N ILE D 129 24.73 -7.99 -33.91
CA ILE D 129 25.18 -9.03 -34.82
C ILE D 129 25.88 -10.12 -34.00
N LEU D 130 25.56 -11.38 -34.30
CA LEU D 130 25.95 -12.52 -33.49
C LEU D 130 27.44 -12.84 -33.56
N ASN D 131 28.02 -12.67 -34.75
CA ASN D 131 29.38 -13.11 -34.99
C ASN D 131 30.17 -12.00 -35.71
N GLY D 132 30.89 -11.19 -34.95
CA GLY D 132 31.66 -10.11 -35.53
C GLY D 132 30.81 -8.90 -35.86
N CYS D 133 31.44 -7.87 -36.39
CA CYS D 133 30.79 -6.58 -36.53
C CYS D 133 30.37 -6.26 -37.96
N GLN D 134 30.56 -7.22 -38.85
CA GLN D 134 30.08 -7.07 -40.22
C GLN D 134 29.13 -8.22 -40.58
N ASP D 135 27.93 -7.89 -41.05
CA ASP D 135 26.99 -8.90 -41.53
C ASP D 135 25.88 -8.23 -42.32
N HIS D 136 25.95 -8.32 -43.64
CA HIS D 136 24.94 -7.73 -44.49
C HIS D 136 23.79 -8.69 -44.77
N VAL D 137 23.70 -9.75 -43.97
CA VAL D 137 22.63 -10.73 -44.15
C VAL D 137 21.63 -10.79 -42.98
N SER D 138 22.13 -10.99 -41.76
CA SER D 138 21.26 -11.07 -40.59
C SER D 138 21.76 -10.21 -39.46
N SER D 139 20.83 -9.52 -38.81
CA SER D 139 21.11 -8.88 -37.54
C SER D 139 19.80 -8.70 -36.80
N ASN D 140 19.88 -8.35 -35.52
CA ASN D 140 18.69 -8.03 -34.77
C ASN D 140 18.78 -6.62 -34.24
N GLN D 141 17.66 -6.07 -33.83
CA GLN D 141 17.61 -4.70 -33.37
C GLN D 141 16.91 -4.65 -32.01
N PHE D 142 17.68 -4.35 -30.96
CA PHE D 142 17.14 -4.20 -29.61
C PHE D 142 16.51 -2.81 -29.48
N VAL D 143 15.33 -2.73 -28.89
CA VAL D 143 14.67 -1.45 -28.66
C VAL D 143 14.24 -1.39 -27.21
N SER D 144 14.31 -0.22 -26.58
CA SER D 144 13.71 -0.09 -25.27
C SER D 144 13.11 1.29 -25.08
N MET D 145 12.22 1.43 -24.09
CA MET D 145 11.66 2.73 -23.74
C MET D 145 11.48 2.82 -22.24
N GLY D 146 11.56 4.03 -21.70
CA GLY D 146 11.43 4.23 -20.27
C GLY D 146 11.38 5.68 -19.81
N ILE D 147 11.70 5.91 -18.55
CA ILE D 147 11.59 7.24 -17.97
C ILE D 147 12.80 7.53 -17.11
N ILE D 148 12.91 8.79 -16.68
CA ILE D 148 13.96 9.20 -15.78
C ILE D 148 13.31 9.46 -14.44
N GLU D 149 13.93 8.93 -13.39
CA GLU D 149 13.42 9.14 -12.06
C GLU D 149 14.62 9.34 -11.16
N PRO D 150 14.48 10.21 -10.14
CA PRO D 150 15.62 10.53 -9.29
C PRO D 150 15.84 9.45 -8.25
N THR D 151 17.09 9.19 -7.89
CA THR D 151 17.41 8.19 -6.89
C THR D 151 17.32 8.75 -5.46
N SER D 152 18.37 8.47 -4.68
CA SER D 152 18.46 8.94 -3.30
C SER D 152 19.54 10.00 -3.19
N ALA D 153 20.67 9.74 -3.84
CA ALA D 153 21.77 10.69 -3.95
C ALA D 153 21.44 11.78 -4.97
N GLY D 154 20.16 11.94 -5.27
CA GLY D 154 19.68 12.98 -6.16
C GLY D 154 19.80 12.72 -7.65
N PHE D 155 20.75 11.88 -8.05
CA PHE D 155 21.02 11.74 -9.49
C PHE D 155 20.08 10.79 -10.25
N PRO D 156 19.89 11.02 -11.57
CA PRO D 156 18.87 10.30 -12.33
C PRO D 156 19.14 8.82 -12.48
N PHE D 157 18.07 8.07 -12.67
CA PHE D 157 18.12 6.67 -13.03
C PHE D 157 17.25 6.51 -14.25
N PHE D 158 17.79 5.89 -15.30
CA PHE D 158 17.01 5.64 -16.50
C PHE D 158 16.27 4.32 -16.35
N ARG D 159 14.99 4.43 -16.02
CA ARG D 159 14.15 3.28 -15.72
C ARG D 159 13.51 2.69 -16.98
N THR D 160 13.94 1.50 -17.35
CA THR D 160 13.40 0.81 -18.51
C THR D 160 12.01 0.27 -18.19
N LEU D 161 11.04 0.61 -19.01
CA LEU D 161 9.68 0.11 -18.80
C LEU D 161 9.24 -0.88 -19.87
N LYS D 162 10.07 -1.11 -20.88
CA LYS D 162 9.78 -2.09 -21.92
C LYS D 162 10.99 -2.33 -22.83
N THR D 163 11.17 -3.56 -23.28
CA THR D 163 12.17 -3.83 -24.29
C THR D 163 11.54 -4.66 -25.38
N LEU D 164 12.20 -4.69 -26.53
CA LEU D 164 11.77 -5.52 -27.64
C LEU D 164 13.04 -5.96 -28.32
N TYR D 165 12.97 -7.06 -29.03
CA TYR D 165 14.11 -7.52 -29.80
C TYR D 165 13.53 -7.96 -31.15
N LEU D 166 13.66 -7.09 -32.14
CA LEU D 166 13.22 -7.42 -33.48
C LEU D 166 14.20 -8.42 -34.10
N SER D 167 13.74 -9.67 -34.20
CA SER D 167 14.58 -10.79 -34.62
C SER D 167 13.72 -11.72 -35.47
N ASP D 168 13.65 -11.45 -36.77
CA ASP D 168 12.69 -12.15 -37.61
C ASP D 168 13.20 -12.33 -39.04
N GLY D 169 14.51 -12.14 -39.23
CA GLY D 169 15.12 -12.35 -40.53
C GLY D 169 15.23 -11.12 -41.41
N VAL D 170 14.58 -10.02 -41.01
CA VAL D 170 14.71 -8.75 -41.73
C VAL D 170 15.90 -7.96 -41.20
N ASN D 171 16.94 -7.85 -42.04
CA ASN D 171 18.18 -7.21 -41.63
C ASN D 171 18.08 -5.68 -41.55
N ARG D 172 17.37 -5.22 -40.51
CA ARG D 172 17.14 -3.80 -40.27
C ARG D 172 18.45 -3.13 -39.83
N LYS D 173 18.90 -2.11 -40.58
CA LYS D 173 20.19 -1.47 -40.32
C LYS D 173 20.12 0.07 -40.28
N SER D 174 21.14 0.67 -39.68
CA SER D 174 21.30 2.12 -39.61
C SER D 174 20.06 2.84 -39.07
N CYS D 175 19.39 2.21 -38.10
CA CYS D 175 18.11 2.67 -37.57
C CYS D 175 18.23 3.94 -36.76
N SER D 176 17.34 4.90 -37.02
CA SER D 176 17.20 6.07 -36.15
C SER D 176 15.91 5.90 -35.38
N ILE D 177 15.89 6.38 -34.14
CA ILE D 177 14.69 6.31 -33.34
C ILE D 177 14.24 7.69 -32.90
N SER D 178 12.93 7.85 -32.72
CA SER D 178 12.38 9.05 -32.12
C SER D 178 11.23 8.71 -31.20
N THR D 179 11.08 9.48 -30.13
CA THR D 179 9.91 9.38 -29.28
C THR D 179 8.75 9.96 -30.06
N VAL D 180 7.56 9.42 -29.81
CA VAL D 180 6.29 9.94 -30.29
C VAL D 180 5.34 9.86 -29.10
N PRO D 181 4.17 10.49 -29.20
CA PRO D 181 3.29 10.33 -28.02
C PRO D 181 2.85 8.87 -27.87
N GLY D 182 3.09 8.29 -26.70
CA GLY D 182 2.76 6.90 -26.49
C GLY D 182 3.85 5.87 -26.76
N GLY D 183 4.95 6.28 -27.40
CA GLY D 183 6.00 5.32 -27.68
C GLY D 183 7.16 5.74 -28.57
N CYS D 184 7.47 4.92 -29.56
CA CYS D 184 8.63 5.11 -30.39
C CYS D 184 8.31 4.88 -31.85
N MET D 185 8.87 5.71 -32.71
CA MET D 185 8.93 5.43 -34.13
C MET D 185 10.39 5.20 -34.50
N MET D 186 10.67 4.08 -35.13
CA MET D 186 12.01 3.78 -35.60
C MET D 186 12.03 3.67 -37.12
N TYR D 187 13.07 4.20 -37.72
CA TYR D 187 13.23 4.21 -39.16
C TYR D 187 14.48 3.41 -39.50
N CYS D 188 14.31 2.38 -40.32
CA CYS D 188 15.41 1.53 -40.72
C CYS D 188 15.45 1.34 -42.24
N PHE D 189 16.60 0.92 -42.77
CA PHE D 189 16.64 0.38 -44.12
C PHE D 189 16.98 -1.11 -44.01
N VAL D 190 16.70 -1.89 -45.05
CA VAL D 190 16.95 -3.33 -45.01
C VAL D 190 18.15 -3.74 -45.84
N SER D 191 19.20 -4.16 -45.15
CA SER D 191 20.49 -4.40 -45.79
C SER D 191 20.51 -5.82 -46.33
N THR D 192 20.94 -5.97 -47.57
CA THR D 192 21.05 -7.30 -48.17
C THR D 192 22.39 -7.50 -48.87
N GLN D 193 23.29 -6.51 -48.78
CA GLN D 193 24.55 -6.52 -49.53
C GLN D 193 25.55 -5.51 -48.92
N PRO D 194 26.83 -5.55 -49.34
CA PRO D 194 27.79 -4.54 -48.86
C PRO D 194 27.41 -3.12 -49.25
N GLU D 195 27.72 -2.16 -48.38
CA GLU D 195 27.36 -0.75 -48.58
C GLU D 195 27.72 -0.22 -49.96
N ARG D 196 28.92 -0.56 -50.42
CA ARG D 196 29.37 -0.10 -51.72
C ARG D 196 28.44 -0.59 -52.82
N ASP D 197 27.91 -1.80 -52.68
CA ASP D 197 27.00 -2.34 -53.69
C ASP D 197 25.67 -1.58 -53.74
N ASP D 198 25.23 -1.05 -52.58
CA ASP D 198 24.06 -0.18 -52.56
C ASP D 198 24.32 1.10 -53.34
N TYR D 199 25.55 1.57 -53.39
CA TYR D 199 25.71 2.81 -54.13
C TYR D 199 25.68 2.54 -55.64
N PHE D 200 26.11 1.34 -56.04
CA PHE D 200 26.17 1.00 -57.45
C PHE D 200 24.85 0.56 -58.11
N SER D 201 23.93 -0.02 -57.36
CA SER D 201 22.66 -0.42 -57.99
C SER D 201 21.71 0.77 -58.14
N ALA D 202 20.78 0.69 -59.08
CA ALA D 202 19.95 1.85 -59.38
C ALA D 202 18.77 1.97 -58.43
N ALA D 203 18.27 0.82 -57.98
CA ALA D 203 17.10 0.78 -57.12
C ALA D 203 17.57 0.89 -55.68
N PRO D 204 16.83 1.62 -54.85
CA PRO D 204 17.28 1.76 -53.45
C PRO D 204 16.93 0.53 -52.57
N PRO D 205 17.58 0.39 -51.41
CA PRO D 205 17.18 -0.66 -50.48
C PRO D 205 15.78 -0.40 -49.94
N GLU D 206 15.13 -1.43 -49.43
CA GLU D 206 13.82 -1.24 -48.85
C GLU D 206 13.90 -0.38 -47.58
N GLN D 207 12.92 0.51 -47.42
CA GLN D 207 12.86 1.40 -46.27
C GLN D 207 11.64 1.08 -45.40
N ARG D 208 11.87 0.96 -44.10
CA ARG D 208 10.81 0.61 -43.17
C ARG D 208 10.70 1.58 -42.01
N ILE D 209 9.46 1.80 -41.57
CA ILE D 209 9.20 2.58 -40.38
C ILE D 209 8.44 1.65 -39.45
N ILE D 210 8.87 1.58 -38.20
CA ILE D 210 8.25 0.70 -37.21
C ILE D 210 7.74 1.57 -36.08
N ILE D 211 6.44 1.49 -35.76
CA ILE D 211 5.89 2.21 -34.60
C ILE D 211 5.63 1.27 -33.44
N MET D 212 6.18 1.59 -32.28
CA MET D 212 6.11 0.72 -31.13
C MET D 212 5.52 1.49 -29.95
N TYR D 213 4.26 1.23 -29.63
CA TYR D 213 3.59 1.93 -28.55
C TYR D 213 3.81 1.25 -27.21
N TYR D 214 3.76 2.03 -26.13
CA TYR D 214 3.87 1.45 -24.80
C TYR D 214 2.71 0.48 -24.49
N ASN D 215 1.59 0.65 -25.18
CA ASN D 215 0.44 -0.26 -25.00
C ASN D 215 0.59 -1.59 -25.73
N ASP D 216 1.79 -1.82 -26.28
CA ASP D 216 2.17 -3.07 -26.95
C ASP D 216 1.67 -3.24 -28.38
N THR D 217 0.92 -2.26 -28.88
CA THR D 217 0.64 -2.22 -30.30
C THR D 217 1.93 -1.90 -31.09
N ILE D 218 2.22 -2.72 -32.10
CA ILE D 218 3.38 -2.55 -32.97
C ILE D 218 2.93 -2.62 -34.42
N VAL D 219 3.07 -1.53 -35.16
CA VAL D 219 2.81 -1.56 -36.58
C VAL D 219 4.05 -1.20 -37.38
N GLU D 220 4.43 -2.09 -38.31
CA GLU D 220 5.54 -1.87 -39.22
C GLU D 220 5.09 -1.66 -40.66
N ARG D 221 5.65 -0.66 -41.31
CA ARG D 221 5.27 -0.31 -42.67
C ARG D 221 6.48 -0.20 -43.59
N ILE D 222 6.34 -0.78 -44.79
CA ILE D 222 7.29 -0.50 -45.84
C ILE D 222 6.89 0.78 -46.56
N ILE D 223 7.77 1.77 -46.53
CA ILE D 223 7.42 3.10 -47.00
C ILE D 223 8.04 3.44 -48.34
N ASN D 224 7.30 4.25 -49.11
CA ASN D 224 7.67 4.59 -50.48
C ASN D 224 7.61 6.08 -50.71
N PRO D 225 8.60 6.81 -50.20
CA PRO D 225 8.57 8.25 -50.37
C PRO D 225 8.68 8.65 -51.85
N PRO D 226 7.84 9.58 -52.28
CA PRO D 226 7.97 10.09 -53.64
C PRO D 226 9.35 10.71 -53.85
N GLY D 227 9.86 10.67 -55.08
CA GLY D 227 11.14 11.27 -55.40
C GLY D 227 12.36 10.43 -55.06
N VAL D 228 12.14 9.17 -54.71
CA VAL D 228 13.22 8.28 -54.27
C VAL D 228 13.62 7.23 -55.31
N LEU D 229 12.63 6.55 -55.88
CA LEU D 229 12.89 5.59 -56.96
C LEU D 229 13.47 6.32 -58.18
N ASP D 230 14.54 5.77 -58.74
CA ASP D 230 15.21 6.32 -59.92
C ASP D 230 15.91 7.66 -59.68
N VAL D 231 16.05 8.05 -58.41
CA VAL D 231 16.73 9.30 -58.07
C VAL D 231 17.85 9.02 -57.07
N TRP D 232 17.49 8.41 -55.96
CA TRP D 232 18.44 8.00 -54.94
C TRP D 232 18.83 6.55 -55.16
N ALA D 233 20.10 6.29 -55.50
CA ALA D 233 20.58 4.92 -55.60
C ALA D 233 20.41 4.21 -54.27
N THR D 234 20.88 4.81 -53.19
CA THR D 234 20.61 4.25 -51.87
C THR D 234 20.19 5.35 -50.91
N LEU D 235 19.50 4.95 -49.85
CA LEU D 235 19.05 5.89 -48.84
C LEU D 235 19.12 5.21 -47.47
N ASN D 236 19.72 5.88 -46.48
CA ASN D 236 19.88 5.36 -45.11
C ASN D 236 19.36 6.37 -44.09
N PRO D 237 18.82 5.90 -42.96
CA PRO D 237 18.61 6.83 -41.84
C PRO D 237 19.95 7.23 -41.25
N GLY D 238 20.03 8.40 -40.62
CA GLY D 238 21.30 8.94 -40.16
C GLY D 238 21.84 8.33 -38.88
N THR D 239 21.03 7.48 -38.22
CA THR D 239 21.34 6.77 -36.98
C THR D 239 21.13 7.59 -35.70
N GLY D 240 21.29 8.90 -35.79
CA GLY D 240 21.01 9.76 -34.65
C GLY D 240 19.51 9.97 -34.53
N SER D 241 19.07 10.36 -33.34
CA SER D 241 17.65 10.54 -33.08
C SER D 241 16.90 11.33 -34.15
N GLY D 242 15.66 10.92 -34.40
CA GLY D 242 14.74 11.75 -35.12
C GLY D 242 14.10 12.65 -34.09
N VAL D 243 13.17 13.51 -34.51
CA VAL D 243 12.42 14.32 -33.55
C VAL D 243 10.95 14.40 -33.93
N TYR D 244 10.13 14.67 -32.92
CA TYR D 244 8.71 14.84 -33.14
C TYR D 244 8.39 16.35 -33.24
N TYR D 245 8.07 16.79 -34.44
CA TYR D 245 7.89 18.21 -34.69
C TYR D 245 6.57 18.48 -35.40
N LEU D 246 5.71 19.26 -34.75
CA LEU D 246 4.41 19.66 -35.32
C LEU D 246 3.63 18.48 -35.91
N GLY D 247 3.61 17.36 -35.21
CA GLY D 247 2.82 16.21 -35.61
C GLY D 247 3.49 15.33 -36.67
N TRP D 248 4.71 15.70 -37.04
CA TRP D 248 5.49 14.92 -37.97
C TRP D 248 6.73 14.35 -37.27
N VAL D 249 7.14 13.16 -37.70
CA VAL D 249 8.41 12.64 -37.24
C VAL D 249 9.49 12.95 -38.28
N LEU D 250 10.49 13.70 -37.85
CA LEU D 250 11.60 14.03 -38.72
C LEU D 250 12.79 13.14 -38.41
N PHE D 251 13.39 12.57 -39.44
CA PHE D 251 14.58 11.74 -39.29
C PHE D 251 15.69 12.30 -40.16
N PRO D 252 16.93 12.16 -39.70
CA PRO D 252 18.07 12.47 -40.56
C PRO D 252 18.34 11.33 -41.57
N ILE D 253 18.59 11.68 -42.83
CA ILE D 253 18.92 10.70 -43.85
C ILE D 253 20.15 11.08 -44.64
N TYR D 254 20.75 10.10 -45.28
CA TYR D 254 21.78 10.37 -46.26
C TYR D 254 21.75 9.27 -47.33
N GLY D 255 22.51 9.44 -48.40
CA GLY D 255 22.54 8.43 -49.42
C GLY D 255 23.27 8.88 -50.66
N GLY D 256 23.00 8.22 -51.78
CA GLY D 256 23.64 8.54 -53.04
C GLY D 256 22.65 8.89 -54.13
N VAL D 257 22.84 10.04 -54.75
CA VAL D 257 21.95 10.48 -55.80
C VAL D 257 22.55 10.19 -57.16
N ILE D 258 21.70 9.73 -58.07
CA ILE D 258 22.09 9.31 -59.41
C ILE D 258 22.34 10.48 -60.34
N LYS D 259 23.33 10.35 -61.22
CA LYS D 259 23.65 11.40 -62.21
C LYS D 259 22.54 11.66 -63.22
N GLY D 260 22.29 12.95 -63.46
CA GLY D 260 21.32 13.35 -64.46
C GLY D 260 19.92 13.54 -63.90
N THR D 261 19.76 13.34 -62.61
CA THR D 261 18.46 13.51 -61.99
C THR D 261 18.22 15.00 -61.76
N SER D 262 16.99 15.40 -61.52
CA SER D 262 16.71 16.80 -61.20
C SER D 262 17.44 17.26 -59.94
N LEU D 263 17.39 16.44 -58.89
CA LEU D 263 18.06 16.74 -57.63
C LEU D 263 19.54 16.97 -57.87
N TRP D 264 20.16 16.07 -58.63
CA TRP D 264 21.55 16.22 -59.05
C TRP D 264 21.77 17.55 -59.78
N ASN D 265 20.99 17.80 -60.83
CA ASN D 265 21.08 19.03 -61.61
C ASN D 265 20.86 20.28 -60.75
N ASN D 266 19.93 20.20 -59.80
CA ASN D 266 19.62 21.35 -58.96
C ASN D 266 20.71 21.63 -57.93
N GLN D 267 21.64 20.69 -57.78
CA GLN D 267 22.66 20.79 -56.77
C GLN D 267 24.00 21.12 -57.40
N ALA D 268 24.01 21.14 -58.73
CA ALA D 268 25.21 21.38 -59.51
C ALA D 268 25.91 22.69 -59.17
N ASN D 269 27.23 22.58 -59.00
CA ASN D 269 28.11 23.72 -58.70
C ASN D 269 27.95 24.31 -57.31
N LYS D 270 27.10 23.70 -56.48
CA LYS D 270 26.95 24.14 -55.09
C LYS D 270 28.03 23.52 -54.24
N TYR D 271 28.40 24.24 -53.18
CA TYR D 271 29.40 23.81 -52.21
C TYR D 271 29.24 24.66 -50.96
N PHE D 272 29.71 24.13 -49.85
CA PHE D 272 29.68 24.86 -48.60
C PHE D 272 31.05 24.75 -47.94
N ILE D 273 31.63 25.91 -47.63
CA ILE D 273 32.88 25.99 -46.90
C ILE D 273 32.61 26.75 -45.61
N PRO D 274 32.77 26.08 -44.47
CA PRO D 274 32.48 26.68 -43.16
C PRO D 274 33.31 27.92 -42.90
N GLN D 275 32.77 28.84 -42.11
CA GLN D 275 33.33 30.18 -41.91
C GLN D 275 34.81 30.24 -41.53
N MET D 276 35.28 29.23 -40.80
CA MET D 276 36.61 29.32 -40.21
C MET D 276 37.70 28.60 -41.00
N VAL D 277 37.36 28.11 -42.19
CA VAL D 277 38.30 27.39 -43.02
C VAL D 277 39.35 28.31 -43.65
N ALA D 278 38.91 29.43 -44.21
CA ALA D 278 39.79 30.36 -44.94
C ALA D 278 41.07 30.70 -44.18
N ALA D 279 40.94 30.96 -42.89
CA ALA D 279 42.11 31.33 -42.11
C ALA D 279 43.01 30.14 -41.78
N LEU D 280 42.48 28.93 -41.95
CA LEU D 280 43.21 27.73 -41.56
C LEU D 280 43.80 26.95 -42.74
N CYS D 281 43.23 27.13 -43.91
CA CYS D 281 43.70 26.45 -45.11
C CYS D 281 44.60 27.40 -45.91
N SER D 282 45.87 27.05 -46.08
CA SER D 282 46.79 27.89 -46.88
C SER D 282 46.74 27.65 -48.39
N GLN D 283 45.83 26.77 -48.82
CA GLN D 283 45.67 26.49 -50.23
C GLN D 283 44.94 27.67 -50.90
N ASN D 284 45.16 27.86 -52.19
CA ASN D 284 44.59 29.03 -52.85
C ASN D 284 43.08 28.97 -53.03
N GLN D 285 42.43 30.11 -52.85
CA GLN D 285 40.98 30.22 -52.84
C GLN D 285 40.28 29.53 -54.01
N ALA D 286 40.81 29.69 -55.21
CA ALA D 286 40.14 29.07 -56.37
C ALA D 286 40.18 27.54 -56.27
N THR D 287 41.29 27.02 -55.77
CA THR D 287 41.46 25.57 -55.63
C THR D 287 40.58 25.01 -54.50
N GLN D 288 40.45 25.78 -53.43
CA GLN D 288 39.53 25.44 -52.33
C GLN D 288 38.10 25.26 -52.85
N VAL D 289 37.67 26.18 -53.69
CA VAL D 289 36.33 26.17 -54.25
C VAL D 289 36.10 24.97 -55.17
N GLN D 290 37.04 24.74 -56.09
CA GLN D 290 36.94 23.61 -56.99
C GLN D 290 36.98 22.29 -56.22
N ASN D 291 37.77 22.24 -55.16
CA ASN D 291 37.90 21.04 -54.34
C ASN D 291 36.63 20.79 -53.52
N ALA D 292 36.07 21.87 -52.99
CA ALA D 292 34.83 21.79 -52.25
C ALA D 292 33.66 21.33 -53.14
N LYS D 293 33.59 21.83 -54.37
CA LYS D 293 32.57 21.37 -55.31
C LYS D 293 32.70 19.87 -55.57
N SER D 294 33.94 19.41 -55.72
CA SER D 294 34.20 18.03 -56.10
C SER D 294 33.98 17.05 -54.94
N SER D 295 33.73 17.60 -53.75
CA SER D 295 33.68 16.78 -52.54
C SER D 295 32.32 16.12 -52.31
N TYR D 296 31.33 16.49 -53.12
CA TYR D 296 29.99 15.90 -52.99
C TYR D 296 29.79 14.68 -53.87
N TYR D 297 30.84 14.26 -54.56
CA TYR D 297 30.73 13.20 -55.56
C TYR D 297 31.74 12.10 -55.30
N SER D 298 31.26 10.86 -55.29
CA SER D 298 32.14 9.76 -54.92
C SER D 298 32.23 8.71 -56.02
N SER D 299 33.41 8.57 -56.60
CA SER D 299 33.62 7.58 -57.65
C SER D 299 33.62 6.18 -57.03
N TRP D 300 34.21 6.07 -55.84
CA TRP D 300 34.19 4.82 -55.09
C TRP D 300 32.75 4.32 -54.90
N PHE D 301 31.88 5.18 -54.42
CA PHE D 301 30.48 4.83 -54.25
C PHE D 301 29.65 5.11 -55.51
N GLY D 302 30.02 4.51 -56.63
CA GLY D 302 29.19 4.52 -57.84
C GLY D 302 28.96 5.86 -58.54
N ASN D 303 29.91 6.78 -58.41
CA ASN D 303 29.77 8.11 -58.99
C ASN D 303 28.47 8.82 -58.65
N ARG D 304 27.98 8.56 -57.44
CA ARG D 304 26.80 9.23 -56.95
C ARG D 304 27.18 10.50 -56.22
N MET D 305 26.25 11.44 -56.22
CA MET D 305 26.35 12.58 -55.33
C MET D 305 25.90 12.12 -53.94
N ILE D 306 26.78 12.27 -52.94
CA ILE D 306 26.49 11.86 -51.56
C ILE D 306 25.74 12.96 -50.81
N GLN D 307 24.55 12.64 -50.34
CA GLN D 307 23.58 13.67 -50.01
C GLN D 307 22.99 13.51 -48.63
N SER D 308 23.02 14.56 -47.83
CA SER D 308 22.27 14.62 -46.57
C SER D 308 20.91 15.26 -46.79
N GLY D 309 19.98 14.96 -45.88
CA GLY D 309 18.65 15.53 -45.92
C GLY D 309 17.83 15.10 -44.73
N ILE D 310 16.52 15.30 -44.81
CA ILE D 310 15.60 14.96 -43.74
C ILE D 310 14.46 14.15 -44.31
N LEU D 311 14.03 13.12 -43.58
CA LEU D 311 12.83 12.37 -43.96
C LEU D 311 11.72 12.75 -42.99
N ALA D 312 10.62 13.23 -43.53
CA ALA D 312 9.49 13.64 -42.70
C ALA D 312 8.33 12.68 -42.87
N CYS D 313 7.90 12.09 -41.75
CA CYS D 313 6.80 11.13 -41.74
C CYS D 313 5.68 11.63 -40.85
N PRO D 314 4.45 11.65 -41.38
CA PRO D 314 3.33 11.98 -40.48
C PRO D 314 3.13 10.84 -39.48
N LEU D 315 2.74 11.17 -38.26
CA LEU D 315 2.47 10.14 -37.26
C LEU D 315 1.16 9.40 -37.55
N ARG D 316 1.28 8.26 -38.25
CA ARG D 316 0.12 7.48 -38.70
C ARG D 316 0.43 6.00 -38.74
N GLN D 317 -0.55 5.18 -38.40
CA GLN D 317 -0.33 3.74 -38.43
C GLN D 317 -0.52 3.19 -39.84
N ASP D 318 -0.98 4.04 -40.74
CA ASP D 318 -1.28 3.65 -42.13
C ASP D 318 -0.35 4.30 -43.15
N LEU D 319 0.95 4.02 -43.06
CA LEU D 319 1.94 4.71 -43.90
C LEU D 319 2.30 3.96 -45.19
N THR D 320 2.47 4.72 -46.26
CA THR D 320 2.80 4.14 -47.56
C THR D 320 3.70 5.07 -48.39
N ASN D 321 3.16 6.20 -48.80
CA ASN D 321 3.92 7.16 -49.60
C ASN D 321 3.78 8.57 -49.06
N GLU D 322 3.27 8.70 -47.83
CA GLU D 322 3.02 10.00 -47.24
C GLU D 322 4.29 10.62 -46.65
N CYS D 323 5.32 9.81 -46.47
CA CYS D 323 6.59 10.32 -45.98
C CYS D 323 7.25 11.14 -47.06
N LEU D 324 7.92 12.22 -46.67
CA LEU D 324 8.60 13.11 -47.61
C LEU D 324 10.12 13.11 -47.43
N VAL D 325 10.83 13.08 -48.55
CA VAL D 325 12.28 13.22 -48.53
C VAL D 325 12.64 14.66 -48.89
N LEU D 326 13.37 15.32 -48.00
CA LEU D 326 13.77 16.70 -48.21
C LEU D 326 15.28 16.87 -48.14
N PRO D 327 15.94 17.02 -49.30
CA PRO D 327 17.39 17.22 -49.24
C PRO D 327 17.78 18.61 -48.79
N PHE D 328 18.92 18.71 -48.09
CA PHE D 328 19.54 19.99 -47.79
C PHE D 328 20.19 20.56 -49.05
N SER D 329 20.21 21.88 -49.17
CA SER D 329 20.95 22.52 -50.25
C SER D 329 22.43 22.32 -49.98
N ASN D 330 23.15 21.85 -50.97
CA ASN D 330 24.59 21.68 -50.82
C ASN D 330 25.40 23.00 -50.70
N ASP D 331 24.72 24.13 -50.85
CA ASP D 331 25.33 25.42 -50.55
C ASP D 331 25.43 25.62 -49.06
N GLN D 332 24.65 24.85 -48.31
CA GLN D 332 24.48 25.11 -46.87
C GLN D 332 25.11 24.04 -46.00
N VAL D 333 25.50 22.94 -46.62
CA VAL D 333 25.78 21.72 -45.88
C VAL D 333 26.91 20.93 -46.56
N LEU D 334 27.69 20.19 -45.78
CA LEU D 334 28.75 19.36 -46.34
C LEU D 334 28.23 18.09 -47.03
N MET D 335 29.12 17.32 -47.65
CA MET D 335 28.79 16.01 -48.23
C MET D 335 27.94 15.17 -47.28
N GLY D 336 26.97 14.46 -47.85
CA GLY D 336 26.05 13.60 -47.13
C GLY D 336 26.68 12.66 -46.11
N ALA D 337 26.08 12.61 -44.93
CA ALA D 337 26.59 11.73 -43.87
C ALA D 337 25.51 11.38 -42.85
N GLU D 338 25.82 10.43 -41.99
CA GLU D 338 25.01 10.16 -40.81
C GLU D 338 24.74 11.48 -40.07
N GLY D 339 23.70 11.50 -39.25
CA GLY D 339 23.38 12.72 -38.53
C GLY D 339 22.33 12.53 -37.47
N ARG D 340 21.90 13.65 -36.89
CA ARG D 340 20.92 13.64 -35.81
C ARG D 340 20.10 14.92 -35.81
N LEU D 341 18.81 14.82 -35.53
CA LEU D 341 17.98 16.02 -35.39
C LEU D 341 17.71 16.28 -33.93
N TYR D 342 17.64 17.54 -33.56
CA TYR D 342 17.37 17.89 -32.18
C TYR D 342 16.24 18.89 -32.13
N MET D 343 15.61 18.97 -30.97
CA MET D 343 14.79 20.14 -30.71
C MET D 343 15.28 20.94 -29.49
N TYR D 344 15.49 22.23 -29.71
CA TYR D 344 15.88 23.13 -28.64
C TYR D 344 14.80 24.20 -28.56
N GLY D 345 13.97 24.13 -27.53
CA GLY D 345 12.80 24.98 -27.49
C GLY D 345 11.95 24.72 -28.72
N ASP D 346 11.87 25.72 -29.59
CA ASP D 346 11.00 25.61 -30.77
C ASP D 346 11.79 25.53 -32.08
N SER D 347 13.11 25.55 -31.98
CA SER D 347 13.94 25.41 -33.17
C SER D 347 14.38 23.95 -33.36
N VAL D 348 14.54 23.54 -34.61
CA VAL D 348 15.08 22.23 -34.94
C VAL D 348 16.56 22.38 -35.29
N TYR D 349 17.38 21.45 -34.81
CA TYR D 349 18.81 21.48 -35.09
C TYR D 349 19.27 20.16 -35.66
N TYR D 350 20.35 20.22 -36.43
CA TYR D 350 20.87 19.06 -37.15
C TYR D 350 22.36 18.92 -36.88
N TYR D 351 22.75 17.76 -36.39
CA TYR D 351 24.16 17.42 -36.34
C TYR D 351 24.48 16.60 -37.57
N GLN D 352 25.53 16.96 -38.30
CA GLN D 352 25.98 16.18 -39.45
C GLN D 352 27.34 15.58 -39.15
N ARG D 353 27.46 14.27 -39.28
CA ARG D 353 28.75 13.61 -39.13
C ARG D 353 29.74 14.20 -40.15
N SER D 354 30.97 14.41 -39.72
CA SER D 354 32.00 14.91 -40.62
C SER D 354 32.65 13.73 -41.33
N ASN D 355 32.11 13.37 -42.48
CA ASN D 355 32.60 12.22 -43.22
C ASN D 355 33.39 12.66 -44.45
N SER D 356 33.60 13.98 -44.52
CA SER D 356 34.21 14.62 -45.66
C SER D 356 35.49 15.29 -45.17
N TRP D 357 35.87 16.41 -45.78
CA TRP D 357 37.18 17.03 -45.56
C TRP D 357 37.31 17.88 -44.30
N TRP D 358 36.19 18.37 -43.78
CA TRP D 358 36.23 19.23 -42.61
C TRP D 358 35.97 18.39 -41.35
N PRO D 359 37.00 18.22 -40.51
CA PRO D 359 36.94 17.26 -39.39
C PRO D 359 36.34 17.82 -38.10
N MET D 360 35.72 18.99 -38.13
CA MET D 360 35.21 19.61 -36.91
C MET D 360 33.69 19.43 -36.79
N THR D 361 33.20 19.52 -35.56
CA THR D 361 31.80 19.30 -35.26
C THR D 361 30.87 20.20 -36.05
N MET D 362 29.90 19.60 -36.76
CA MET D 362 28.98 20.36 -37.59
C MET D 362 27.54 20.43 -37.05
N LEU D 363 27.14 21.61 -36.61
CA LEU D 363 25.80 21.84 -36.06
C LEU D 363 25.11 22.96 -36.82
N TYR D 364 23.87 22.72 -37.24
CA TYR D 364 23.12 23.74 -37.98
C TYR D 364 21.76 24.00 -37.35
N LYS D 365 21.29 25.24 -37.45
CA LYS D 365 19.92 25.54 -37.14
C LYS D 365 19.12 25.30 -38.39
N VAL D 366 18.07 24.48 -38.28
CA VAL D 366 17.25 24.11 -39.42
C VAL D 366 15.91 24.83 -39.41
N THR D 367 15.67 25.63 -40.44
CA THR D 367 14.39 26.29 -40.63
C THR D 367 13.53 25.41 -41.53
N ILE D 368 12.37 25.01 -41.04
CA ILE D 368 11.47 24.17 -41.83
C ILE D 368 10.23 24.95 -42.23
N THR D 369 9.90 24.94 -43.51
CA THR D 369 8.66 25.55 -43.96
C THR D 369 7.61 24.50 -44.31
N PHE D 370 6.41 24.69 -43.79
CA PHE D 370 5.28 23.84 -44.16
C PHE D 370 4.44 24.50 -45.24
N THR D 371 3.86 23.68 -46.10
CA THR D 371 2.96 24.15 -47.15
C THR D 371 1.84 23.14 -47.30
N ASN D 372 0.62 23.58 -46.99
CA ASN D 372 -0.56 22.71 -46.96
C ASN D 372 -0.49 21.65 -45.86
N GLY D 373 0.12 22.03 -44.73
CA GLY D 373 0.25 21.16 -43.59
C GLY D 373 1.41 20.20 -43.75
N GLN D 374 2.22 20.43 -44.78
CA GLN D 374 3.32 19.54 -45.09
C GLN D 374 4.65 20.24 -45.22
N PRO D 375 5.73 19.61 -44.72
CA PRO D 375 7.08 20.15 -44.93
C PRO D 375 7.40 20.18 -46.41
N SER D 376 7.77 21.35 -46.93
CA SER D 376 8.07 21.49 -48.35
C SER D 376 9.48 22.00 -48.61
N ALA D 377 10.12 22.56 -47.58
CA ALA D 377 11.50 23.00 -47.72
C ALA D 377 12.23 23.10 -46.39
N ILE D 378 13.55 22.94 -46.43
CA ILE D 378 14.39 23.06 -45.26
C ILE D 378 15.59 23.94 -45.59
N SER D 379 16.15 24.60 -44.58
CA SER D 379 17.30 25.48 -44.78
C SER D 379 18.21 25.38 -43.56
N ALA D 380 19.52 25.36 -43.80
CA ALA D 380 20.48 25.06 -42.75
C ALA D 380 21.46 26.22 -42.49
N GLN D 381 21.53 26.66 -41.24
CA GLN D 381 22.50 27.66 -40.85
C GLN D 381 23.54 27.09 -39.88
N ASN D 382 24.79 27.05 -40.32
CA ASN D 382 25.86 26.45 -39.54
C ASN D 382 26.30 27.29 -38.33
N VAL D 383 26.63 26.62 -37.24
CA VAL D 383 27.29 27.25 -36.10
C VAL D 383 28.80 27.17 -36.36
N PRO D 384 29.43 28.30 -36.72
CA PRO D 384 30.82 28.25 -37.17
C PRO D 384 31.81 27.91 -36.05
N THR D 385 32.58 26.85 -36.29
CA THR D 385 33.34 26.18 -35.24
C THR D 385 34.67 25.71 -35.80
N GLN D 386 35.69 25.57 -34.94
CA GLN D 386 36.93 24.96 -35.37
C GLN D 386 37.30 24.00 -34.26
N GLN D 387 36.28 23.60 -33.53
CA GLN D 387 36.51 22.80 -32.35
C GLN D 387 35.80 21.46 -32.28
N VAL D 388 36.55 20.58 -31.64
CA VAL D 388 36.32 19.18 -31.53
C VAL D 388 36.43 18.53 -32.89
N PRO D 389 37.65 18.04 -33.15
CA PRO D 389 38.03 17.29 -34.33
C PRO D 389 37.70 15.82 -34.19
N ARG D 390 37.77 15.12 -35.30
CA ARG D 390 37.39 13.72 -35.36
C ARG D 390 38.43 12.99 -36.19
N PRO D 391 38.80 11.79 -35.75
CA PRO D 391 39.81 11.04 -36.51
C PRO D 391 39.30 10.63 -37.90
N GLY D 392 40.20 10.65 -38.87
CA GLY D 392 39.92 10.07 -40.17
C GLY D 392 41.18 9.48 -40.77
N THR D 393 41.03 8.70 -41.83
CA THR D 393 42.17 8.11 -42.52
C THR D 393 42.75 9.03 -43.58
N GLY D 394 43.99 8.74 -43.96
CA GLY D 394 44.65 9.39 -45.09
C GLY D 394 44.79 10.90 -45.01
N ASP D 395 44.39 11.56 -46.10
CA ASP D 395 44.50 13.01 -46.22
C ASP D 395 43.40 13.75 -45.44
N CYS D 396 42.59 13.01 -44.71
CA CYS D 396 41.48 13.61 -44.01
C CYS D 396 41.52 13.21 -42.55
N SER D 397 42.69 13.33 -41.93
CA SER D 397 42.83 13.12 -40.51
C SER D 397 42.22 14.29 -39.73
N ALA D 398 42.37 14.28 -38.41
CA ALA D 398 41.90 15.41 -37.60
C ALA D 398 42.64 16.71 -37.94
N THR D 399 43.79 16.61 -38.60
CA THR D 399 44.64 17.79 -38.85
C THR D 399 44.35 18.54 -40.15
N ASN D 400 43.61 17.92 -41.06
CA ASN D 400 43.26 18.56 -42.32
C ASN D 400 42.37 19.80 -42.17
N ARG D 401 42.57 20.80 -43.02
CA ARG D 401 41.77 22.03 -43.00
C ARG D 401 41.30 22.41 -44.40
N CYS D 402 41.59 21.56 -45.37
CA CYS D 402 41.41 21.90 -46.78
C CYS D 402 40.37 21.06 -47.53
N PRO D 403 39.45 21.73 -48.23
CA PRO D 403 38.46 21.08 -49.09
C PRO D 403 39.11 20.08 -50.03
N GLY D 404 38.39 19.02 -50.34
CA GLY D 404 38.86 17.92 -51.17
C GLY D 404 37.90 16.78 -51.01
N PHE D 405 38.09 15.69 -51.76
CA PHE D 405 37.22 14.54 -51.55
C PHE D 405 37.70 13.63 -50.43
N CYS D 406 36.81 13.39 -49.48
CA CYS D 406 37.09 12.51 -48.35
C CYS D 406 35.85 11.70 -48.06
N LEU D 407 36.06 10.46 -47.65
CA LEU D 407 34.97 9.57 -47.32
C LEU D 407 35.39 8.78 -46.08
N THR D 408 35.43 9.46 -44.95
CA THR D 408 36.00 8.90 -43.72
C THR D 408 35.72 9.81 -42.53
N GLY D 409 35.76 9.25 -41.34
CA GLY D 409 35.45 9.98 -40.14
C GLY D 409 34.74 9.06 -39.17
N VAL D 410 33.88 9.64 -38.33
CA VAL D 410 33.18 8.88 -37.31
C VAL D 410 32.10 9.78 -36.72
N TYR D 411 31.04 9.14 -36.22
CA TYR D 411 29.92 9.83 -35.59
C TYR D 411 30.25 10.31 -34.16
N ALA D 412 29.98 11.58 -33.93
CA ALA D 412 30.26 12.20 -32.63
C ALA D 412 29.38 13.43 -32.56
N ASP D 413 28.15 13.29 -32.09
CA ASP D 413 27.28 14.45 -32.11
C ASP D 413 27.64 15.35 -30.95
N ALA D 414 26.92 16.47 -30.80
CA ALA D 414 27.22 17.42 -29.73
C ALA D 414 25.95 18.16 -29.34
N TRP D 415 25.82 18.44 -28.05
CA TRP D 415 24.63 19.06 -27.50
C TRP D 415 24.92 20.53 -27.20
N LEU D 416 24.07 21.44 -27.66
CA LEU D 416 24.30 22.87 -27.44
C LEU D 416 23.79 23.28 -26.08
N LEU D 417 24.71 23.78 -25.25
CA LEU D 417 24.40 24.21 -23.89
C LEU D 417 23.91 25.65 -23.83
N THR D 418 24.32 26.47 -24.80
CA THR D 418 23.85 27.85 -24.90
C THR D 418 23.18 28.09 -26.24
N ASN D 419 22.39 29.16 -26.31
CA ASN D 419 21.64 29.53 -27.50
C ASN D 419 22.51 30.28 -28.51
N PRO D 420 22.75 29.68 -29.69
CA PRO D 420 23.56 30.34 -30.73
C PRO D 420 22.93 31.65 -31.21
N SER D 421 21.60 31.77 -31.06
CA SER D 421 20.86 32.94 -31.51
C SER D 421 20.85 34.07 -30.49
N SER D 422 21.37 33.80 -29.30
CA SER D 422 21.46 34.81 -28.25
C SER D 422 22.50 35.89 -28.55
N THR D 423 23.40 35.61 -29.48
CA THR D 423 24.41 36.58 -29.89
C THR D 423 23.93 37.28 -31.17
N SER D 424 24.28 38.57 -31.31
CA SER D 424 23.84 39.37 -32.45
C SER D 424 24.27 38.73 -33.76
N THR D 425 25.50 38.20 -33.79
CA THR D 425 25.91 37.35 -34.90
C THR D 425 25.65 35.89 -34.50
N PHE D 426 24.92 35.16 -35.34
CA PHE D 426 24.56 33.77 -35.03
C PHE D 426 25.76 32.90 -34.70
N GLY D 427 25.75 32.35 -33.48
CA GLY D 427 26.76 31.39 -33.06
C GLY D 427 28.13 31.97 -32.87
N SER D 428 28.20 33.27 -32.59
CA SER D 428 29.47 33.96 -32.39
C SER D 428 30.20 33.40 -31.18
N GLU D 429 29.48 33.21 -30.08
CA GLU D 429 30.00 32.45 -28.94
C GLU D 429 29.06 31.32 -28.57
N ALA D 430 29.36 30.13 -29.09
CA ALA D 430 28.50 28.97 -28.86
C ALA D 430 29.21 27.97 -27.97
N THR D 431 28.45 27.30 -27.11
CA THR D 431 29.03 26.33 -26.19
C THR D 431 28.31 24.98 -26.33
N PHE D 432 29.07 23.92 -26.45
CA PHE D 432 28.48 22.61 -26.62
C PHE D 432 29.26 21.52 -25.91
N THR D 433 28.61 20.37 -25.72
CA THR D 433 29.24 19.24 -25.03
C THR D 433 29.05 17.96 -25.85
N GLY D 434 29.96 17.02 -25.66
CA GLY D 434 29.85 15.73 -26.30
C GLY D 434 31.05 14.89 -25.96
N SER D 435 31.23 13.81 -26.70
CA SER D 435 32.47 13.09 -26.60
C SER D 435 33.19 13.14 -27.94
N TYR D 436 34.49 12.89 -27.91
CA TYR D 436 35.24 12.71 -29.16
C TYR D 436 36.47 11.84 -28.97
N LEU D 437 36.96 11.32 -30.07
CA LEU D 437 38.14 10.48 -30.06
C LEU D 437 39.37 11.34 -30.30
N ASN D 438 40.15 11.51 -29.25
CA ASN D 438 41.25 12.46 -29.30
C ASN D 438 42.52 11.91 -29.95
N THR D 439 42.49 11.81 -31.28
CA THR D 439 43.65 11.37 -32.03
C THR D 439 43.43 11.76 -33.50
N ALA D 440 44.49 11.68 -34.30
CA ALA D 440 44.43 12.14 -35.67
C ALA D 440 43.71 11.16 -36.60
N THR D 441 44.06 9.88 -36.49
CA THR D 441 43.62 8.88 -37.48
C THR D 441 42.97 7.63 -36.88
N GLN D 442 43.38 7.23 -35.69
CA GLN D 442 42.86 6.01 -35.06
C GLN D 442 41.55 6.27 -34.30
N ARG D 443 40.80 5.21 -34.02
CA ARG D 443 39.61 5.37 -33.19
C ARG D 443 39.89 4.99 -31.75
N ILE D 444 40.62 5.84 -31.04
CA ILE D 444 41.00 5.60 -29.66
C ILE D 444 40.87 6.87 -28.84
N ASN D 445 41.11 6.75 -27.54
CA ASN D 445 41.04 7.89 -26.62
C ASN D 445 39.72 8.66 -26.60
N PRO D 446 38.61 7.98 -26.23
CA PRO D 446 37.33 8.67 -26.07
C PRO D 446 37.39 9.70 -24.94
N THR D 447 36.95 10.92 -25.21
CA THR D 447 37.12 12.00 -24.26
C THR D 447 35.85 12.82 -24.22
N MET D 448 35.28 12.94 -23.04
CA MET D 448 34.12 13.80 -22.86
C MET D 448 34.58 15.23 -22.66
N TYR D 449 33.83 16.19 -23.19
CA TYR D 449 34.32 17.54 -23.24
C TYR D 449 33.19 18.55 -23.23
N ILE D 450 33.55 19.80 -22.95
CA ILE D 450 32.73 20.95 -23.21
C ILE D 450 33.63 21.86 -24.01
N ALA D 451 33.07 22.49 -25.02
CA ALA D 451 33.88 23.29 -25.90
C ALA D 451 33.12 24.56 -26.30
N ASN D 452 33.87 25.58 -26.71
CA ASN D 452 33.30 26.69 -27.46
C ASN D 452 33.77 26.61 -28.91
N ASN D 453 33.45 27.61 -29.72
CA ASN D 453 33.90 27.66 -31.11
C ASN D 453 35.40 27.41 -31.33
N THR D 454 36.24 27.91 -30.43
CA THR D 454 37.68 27.83 -30.69
C THR D 454 38.47 26.91 -29.75
N GLN D 455 37.96 26.70 -28.55
CA GLN D 455 38.72 25.94 -27.59
C GLN D 455 37.88 24.95 -26.78
N ILE D 456 38.53 23.85 -26.40
CA ILE D 456 37.98 22.94 -25.42
C ILE D 456 38.24 23.50 -24.03
N ILE D 457 37.17 23.83 -23.31
CA ILE D 457 37.30 24.49 -22.01
C ILE D 457 37.19 23.53 -20.82
N SER D 458 36.66 22.33 -21.05
CA SER D 458 36.63 21.29 -20.03
C SER D 458 36.67 19.90 -20.67
N SER D 459 37.49 19.01 -20.14
CA SER D 459 37.67 17.72 -20.79
C SER D 459 38.15 16.66 -19.81
N GLN D 460 37.65 15.44 -19.99
CA GLN D 460 38.15 14.29 -19.25
C GLN D 460 38.16 13.05 -20.14
N GLN D 461 39.35 12.50 -20.36
CA GLN D 461 39.49 11.27 -21.10
C GLN D 461 39.00 10.06 -20.28
N PHE D 462 38.34 9.10 -20.94
CA PHE D 462 37.97 7.85 -20.28
C PHE D 462 38.89 6.69 -20.66
N GLY D 463 39.41 5.99 -19.65
CA GLY D 463 40.27 4.84 -19.88
C GLY D 463 41.74 5.20 -20.10
N SER D 464 42.54 4.19 -20.41
CA SER D 464 43.96 4.41 -20.68
C SER D 464 44.15 4.83 -22.13
N SER D 465 45.28 5.47 -22.41
CA SER D 465 45.67 5.80 -23.77
C SER D 465 45.63 4.54 -24.62
N GLY D 466 45.13 4.67 -25.85
CA GLY D 466 44.98 3.53 -26.74
C GLY D 466 43.67 2.74 -26.60
N GLN D 467 42.85 3.10 -25.61
CA GLN D 467 41.54 2.46 -25.43
C GLN D 467 40.72 2.70 -26.68
N GLU D 468 40.22 1.64 -27.30
CA GLU D 468 39.46 1.83 -28.54
C GLU D 468 38.02 2.22 -28.25
N ALA D 469 37.42 2.94 -29.19
CA ALA D 469 36.04 3.38 -29.07
C ALA D 469 35.52 3.70 -30.47
N ALA D 470 34.25 4.09 -30.59
CA ALA D 470 33.69 4.50 -31.88
C ALA D 470 32.68 5.66 -31.76
N TYR D 471 31.41 5.40 -32.07
CA TYR D 471 30.38 6.46 -32.07
C TYR D 471 30.11 7.06 -30.70
N GLY D 472 29.67 8.32 -30.67
CA GLY D 472 29.27 8.96 -29.43
C GLY D 472 28.00 9.80 -29.54
N HIS D 473 26.97 9.46 -28.76
CA HIS D 473 25.69 10.19 -28.71
C HIS D 473 25.48 10.92 -27.37
N THR D 474 25.34 12.24 -27.41
CA THR D 474 25.21 13.03 -26.19
C THR D 474 23.86 13.72 -26.06
N THR D 475 23.25 13.61 -24.89
CA THR D 475 21.97 14.22 -24.58
C THR D 475 22.03 14.86 -23.19
N CYS D 476 21.57 16.10 -23.07
CA CYS D 476 21.54 16.76 -21.77
C CYS D 476 20.14 17.13 -21.36
N PHE D 477 19.93 17.28 -20.06
CA PHE D 477 18.63 17.63 -19.52
C PHE D 477 18.81 18.20 -18.12
N ARG D 478 17.81 18.95 -17.67
CA ARG D 478 17.87 19.58 -16.37
C ARG D 478 16.89 19.00 -15.35
N ASP D 479 17.39 18.66 -14.18
CA ASP D 479 16.56 18.47 -13.00
C ASP D 479 16.12 19.85 -12.49
N THR D 480 14.87 20.22 -12.74
CA THR D 480 14.36 21.55 -12.37
C THR D 480 14.15 21.68 -10.85
N GLY D 481 14.17 20.55 -10.16
CA GLY D 481 14.16 20.57 -8.71
C GLY D 481 15.47 21.11 -8.16
N SER D 482 16.56 20.40 -8.42
CA SER D 482 17.86 20.77 -7.86
C SER D 482 18.56 21.82 -8.72
N VAL D 483 17.90 22.22 -9.80
CA VAL D 483 18.45 23.15 -10.78
C VAL D 483 19.80 22.62 -11.26
N MET D 484 19.80 21.37 -11.67
CA MET D 484 21.02 20.71 -12.11
C MET D 484 20.90 20.20 -13.54
N VAL D 485 21.96 20.40 -14.32
CA VAL D 485 22.05 19.85 -15.65
C VAL D 485 22.86 18.55 -15.65
N TYR D 486 22.27 17.49 -16.18
CA TYR D 486 23.01 16.25 -16.40
C TYR D 486 23.14 16.00 -17.89
N CYS D 487 24.25 15.40 -18.27
CA CYS D 487 24.42 14.97 -19.64
C CYS D 487 24.76 13.49 -19.69
N ILE D 488 24.09 12.78 -20.57
CA ILE D 488 24.43 11.38 -20.78
C ILE D 488 25.27 11.27 -22.05
N TYR D 489 26.34 10.51 -21.95
CA TYR D 489 27.26 10.36 -23.06
C TYR D 489 27.27 8.88 -23.40
N ILE D 490 26.54 8.54 -24.45
CA ILE D 490 26.45 7.16 -24.89
C ILE D 490 27.59 6.85 -25.87
N ILE D 491 28.54 6.03 -25.43
CA ILE D 491 29.76 5.78 -26.21
C ILE D 491 29.98 4.30 -26.50
N GLU D 492 30.30 3.97 -27.74
CA GLU D 492 30.70 2.61 -28.06
C GLU D 492 32.15 2.42 -27.64
N LEU D 493 32.41 1.55 -26.67
CA LEU D 493 33.76 1.24 -26.23
C LEU D 493 34.17 -0.17 -26.65
N SER D 494 35.41 -0.35 -27.05
CA SER D 494 35.89 -1.68 -27.37
C SER D 494 35.97 -2.52 -26.10
N SER D 495 35.44 -3.73 -26.14
CA SER D 495 35.46 -4.57 -24.97
C SER D 495 36.51 -5.66 -25.15
N SER D 496 37.30 -5.88 -24.09
CA SER D 496 38.34 -6.90 -24.13
C SER D 496 37.75 -8.22 -23.66
N LEU D 497 36.65 -8.13 -22.93
CA LEU D 497 36.08 -9.26 -22.20
C LEU D 497 34.87 -9.85 -22.92
N LEU D 498 33.78 -9.10 -22.93
CA LEU D 498 32.53 -9.57 -23.54
C LEU D 498 32.05 -8.64 -24.63
N GLY D 499 31.97 -9.17 -25.85
CA GLY D 499 31.50 -8.38 -26.97
C GLY D 499 32.66 -7.66 -27.61
N GLN D 500 32.50 -7.30 -28.87
CA GLN D 500 33.45 -6.46 -29.57
C GLN D 500 33.37 -5.06 -28.98
N PHE D 501 32.15 -4.67 -28.65
CA PHE D 501 31.85 -3.33 -28.15
C PHE D 501 30.85 -3.40 -27.02
N GLN D 502 31.01 -2.48 -26.10
CA GLN D 502 30.07 -2.33 -25.01
C GLN D 502 29.58 -0.90 -25.09
N ILE D 503 28.31 -0.72 -25.44
CA ILE D 503 27.75 0.62 -25.48
C ILE D 503 27.41 1.09 -24.06
N VAL D 504 28.08 2.13 -23.62
CA VAL D 504 27.93 2.60 -22.25
C VAL D 504 27.30 3.99 -22.20
N PRO D 505 26.29 4.17 -21.34
CA PRO D 505 25.68 5.47 -21.11
C PRO D 505 26.31 6.16 -19.89
N PHE D 506 27.46 6.80 -20.10
CA PHE D 506 28.07 7.59 -19.06
C PHE D 506 27.15 8.74 -18.71
N ILE D 507 27.06 9.02 -17.42
CA ILE D 507 26.26 10.14 -16.99
C ILE D 507 27.05 10.96 -15.99
N ARG D 508 26.96 12.26 -16.15
CA ARG D 508 27.65 13.15 -15.25
C ARG D 508 27.02 14.54 -15.31
N GLN D 509 27.39 15.35 -14.34
CA GLN D 509 26.83 16.67 -14.19
C GLN D 509 27.59 17.72 -15.00
N VAL D 510 26.85 18.64 -15.60
CA VAL D 510 27.47 19.82 -16.16
C VAL D 510 27.24 21.00 -15.22
N THR D 511 28.29 21.39 -14.51
CA THR D 511 28.14 22.31 -13.39
C THR D 511 28.63 23.72 -13.68
N LEU D 512 27.89 24.70 -13.18
CA LEU D 512 28.35 26.09 -13.16
C LEU D 512 29.46 26.22 -12.13
N SER D 513 30.68 26.47 -12.60
CA SER D 513 31.83 26.53 -11.71
C SER D 513 31.94 27.93 -11.07
#